data_1O51
# 
_entry.id   1O51 
# 
_audit_conform.dict_name       mmcif_pdbx.dic 
_audit_conform.dict_version    5.397 
_audit_conform.dict_location   http://mmcif.pdb.org/dictionaries/ascii/mmcif_pdbx.dic 
# 
loop_
_database_2.database_id 
_database_2.database_code 
_database_2.pdbx_database_accession 
_database_2.pdbx_DOI 
PDB   1O51         pdb_00001o51 10.2210/pdb1o51/pdb 
RCSB  RCSB001812   ?            ?                   
WWPDB D_1000001812 ?            ?                   
# 
loop_
_pdbx_audit_revision_history.ordinal 
_pdbx_audit_revision_history.data_content_type 
_pdbx_audit_revision_history.major_revision 
_pdbx_audit_revision_history.minor_revision 
_pdbx_audit_revision_history.revision_date 
1 'Structure model' 1 0 2003-08-19 
2 'Structure model' 1 1 2008-04-26 
3 'Structure model' 1 2 2011-07-13 
4 'Structure model' 1 3 2017-10-04 
5 'Structure model' 1 4 2018-07-18 
6 'Structure model' 1 5 2023-01-25 
7 'Structure model' 1 6 2024-10-16 
# 
_pdbx_audit_revision_details.ordinal             1 
_pdbx_audit_revision_details.revision_ordinal    1 
_pdbx_audit_revision_details.data_content_type   'Structure model' 
_pdbx_audit_revision_details.provider            repository 
_pdbx_audit_revision_details.type                'Initial release' 
_pdbx_audit_revision_details.description         ? 
_pdbx_audit_revision_details.details             ? 
# 
loop_
_pdbx_audit_revision_group.ordinal 
_pdbx_audit_revision_group.revision_ordinal 
_pdbx_audit_revision_group.data_content_type 
_pdbx_audit_revision_group.group 
1  2 'Structure model' 'Version format compliance' 
2  3 'Structure model' Advisory                    
3  3 'Structure model' 'Derived calculations'      
4  3 'Structure model' 'Version format compliance' 
5  4 'Structure model' 'Refinement description'    
6  5 'Structure model' 'Data collection'           
7  5 'Structure model' 'Database references'       
8  5 'Structure model' 'Derived calculations'      
9  6 'Structure model' 'Database references'       
10 6 'Structure model' 'Derived calculations'      
11 7 'Structure model' 'Data collection'           
12 7 'Structure model' 'Structure summary'         
# 
loop_
_pdbx_audit_revision_category.ordinal 
_pdbx_audit_revision_category.revision_ordinal 
_pdbx_audit_revision_category.data_content_type 
_pdbx_audit_revision_category.category 
1  4 'Structure model' software                     
2  5 'Structure model' pdbx_database_related        
3  5 'Structure model' pdbx_struct_special_symmetry 
4  6 'Structure model' database_2                   
5  6 'Structure model' struct_conn                  
6  6 'Structure model' struct_ref_seq_dif           
7  6 'Structure model' struct_site                  
8  7 'Structure model' chem_comp_atom               
9  7 'Structure model' chem_comp_bond               
10 7 'Structure model' pdbx_entry_details           
11 7 'Structure model' pdbx_modification_feature    
# 
loop_
_pdbx_audit_revision_item.ordinal 
_pdbx_audit_revision_item.revision_ordinal 
_pdbx_audit_revision_item.data_content_type 
_pdbx_audit_revision_item.item 
1 4 'Structure model' '_software.name'                      
2 6 'Structure model' '_database_2.pdbx_DOI'                
3 6 'Structure model' '_database_2.pdbx_database_accession' 
4 6 'Structure model' '_struct_conn.pdbx_leaving_atom_flag' 
5 6 'Structure model' '_struct_ref_seq_dif.details'         
6 6 'Structure model' '_struct_site.pdbx_auth_asym_id'      
7 6 'Structure model' '_struct_site.pdbx_auth_comp_id'      
8 6 'Structure model' '_struct_site.pdbx_auth_seq_id'       
# 
_pdbx_database_PDB_obs_spr.id               SPRSDE 
_pdbx_database_PDB_obs_spr.pdb_id           1O51 
_pdbx_database_PDB_obs_spr.replace_pdb_id   1O2C 
_pdbx_database_PDB_obs_spr.date             2003-08-19 
_pdbx_database_PDB_obs_spr.details          ? 
# 
_pdbx_database_status.entry_id                        1O51 
_pdbx_database_status.status_code                     REL 
_pdbx_database_status.deposit_site                    RCSB 
_pdbx_database_status.process_site                    RCSB 
_pdbx_database_status.recvd_initial_deposition_date   2003-08-01 
_pdbx_database_status.status_code_sf                  REL 
_pdbx_database_status.status_code_mr                  ? 
_pdbx_database_status.SG_entry                        Y 
_pdbx_database_status.status_code_cs                  ? 
_pdbx_database_status.pdb_format_compatible           Y 
_pdbx_database_status.methods_development_category    ? 
_pdbx_database_status.status_code_nmr_data            ? 
# 
_pdbx_database_related.db_name        TargetDB 
_pdbx_database_related.db_id          281902 
_pdbx_database_related.details        . 
_pdbx_database_related.content_type   unspecified 
# 
_audit_author.name           'Joint Center for Structural Genomics (JCSG)' 
_audit_author.pdbx_ordinal   1 
# 
_citation.id                        primary 
_citation.title                     
'Crystal structure of a putative PII-like signaling protein (TM0021) from Thermotoga maritima at 2.5 A resolution' 
_citation.journal_abbrev            Proteins 
_citation.journal_volume            54 
_citation.page_first                810 
_citation.page_last                 813 
_citation.year                      2004 
_citation.journal_id_ASTM           PSFGEY 
_citation.country                   US 
_citation.journal_id_ISSN           0887-3585 
_citation.journal_id_CSD            0867 
_citation.book_publisher            ? 
_citation.pdbx_database_id_PubMed   14997579 
_citation.pdbx_database_id_DOI      10.1002/prot.10647 
# 
loop_
_citation_author.citation_id 
_citation_author.name 
_citation_author.ordinal 
_citation_author.identifier_ORCID 
primary 'Schwarzenbacher, R.' 1  ? 
primary 'von Delft, F.'       2  ? 
primary 'Abdubek, P.'         3  ? 
primary 'Ambing, E.'          4  ? 
primary 'Biorac, T.'          5  ? 
primary 'Brinen, L.S.'        6  ? 
primary 'Canaves, J.M.'       7  ? 
primary 'Cambell, J.'         8  ? 
primary 'Chiu, H.J.'          9  ? 
primary 'Dai, X.'             10 ? 
primary 'Deacon, A.M.'        11 ? 
primary 'DiDonato, M.'        12 ? 
primary 'Elsliger, M.A.'      13 ? 
primary 'Eshagi, S.'          14 ? 
primary 'Floyd, R.'           15 ? 
primary 'Godzik, A.'          16 ? 
primary 'Grittini, C.'        17 ? 
primary 'Grzechnik, S.K.'     18 ? 
primary 'Hampton, E.'         19 ? 
primary 'Jaroszewski, L.'     20 ? 
primary 'Karlak, C.'          21 ? 
primary 'Klock, H.E.'         22 ? 
primary 'Koesema, E.'         23 ? 
primary 'Kovarik, J.S.'       24 ? 
primary 'Kreusch, A.'         25 ? 
primary 'Kuhn, P.'            26 ? 
primary 'Lesley, S.A.'        27 ? 
primary 'Levin, I.'           28 ? 
primary 'McMullan, D.'        29 ? 
primary 'McPhillips, T.M.'    30 ? 
primary 'Miller, M.D.'        31 ? 
primary 'Morse, A.'           32 ? 
primary 'Moy, K.'             33 ? 
primary 'Ouyang, J.'          34 ? 
primary 'Page, R.'            35 ? 
primary 'Quijano, K.'         36 ? 
primary 'Robb, A.'            37 ? 
primary 'Spraggon, G.'        38 ? 
primary 'Stevens, R.C.'       39 ? 
primary 'van den Bedem, H.'   40 ? 
primary 'Velasquez, J.'       41 ? 
primary 'Vincent, J.'         42 ? 
primary 'Wang, X.'            43 ? 
primary 'West, B.'            44 ? 
primary 'Wolf, G.'            45 ? 
primary 'Xu, Q.'              46 ? 
primary 'Hodgson, K.O.'       47 ? 
primary 'Wooley, J.'          48 ? 
primary 'Wilson, I.A.'        49 ? 
# 
loop_
_entity.id 
_entity.type 
_entity.src_method 
_entity.pdbx_description 
_entity.formula_weight 
_entity.pdbx_number_of_molecules 
_entity.pdbx_ec 
_entity.pdbx_mutation 
_entity.pdbx_fragment 
_entity.details 
1 polymer     man 'Hypothetical protein TM0021' 13425.157 1  ? ? ? ? 
2 non-polymer syn 'SULFATE ION'                 96.063    2  ? ? ? ? 
3 non-polymer syn "ADENOSINE-5'-DIPHOSPHATE"    427.201   1  ? ? ? ? 
4 water       nat water                         18.015    39 ? ? ? ? 
# 
_entity_poly.entity_id                      1 
_entity_poly.type                           'polypeptide(L)' 
_entity_poly.nstd_linkage                   no 
_entity_poly.nstd_monomer                   yes 
_entity_poly.pdbx_seq_one_letter_code       
;MGSDKIHHHHHH(MSE)KLLKIYLGEKDKHSGKPLFEYLVKRAYELG(MSE)KGVTVYRGI(MSE)GFGHKRHMHRSDFF
SLSPDLPIVLEIVDEEERINLFLKEIDNIDFDGLVFTADVNVVKMG
;
_entity_poly.pdbx_seq_one_letter_code_can   
;MGSDKIHHHHHHMKLLKIYLGEKDKHSGKPLFEYLVKRAYELGMKGVTVYRGIMGFGHKRHMHRSDFFSLSPDLPIVLEI
VDEEERINLFLKEIDNIDFDGLVFTADVNVVKMG
;
_entity_poly.pdbx_strand_id                 A 
_entity_poly.pdbx_target_identifier         281902 
# 
loop_
_pdbx_entity_nonpoly.entity_id 
_pdbx_entity_nonpoly.name 
_pdbx_entity_nonpoly.comp_id 
2 'SULFATE ION'              SO4 
3 "ADENOSINE-5'-DIPHOSPHATE" ADP 
4 water                      HOH 
# 
loop_
_entity_poly_seq.entity_id 
_entity_poly_seq.num 
_entity_poly_seq.mon_id 
_entity_poly_seq.hetero 
1 1   MET n 
1 2   GLY n 
1 3   SER n 
1 4   ASP n 
1 5   LYS n 
1 6   ILE n 
1 7   HIS n 
1 8   HIS n 
1 9   HIS n 
1 10  HIS n 
1 11  HIS n 
1 12  HIS n 
1 13  MSE n 
1 14  LYS n 
1 15  LEU n 
1 16  LEU n 
1 17  LYS n 
1 18  ILE n 
1 19  TYR n 
1 20  LEU n 
1 21  GLY n 
1 22  GLU n 
1 23  LYS n 
1 24  ASP n 
1 25  LYS n 
1 26  HIS n 
1 27  SER n 
1 28  GLY n 
1 29  LYS n 
1 30  PRO n 
1 31  LEU n 
1 32  PHE n 
1 33  GLU n 
1 34  TYR n 
1 35  LEU n 
1 36  VAL n 
1 37  LYS n 
1 38  ARG n 
1 39  ALA n 
1 40  TYR n 
1 41  GLU n 
1 42  LEU n 
1 43  GLY n 
1 44  MSE n 
1 45  LYS n 
1 46  GLY n 
1 47  VAL n 
1 48  THR n 
1 49  VAL n 
1 50  TYR n 
1 51  ARG n 
1 52  GLY n 
1 53  ILE n 
1 54  MSE n 
1 55  GLY n 
1 56  PHE n 
1 57  GLY n 
1 58  HIS n 
1 59  LYS n 
1 60  ARG n 
1 61  HIS n 
1 62  MET n 
1 63  HIS n 
1 64  ARG n 
1 65  SER n 
1 66  ASP n 
1 67  PHE n 
1 68  PHE n 
1 69  SER n 
1 70  LEU n 
1 71  SER n 
1 72  PRO n 
1 73  ASP n 
1 74  LEU n 
1 75  PRO n 
1 76  ILE n 
1 77  VAL n 
1 78  LEU n 
1 79  GLU n 
1 80  ILE n 
1 81  VAL n 
1 82  ASP n 
1 83  GLU n 
1 84  GLU n 
1 85  GLU n 
1 86  ARG n 
1 87  ILE n 
1 88  ASN n 
1 89  LEU n 
1 90  PHE n 
1 91  LEU n 
1 92  LYS n 
1 93  GLU n 
1 94  ILE n 
1 95  ASP n 
1 96  ASN n 
1 97  ILE n 
1 98  ASP n 
1 99  PHE n 
1 100 ASP n 
1 101 GLY n 
1 102 LEU n 
1 103 VAL n 
1 104 PHE n 
1 105 THR n 
1 106 ALA n 
1 107 ASP n 
1 108 VAL n 
1 109 ASN n 
1 110 VAL n 
1 111 VAL n 
1 112 LYS n 
1 113 MET n 
1 114 GLY n 
# 
_entity_src_gen.entity_id                          1 
_entity_src_gen.pdbx_src_id                        1 
_entity_src_gen.pdbx_alt_source_flag               sample 
_entity_src_gen.pdbx_seq_type                      ? 
_entity_src_gen.pdbx_beg_seq_num                   ? 
_entity_src_gen.pdbx_end_seq_num                   ? 
_entity_src_gen.gene_src_common_name               ? 
_entity_src_gen.gene_src_genus                     Thermotoga 
_entity_src_gen.pdbx_gene_src_gene                 TM0021 
_entity_src_gen.gene_src_species                   ? 
_entity_src_gen.gene_src_strain                    ? 
_entity_src_gen.gene_src_tissue                    ? 
_entity_src_gen.gene_src_tissue_fraction           ? 
_entity_src_gen.gene_src_details                   ? 
_entity_src_gen.pdbx_gene_src_fragment             ? 
_entity_src_gen.pdbx_gene_src_scientific_name      'Thermotoga maritima' 
_entity_src_gen.pdbx_gene_src_ncbi_taxonomy_id     2336 
_entity_src_gen.pdbx_gene_src_variant              ? 
_entity_src_gen.pdbx_gene_src_cell_line            ? 
_entity_src_gen.pdbx_gene_src_atcc                 ? 
_entity_src_gen.pdbx_gene_src_organ                ? 
_entity_src_gen.pdbx_gene_src_organelle            ? 
_entity_src_gen.pdbx_gene_src_cell                 ? 
_entity_src_gen.pdbx_gene_src_cellular_location    ? 
_entity_src_gen.host_org_common_name               ? 
_entity_src_gen.pdbx_host_org_scientific_name      'Escherichia coli' 
_entity_src_gen.pdbx_host_org_ncbi_taxonomy_id     562 
_entity_src_gen.host_org_genus                     Escherichia 
_entity_src_gen.pdbx_host_org_gene                 ? 
_entity_src_gen.pdbx_host_org_organ                ? 
_entity_src_gen.host_org_species                   ? 
_entity_src_gen.pdbx_host_org_tissue               ? 
_entity_src_gen.pdbx_host_org_tissue_fraction      ? 
_entity_src_gen.pdbx_host_org_strain               ? 
_entity_src_gen.pdbx_host_org_variant              ? 
_entity_src_gen.pdbx_host_org_cell_line            ? 
_entity_src_gen.pdbx_host_org_atcc                 ? 
_entity_src_gen.pdbx_host_org_culture_collection   ? 
_entity_src_gen.pdbx_host_org_cell                 ? 
_entity_src_gen.pdbx_host_org_organelle            ? 
_entity_src_gen.pdbx_host_org_cellular_location    ? 
_entity_src_gen.pdbx_host_org_vector_type          Plasmid 
_entity_src_gen.pdbx_host_org_vector               ? 
_entity_src_gen.host_org_details                   ? 
_entity_src_gen.expression_system_id               ? 
_entity_src_gen.plasmid_name                       ? 
_entity_src_gen.plasmid_details                    ? 
_entity_src_gen.pdbx_description                   ? 
# 
loop_
_chem_comp.id 
_chem_comp.type 
_chem_comp.mon_nstd_flag 
_chem_comp.name 
_chem_comp.pdbx_synonyms 
_chem_comp.formula 
_chem_comp.formula_weight 
ADP non-polymer         n "ADENOSINE-5'-DIPHOSPHATE" ? 'C10 H15 N5 O10 P2' 427.201 
ALA 'L-peptide linking' y ALANINE                    ? 'C3 H7 N O2'        89.093  
ARG 'L-peptide linking' y ARGININE                   ? 'C6 H15 N4 O2 1'    175.209 
ASN 'L-peptide linking' y ASPARAGINE                 ? 'C4 H8 N2 O3'       132.118 
ASP 'L-peptide linking' y 'ASPARTIC ACID'            ? 'C4 H7 N O4'        133.103 
GLU 'L-peptide linking' y 'GLUTAMIC ACID'            ? 'C5 H9 N O4'        147.129 
GLY 'peptide linking'   y GLYCINE                    ? 'C2 H5 N O2'        75.067  
HIS 'L-peptide linking' y HISTIDINE                  ? 'C6 H10 N3 O2 1'    156.162 
HOH non-polymer         . WATER                      ? 'H2 O'              18.015  
ILE 'L-peptide linking' y ISOLEUCINE                 ? 'C6 H13 N O2'       131.173 
LEU 'L-peptide linking' y LEUCINE                    ? 'C6 H13 N O2'       131.173 
LYS 'L-peptide linking' y LYSINE                     ? 'C6 H15 N2 O2 1'    147.195 
MET 'L-peptide linking' y METHIONINE                 ? 'C5 H11 N O2 S'     149.211 
MSE 'L-peptide linking' n SELENOMETHIONINE           ? 'C5 H11 N O2 Se'    196.106 
PHE 'L-peptide linking' y PHENYLALANINE              ? 'C9 H11 N O2'       165.189 
PRO 'L-peptide linking' y PROLINE                    ? 'C5 H9 N O2'        115.130 
SER 'L-peptide linking' y SERINE                     ? 'C3 H7 N O3'        105.093 
SO4 non-polymer         . 'SULFATE ION'              ? 'O4 S -2'           96.063  
THR 'L-peptide linking' y THREONINE                  ? 'C4 H9 N O3'        119.119 
TYR 'L-peptide linking' y TYROSINE                   ? 'C9 H11 N O3'       181.189 
VAL 'L-peptide linking' y VALINE                     ? 'C5 H11 N O2'       117.146 
# 
loop_
_pdbx_poly_seq_scheme.asym_id 
_pdbx_poly_seq_scheme.entity_id 
_pdbx_poly_seq_scheme.seq_id 
_pdbx_poly_seq_scheme.mon_id 
_pdbx_poly_seq_scheme.ndb_seq_num 
_pdbx_poly_seq_scheme.pdb_seq_num 
_pdbx_poly_seq_scheme.auth_seq_num 
_pdbx_poly_seq_scheme.pdb_mon_id 
_pdbx_poly_seq_scheme.auth_mon_id 
_pdbx_poly_seq_scheme.pdb_strand_id 
_pdbx_poly_seq_scheme.pdb_ins_code 
_pdbx_poly_seq_scheme.hetero 
A 1 1   MET 1   -11 ?   ?   ?   A . n 
A 1 2   GLY 2   -10 ?   ?   ?   A . n 
A 1 3   SER 3   -9  ?   ?   ?   A . n 
A 1 4   ASP 4   -8  ?   ?   ?   A . n 
A 1 5   LYS 5   -7  ?   ?   ?   A . n 
A 1 6   ILE 6   -6  ?   ?   ?   A . n 
A 1 7   HIS 7   -5  ?   ?   ?   A . n 
A 1 8   HIS 8   -4  ?   ?   ?   A . n 
A 1 9   HIS 9   -3  ?   ?   ?   A . n 
A 1 10  HIS 10  -2  ?   ?   ?   A . n 
A 1 11  HIS 11  -1  -1  HIS HIS A . n 
A 1 12  HIS 12  0   0   HIS HIS A . n 
A 1 13  MSE 13  1   1   MSE MSE A . n 
A 1 14  LYS 14  2   2   LYS LYS A . n 
A 1 15  LEU 15  3   3   LEU LEU A . n 
A 1 16  LEU 16  4   4   LEU LEU A . n 
A 1 17  LYS 17  5   5   LYS LYS A . n 
A 1 18  ILE 18  6   6   ILE ILE A . n 
A 1 19  TYR 19  7   7   TYR TYR A . n 
A 1 20  LEU 20  8   8   LEU LEU A . n 
A 1 21  GLY 21  9   9   GLY GLY A . n 
A 1 22  GLU 22  10  10  GLU GLU A . n 
A 1 23  LYS 23  11  11  LYS LYS A . n 
A 1 24  ASP 24  12  12  ASP ASP A . n 
A 1 25  LYS 25  13  13  LYS LYS A . n 
A 1 26  HIS 26  14  14  HIS HIS A . n 
A 1 27  SER 27  15  15  SER SER A . n 
A 1 28  GLY 28  16  16  GLY GLY A . n 
A 1 29  LYS 29  17  17  LYS LYS A . n 
A 1 30  PRO 30  18  18  PRO PRO A . n 
A 1 31  LEU 31  19  19  LEU LEU A . n 
A 1 32  PHE 32  20  20  PHE PHE A . n 
A 1 33  GLU 33  21  21  GLU GLU A . n 
A 1 34  TYR 34  22  22  TYR TYR A . n 
A 1 35  LEU 35  23  23  LEU LEU A . n 
A 1 36  VAL 36  24  24  VAL VAL A . n 
A 1 37  LYS 37  25  25  LYS LYS A . n 
A 1 38  ARG 38  26  26  ARG ARG A . n 
A 1 39  ALA 39  27  27  ALA ALA A . n 
A 1 40  TYR 40  28  28  TYR TYR A . n 
A 1 41  GLU 41  29  29  GLU GLU A . n 
A 1 42  LEU 42  30  30  LEU LEU A . n 
A 1 43  GLY 43  31  31  GLY GLY A . n 
A 1 44  MSE 44  32  32  MSE MSE A . n 
A 1 45  LYS 45  33  33  LYS LYS A . n 
A 1 46  GLY 46  34  34  GLY GLY A . n 
A 1 47  VAL 47  35  35  VAL VAL A . n 
A 1 48  THR 48  36  36  THR THR A . n 
A 1 49  VAL 49  37  37  VAL VAL A . n 
A 1 50  TYR 50  38  38  TYR TYR A . n 
A 1 51  ARG 51  39  39  ARG ARG A . n 
A 1 52  GLY 52  40  40  GLY GLY A . n 
A 1 53  ILE 53  41  41  ILE ILE A . n 
A 1 54  MSE 54  42  42  MSE MSE A . n 
A 1 55  GLY 55  43  43  GLY GLY A . n 
A 1 56  PHE 56  44  44  PHE PHE A . n 
A 1 57  GLY 57  45  45  GLY GLY A . n 
A 1 58  HIS 58  46  46  HIS HIS A . n 
A 1 59  LYS 59  47  ?   ?   ?   A . n 
A 1 60  ARG 60  48  ?   ?   ?   A . n 
A 1 61  HIS 61  49  ?   ?   ?   A . n 
A 1 62  MET 62  50  ?   ?   ?   A . n 
A 1 63  HIS 63  51  ?   ?   ?   A . n 
A 1 64  ARG 64  52  ?   ?   ?   A . n 
A 1 65  SER 65  53  ?   ?   ?   A . n 
A 1 66  ASP 66  54  ?   ?   ?   A . n 
A 1 67  PHE 67  55  ?   ?   ?   A . n 
A 1 68  PHE 68  56  ?   ?   ?   A . n 
A 1 69  SER 69  57  ?   ?   ?   A . n 
A 1 70  LEU 70  58  ?   ?   ?   A . n 
A 1 71  SER 71  59  ?   ?   ?   A . n 
A 1 72  PRO 72  60  60  PRO PRO A . n 
A 1 73  ASP 73  61  61  ASP ASP A . n 
A 1 74  LEU 74  62  62  LEU LEU A . n 
A 1 75  PRO 75  63  63  PRO PRO A . n 
A 1 76  ILE 76  64  64  ILE ILE A . n 
A 1 77  VAL 77  65  65  VAL VAL A . n 
A 1 78  LEU 78  66  66  LEU LEU A . n 
A 1 79  GLU 79  67  67  GLU GLU A . n 
A 1 80  ILE 80  68  68  ILE ILE A . n 
A 1 81  VAL 81  69  69  VAL VAL A . n 
A 1 82  ASP 82  70  70  ASP ASP A . n 
A 1 83  GLU 83  71  71  GLU GLU A . n 
A 1 84  GLU 84  72  72  GLU GLU A . n 
A 1 85  GLU 85  73  73  GLU GLU A . n 
A 1 86  ARG 86  74  74  ARG ARG A . n 
A 1 87  ILE 87  75  75  ILE ILE A . n 
A 1 88  ASN 88  76  76  ASN ASN A . n 
A 1 89  LEU 89  77  77  LEU LEU A . n 
A 1 90  PHE 90  78  78  PHE PHE A . n 
A 1 91  LEU 91  79  79  LEU LEU A . n 
A 1 92  LYS 92  80  80  LYS LYS A . n 
A 1 93  GLU 93  81  81  GLU GLU A . n 
A 1 94  ILE 94  82  82  ILE ILE A . n 
A 1 95  ASP 95  83  83  ASP ASP A . n 
A 1 96  ASN 96  84  84  ASN ASN A . n 
A 1 97  ILE 97  85  85  ILE ILE A . n 
A 1 98  ASP 98  86  86  ASP ASP A . n 
A 1 99  PHE 99  87  87  PHE PHE A . n 
A 1 100 ASP 100 88  88  ASP ASP A . n 
A 1 101 GLY 101 89  89  GLY GLY A . n 
A 1 102 LEU 102 90  90  LEU LEU A . n 
A 1 103 VAL 103 91  91  VAL VAL A . n 
A 1 104 PHE 104 92  92  PHE PHE A . n 
A 1 105 THR 105 93  93  THR THR A . n 
A 1 106 ALA 106 94  94  ALA ALA A . n 
A 1 107 ASP 107 95  95  ASP ASP A . n 
A 1 108 VAL 108 96  96  VAL VAL A . n 
A 1 109 ASN 109 97  97  ASN ASN A . n 
A 1 110 VAL 110 98  98  VAL VAL A . n 
A 1 111 VAL 111 99  99  VAL VAL A . n 
A 1 112 LYS 112 100 100 LYS LYS A . n 
A 1 113 MET 113 101 ?   ?   ?   A . n 
A 1 114 GLY 114 102 ?   ?   ?   A . n 
# 
loop_
_pdbx_nonpoly_scheme.asym_id 
_pdbx_nonpoly_scheme.entity_id 
_pdbx_nonpoly_scheme.mon_id 
_pdbx_nonpoly_scheme.ndb_seq_num 
_pdbx_nonpoly_scheme.pdb_seq_num 
_pdbx_nonpoly_scheme.auth_seq_num 
_pdbx_nonpoly_scheme.pdb_mon_id 
_pdbx_nonpoly_scheme.auth_mon_id 
_pdbx_nonpoly_scheme.pdb_strand_id 
_pdbx_nonpoly_scheme.pdb_ins_code 
B 2 SO4 1  301 301 SO4 SO4 A . 
C 2 SO4 1  302 302 SO4 SO4 A . 
D 3 ADP 1  200 200 ADP ADP A . 
E 4 HOH 1  303 1   HOH HOH A . 
E 4 HOH 2  304 2   HOH HOH A . 
E 4 HOH 3  305 3   HOH HOH A . 
E 4 HOH 4  306 4   HOH HOH A . 
E 4 HOH 5  307 5   HOH HOH A . 
E 4 HOH 6  308 6   HOH HOH A . 
E 4 HOH 7  309 7   HOH HOH A . 
E 4 HOH 8  310 8   HOH HOH A . 
E 4 HOH 9  311 9   HOH HOH A . 
E 4 HOH 10 312 10  HOH HOH A . 
E 4 HOH 11 313 11  HOH HOH A . 
E 4 HOH 12 314 12  HOH HOH A . 
E 4 HOH 13 315 13  HOH HOH A . 
E 4 HOH 14 316 16  HOH HOH A . 
E 4 HOH 15 317 18  HOH HOH A . 
E 4 HOH 16 318 19  HOH HOH A . 
E 4 HOH 17 319 20  HOH HOH A . 
E 4 HOH 18 320 21  HOH HOH A . 
E 4 HOH 19 321 22  HOH HOH A . 
E 4 HOH 20 322 24  HOH HOH A . 
E 4 HOH 21 323 25  HOH HOH A . 
E 4 HOH 22 324 29  HOH HOH A . 
E 4 HOH 23 325 31  HOH HOH A . 
E 4 HOH 24 326 34  HOH HOH A . 
E 4 HOH 25 327 36  HOH HOH A . 
E 4 HOH 26 328 37  HOH HOH A . 
E 4 HOH 27 329 38  HOH HOH A . 
E 4 HOH 28 330 39  HOH HOH A . 
E 4 HOH 29 331 40  HOH HOH A . 
E 4 HOH 30 332 41  HOH HOH A . 
E 4 HOH 31 333 42  HOH HOH A . 
E 4 HOH 32 334 43  HOH HOH A . 
E 4 HOH 33 335 44  HOH HOH A . 
E 4 HOH 34 336 46  HOH HOH A . 
E 4 HOH 35 337 47  HOH HOH A . 
E 4 HOH 36 338 48  HOH HOH A . 
E 4 HOH 37 339 49  HOH HOH A . 
E 4 HOH 38 340 50  HOH HOH A . 
E 4 HOH 39 341 52  HOH HOH A . 
# 
loop_
_pdbx_unobs_or_zero_occ_atoms.id 
_pdbx_unobs_or_zero_occ_atoms.PDB_model_num 
_pdbx_unobs_or_zero_occ_atoms.polymer_flag 
_pdbx_unobs_or_zero_occ_atoms.occupancy_flag 
_pdbx_unobs_or_zero_occ_atoms.auth_asym_id 
_pdbx_unobs_or_zero_occ_atoms.auth_comp_id 
_pdbx_unobs_or_zero_occ_atoms.auth_seq_id 
_pdbx_unobs_or_zero_occ_atoms.PDB_ins_code 
_pdbx_unobs_or_zero_occ_atoms.auth_atom_id 
_pdbx_unobs_or_zero_occ_atoms.label_alt_id 
_pdbx_unobs_or_zero_occ_atoms.label_asym_id 
_pdbx_unobs_or_zero_occ_atoms.label_comp_id 
_pdbx_unobs_or_zero_occ_atoms.label_seq_id 
_pdbx_unobs_or_zero_occ_atoms.label_atom_id 
1  1 Y 1 A LYS 11 ? CE  ? A LYS 23  CE  
2  1 Y 1 A LYS 11 ? NZ  ? A LYS 23  NZ  
3  1 Y 1 A LYS 17 ? NZ  ? A LYS 29  NZ  
4  1 Y 1 A LYS 25 ? CE  ? A LYS 37  CE  
5  1 Y 1 A LYS 25 ? NZ  ? A LYS 37  NZ  
6  1 Y 1 A MSE 32 ? CG  ? A MSE 44  CG  
7  1 Y 1 A MSE 32 ? SE  ? A MSE 44  SE  
8  1 Y 1 A MSE 32 ? CE  ? A MSE 44  CE  
9  1 Y 1 A LYS 80 ? CD  ? A LYS 92  CD  
10 1 Y 1 A LYS 80 ? CE  ? A LYS 92  CE  
11 1 Y 1 A LYS 80 ? NZ  ? A LYS 92  NZ  
12 1 Y 1 A ASN 84 ? CG  ? A ASN 96  CG  
13 1 Y 1 A ASN 84 ? OD1 ? A ASN 96  OD1 
14 1 Y 1 A ASN 84 ? ND2 ? A ASN 96  ND2 
15 1 Y 1 A ASP 86 ? CG  ? A ASP 98  CG  
16 1 Y 1 A ASP 86 ? OD1 ? A ASP 98  OD1 
17 1 Y 1 A ASP 86 ? OD2 ? A ASP 98  OD2 
18 1 Y 1 A ASP 88 ? CG  ? A ASP 100 CG  
19 1 Y 1 A ASP 88 ? OD1 ? A ASP 100 OD1 
20 1 Y 1 A ASP 88 ? OD2 ? A ASP 100 OD2 
# 
loop_
_software.name 
_software.classification 
_software.version 
_software.citation_id 
_software.pdbx_ordinal 
DENZO     'data reduction' .        ? 1 
SCALEPACK 'data scaling'   .        ? 2 
RESOLVE   'model building' .        ? 3 
SOLVE     phasing          .        ? 4 
REFMAC    refinement       5.1.9999 ? 5 
RESOLVE   phasing          .        ? 6 
# 
_cell.entry_id           1O51 
_cell.length_a           100.110 
_cell.length_b           100.110 
_cell.length_c           100.110 
_cell.angle_alpha        90.00 
_cell.angle_beta         90.00 
_cell.angle_gamma        90.00 
_cell.Z_PDB              24 
_cell.pdbx_unique_axis   ? 
_cell.length_a_esd       ? 
_cell.length_b_esd       ? 
_cell.length_c_esd       ? 
_cell.angle_alpha_esd    ? 
_cell.angle_beta_esd     ? 
_cell.angle_gamma_esd    ? 
# 
_symmetry.entry_id                         1O51 
_symmetry.space_group_name_H-M             'P 43 3 2' 
_symmetry.pdbx_full_space_group_name_H-M   ? 
_symmetry.cell_setting                     ? 
_symmetry.Int_Tables_number                212 
_symmetry.space_group_name_Hall            ? 
# 
_exptl.crystals_number   1 
_exptl.method            'X-RAY DIFFRACTION' 
_exptl.entry_id          1O51 
# 
_exptl_crystal.id                    1 
_exptl_crystal.density_meas          ? 
_exptl_crystal.density_Matthews      3.80 
_exptl_crystal.density_percent_sol   67.37 
_exptl_crystal.description           ? 
_exptl_crystal.F_000                 ? 
_exptl_crystal.preparation           ? 
# 
_exptl_crystal_grow.crystal_id      1 
_exptl_crystal_grow.method          ? 
_exptl_crystal_grow.temp            293 
_exptl_crystal_grow.temp_details    ? 
_exptl_crystal_grow.pH              5.60 
_exptl_crystal_grow.pdbx_details    
;2M ammonium sulfate, 0.1M tri-sodium citrate dihydrate pH 5.6, 0.2M potassium sodium tartrate tetrahydrate, VAPOR DIFFUSION,SITTING DROP,NANODROP, temperature 293K, pH 5.60
;
_exptl_crystal_grow.pdbx_pH_range   . 
# 
_diffrn.id                     1 
_diffrn.ambient_temp           100.0 
_diffrn.ambient_temp_details   ? 
_diffrn.crystal_id             1 
# 
_diffrn_detector.diffrn_id              1 
_diffrn_detector.detector               CCD 
_diffrn_detector.type                   APS-1 
_diffrn_detector.pdbx_collection_date   2002-10-27 
_diffrn_detector.details                'WATER COOLED FOCUSING 2ND CRYSTAL, ROSENBAUM-ROCK VERTICAL FOCUSING MIRROR' 
# 
_diffrn_radiation.diffrn_id                        1 
_diffrn_radiation.wavelength_id                    1 
_diffrn_radiation.pdbx_monochromatic_or_laue_m_l   M 
_diffrn_radiation.monochromator                    'ROSENBAUM-ROCK DOUBLE-CRYSTAL MONOCHROMATOR' 
_diffrn_radiation.pdbx_diffrn_protocol             'SINGLE WAVELENGTH' 
_diffrn_radiation.pdbx_scattering_type             x-ray 
# 
loop_
_diffrn_radiation_wavelength.id 
_diffrn_radiation_wavelength.wavelength 
_diffrn_radiation_wavelength.wt 
1 0.97914 1.0 
2 0.97934 1.0 
# 
_diffrn_source.diffrn_id                   1 
_diffrn_source.source                      SYNCHROTRON 
_diffrn_source.type                        'APS BEAMLINE 19-BM' 
_diffrn_source.pdbx_synchrotron_site       APS 
_diffrn_source.pdbx_synchrotron_beamline   19-BM 
_diffrn_source.pdbx_wavelength             ? 
_diffrn_source.pdbx_wavelength_list        '0.97914, 0.97934' 
# 
_reflns.entry_id                     1O51 
_reflns.observed_criterion_sigma_I   ? 
_reflns.observed_criterion_sigma_F   ? 
_reflns.d_resolution_low             50.000 
_reflns.d_resolution_high            2.500 
_reflns.number_obs                   6359 
_reflns.number_all                   ? 
_reflns.percent_possible_obs         100.0 
_reflns.pdbx_Rmerge_I_obs            ? 
_reflns.pdbx_Rsym_value              0.109 
_reflns.pdbx_netI_over_sigmaI        70.0500 
_reflns.B_iso_Wilson_estimate        51.99 
_reflns.pdbx_redundancy              43.830 
_reflns.R_free_details               ? 
_reflns.limit_h_max                  ? 
_reflns.limit_h_min                  ? 
_reflns.limit_k_max                  ? 
_reflns.limit_k_min                  ? 
_reflns.limit_l_max                  ? 
_reflns.limit_l_min                  ? 
_reflns.observed_criterion_F_max     ? 
_reflns.observed_criterion_F_min     ? 
_reflns.pdbx_chi_squared             ? 
_reflns.pdbx_scaling_rejects         ? 
_reflns.pdbx_ordinal                 1 
_reflns.pdbx_diffrn_id               1 
# 
_reflns_shell.d_res_high             2.50 
_reflns_shell.d_res_low              2.59 
_reflns_shell.percent_possible_all   100.0 
_reflns_shell.Rmerge_I_obs           ? 
_reflns_shell.pdbx_Rsym_value        0.588 
_reflns_shell.meanI_over_sigI_obs    10.640 
_reflns_shell.pdbx_redundancy        0.57 
_reflns_shell.percent_possible_obs   ? 
_reflns_shell.number_unique_all      ? 
_reflns_shell.number_measured_all    ? 
_reflns_shell.number_measured_obs    ? 
_reflns_shell.number_unique_obs      ? 
_reflns_shell.pdbx_chi_squared       ? 
_reflns_shell.pdbx_ordinal           1 
_reflns_shell.pdbx_diffrn_id         1 
# 
_refine.entry_id                                 1O51 
_refine.ls_number_reflns_obs                     5544 
_refine.ls_number_reflns_all                     ? 
_refine.pdbx_ls_sigma_I                          ? 
_refine.pdbx_ls_sigma_F                          ? 
_refine.pdbx_data_cutoff_high_absF               ? 
_refine.pdbx_data_cutoff_low_absF                ? 
_refine.pdbx_data_cutoff_high_rms_absF           ? 
_refine.ls_d_res_low                             44.77 
_refine.ls_d_res_high                            2.50 
_refine.ls_percent_reflns_obs                    100.0 
_refine.ls_R_factor_obs                          0.19 
_refine.ls_R_factor_all                          ? 
_refine.ls_R_factor_R_work                       0.184 
_refine.ls_R_factor_R_free                       0.229 
_refine.ls_R_factor_R_free_error                 ? 
_refine.ls_R_factor_R_free_error_details         ? 
_refine.ls_percent_reflns_R_free                 12.400 
_refine.ls_number_reflns_R_free                  787 
_refine.ls_number_parameters                     ? 
_refine.ls_number_restraints                     ? 
_refine.occupancy_min                            ? 
_refine.occupancy_max                            ? 
_refine.correlation_coeff_Fo_to_Fc               0.940 
_refine.correlation_coeff_Fo_to_Fc_free          0.923 
_refine.B_iso_mean                               35.09 
_refine.aniso_B[1][1]                            ? 
_refine.aniso_B[2][2]                            ? 
_refine.aniso_B[3][3]                            ? 
_refine.aniso_B[1][2]                            ? 
_refine.aniso_B[1][3]                            ? 
_refine.aniso_B[2][3]                            ? 
_refine.solvent_model_details                    'BABINET MODEL WITH MASK' 
_refine.solvent_model_param_ksol                 ? 
_refine.solvent_model_param_bsol                 ? 
_refine.pdbx_solvent_vdw_probe_radii             1.40 
_refine.pdbx_solvent_ion_probe_radii             0.80 
_refine.pdbx_solvent_shrinkage_radii             0.80 
_refine.pdbx_ls_cross_valid_method               THROUGHOUT 
_refine.details                                  
;1, PROMINENT DIFFERENCE DENSITY ON THE CRYSTALLOGRAPHIC (AND BIOLOGICAL) THREE-FOLD AXIS WAS INTERPRETED AS TWO SULFATE IONS, EVEN THOUGH BOTH ARE REFINED TO HIGH B-FACTORS.2, THERE IS WEAK AND AMBIGUOUS DENSITY INDICATING THE GENERAL LOCATION OF THE LAST RESIDUE OMITTED IN THE CHAIN BREAK, SER59A.3, HYDROGENS HAVE BEEN ADDED IN THE RIDING POSITIONS
;
_refine.pdbx_starting_model                      ? 
_refine.pdbx_method_to_determine_struct          SAD 
_refine.pdbx_isotropic_thermal_model             ISOTROPIC 
_refine.pdbx_stereochemistry_target_values       'MAXIMUM LIKELIHOOD' 
_refine.pdbx_stereochem_target_val_spec_case     ? 
_refine.pdbx_R_Free_selection_details            RANDOM 
_refine.pdbx_overall_ESU_R                       0.276 
_refine.pdbx_overall_ESU_R_Free                  0.226 
_refine.overall_SU_ML                            0.129 
_refine.overall_SU_B                             11.317 
_refine.ls_redundancy_reflns_obs                 ? 
_refine.B_iso_min                                ? 
_refine.B_iso_max                                ? 
_refine.overall_SU_R_Cruickshank_DPI             ? 
_refine.overall_SU_R_free                        ? 
_refine.ls_wR_factor_R_free                      ? 
_refine.ls_wR_factor_R_work                      ? 
_refine.overall_FOM_free_R_set                   ? 
_refine.overall_FOM_work_R_set                   ? 
_refine.pdbx_refine_id                           'X-RAY DIFFRACTION' 
_refine.pdbx_TLS_residual_ADP_flag               'LIKELY RESIDUAL' 
_refine.pdbx_diffrn_id                           1 
_refine.pdbx_overall_phase_error                 ? 
_refine.pdbx_overall_SU_R_free_Cruickshank_DPI   ? 
_refine.pdbx_overall_SU_R_Blow_DPI               ? 
_refine.pdbx_overall_SU_R_free_Blow_DPI          ? 
# 
_refine_hist.pdbx_refine_id                   'X-RAY DIFFRACTION' 
_refine_hist.cycle_id                         LAST 
_refine_hist.pdbx_number_atoms_protein        703 
_refine_hist.pdbx_number_atoms_nucleic_acid   0 
_refine_hist.pdbx_number_atoms_ligand         37 
_refine_hist.number_atoms_solvent             39 
_refine_hist.number_atoms_total               779 
_refine_hist.d_res_high                       2.50 
_refine_hist.d_res_low                        44.77 
# 
loop_
_refine_ls_restr.type 
_refine_ls_restr.dev_ideal 
_refine_ls_restr.dev_ideal_target 
_refine_ls_restr.weight 
_refine_ls_restr.number 
_refine_ls_restr.pdbx_refine_id 
_refine_ls_restr.pdbx_restraint_function 
r_bond_refined_d         0.018  0.022  ? 761  'X-RAY DIFFRACTION' ? 
r_bond_other_d           0.001  0.020  ? 698  'X-RAY DIFFRACTION' ? 
r_angle_refined_deg      1.784  2.026  ? 1033 'X-RAY DIFFRACTION' ? 
r_angle_other_deg        0.873  3.000  ? 1613 'X-RAY DIFFRACTION' ? 
r_dihedral_angle_1_deg   6.913  5.000  ? 89   'X-RAY DIFFRACTION' ? 
r_dihedral_angle_2_deg   30.257 24.062 ? 32   'X-RAY DIFFRACTION' ? 
r_dihedral_angle_3_deg   17.152 15.000 ? 129  'X-RAY DIFFRACTION' ? 
r_dihedral_angle_4_deg   25.487 15.000 ? 3    'X-RAY DIFFRACTION' ? 
r_chiral_restr           0.092  0.200  ? 115  'X-RAY DIFFRACTION' ? 
r_gen_planes_refined     0.006  0.020  ? 799  'X-RAY DIFFRACTION' ? 
r_gen_planes_other       0.001  0.020  ? 150  'X-RAY DIFFRACTION' ? 
r_nbd_refined            0.241  0.200  ? 113  'X-RAY DIFFRACTION' ? 
r_nbd_other              0.190  0.200  ? 633  'X-RAY DIFFRACTION' ? 
r_nbtor_refined          ?      ?      ? ?    'X-RAY DIFFRACTION' ? 
r_nbtor_other            0.091  0.200  ? 506  'X-RAY DIFFRACTION' ? 
r_xyhbond_nbd_refined    0.200  0.200  ? 24   'X-RAY DIFFRACTION' ? 
r_xyhbond_nbd_other      ?      ?      ? ?    'X-RAY DIFFRACTION' ? 
r_metal_ion_refined      ?      ?      ? ?    'X-RAY DIFFRACTION' ? 
r_metal_ion_other        ?      ?      ? ?    'X-RAY DIFFRACTION' ? 
r_symmetry_vdw_refined   0.178  0.200  ? 14   'X-RAY DIFFRACTION' ? 
r_symmetry_vdw_other     0.222  0.200  ? 41   'X-RAY DIFFRACTION' ? 
r_symmetry_hbond_refined 0.171  0.200  ? 20   'X-RAY DIFFRACTION' ? 
r_symmetry_hbond_other   ?      ?      ? ?    'X-RAY DIFFRACTION' ? 
r_mcbond_it              0.858  1.500  ? 441  'X-RAY DIFFRACTION' ? 
r_mcangle_it             1.685  2.000  ? 708  'X-RAY DIFFRACTION' ? 
r_scbond_it              2.586  3.000  ? 320  'X-RAY DIFFRACTION' ? 
r_scangle_it             4.231  4.500  ? 324  'X-RAY DIFFRACTION' ? 
r_rigid_bond_restr       ?      ?      ? ?    'X-RAY DIFFRACTION' ? 
r_sphericity_free        ?      ?      ? ?    'X-RAY DIFFRACTION' ? 
r_sphericity_bonded      ?      ?      ? ?    'X-RAY DIFFRACTION' ? 
# 
_refine_ls_shell.pdbx_total_number_of_bins_used   20 
_refine_ls_shell.d_res_high                       2.50 
_refine_ls_shell.d_res_low                        2.57 
_refine_ls_shell.number_reflns_R_work             371 
_refine_ls_shell.R_factor_R_work                  0.171 
_refine_ls_shell.percent_reflns_obs               ? 
_refine_ls_shell.R_factor_R_free                  0.247 
_refine_ls_shell.R_factor_R_free_error            ? 
_refine_ls_shell.percent_reflns_R_free            ? 
_refine_ls_shell.number_reflns_R_free             76 
_refine_ls_shell.redundancy_reflns_obs            ? 
_refine_ls_shell.number_reflns_all                ? 
_refine_ls_shell.number_reflns_obs                ? 
_refine_ls_shell.R_factor_all                     ? 
_refine_ls_shell.pdbx_refine_id                   'X-RAY DIFFRACTION' 
# 
_struct.entry_id                  1O51 
_struct.title                     
'Crystal structure of a putative PII-like signaling protein (TM0021) from Thermotoga maritima at 2.50 A resolution' 
_struct.pdbx_model_details        ? 
_struct.pdbx_CASP_flag            ? 
_struct.pdbx_model_type_details   ? 
# 
_struct_keywords.text            
;Ferredoxin-like fold, structural genomics, Joint Center for Structural Genomics, JCSG, Protein Structure Initiative, PSI, signaling protein
;
_struct_keywords.pdbx_keywords   'SIGNALING PROTEIN' 
_struct_keywords.entry_id        1O51 
# 
loop_
_struct_asym.id 
_struct_asym.pdbx_blank_PDB_chainid_flag 
_struct_asym.pdbx_modified 
_struct_asym.entity_id 
_struct_asym.details 
A N N 1 ? 
B N N 2 ? 
C N N 2 ? 
D N N 3 ? 
E N N 4 ? 
# 
_struct_ref.id                         1 
_struct_ref.db_name                    UNP 
_struct_ref.db_code                    Y021_THEMA 
_struct_ref.pdbx_db_accession          Q9WXM9 
_struct_ref.entity_id                  1 
_struct_ref.pdbx_seq_one_letter_code   
;MKLLKIYLGEKDKHSGKPLFEYLVKRAYELGMKGVTVYRGIMGFGHKRHMHRSDFFSLSPDLPIVLEIVDEEERINLFLK
EIDNIDFDGLVFTADVNVVKMG
;
_struct_ref.pdbx_align_begin           1 
_struct_ref.pdbx_db_isoform            ? 
# 
_struct_ref_seq.align_id                      1 
_struct_ref_seq.ref_id                        1 
_struct_ref_seq.pdbx_PDB_id_code              1O51 
_struct_ref_seq.pdbx_strand_id                A 
_struct_ref_seq.seq_align_beg                 13 
_struct_ref_seq.pdbx_seq_align_beg_ins_code   ? 
_struct_ref_seq.seq_align_end                 114 
_struct_ref_seq.pdbx_seq_align_end_ins_code   ? 
_struct_ref_seq.pdbx_db_accession             Q9WXM9 
_struct_ref_seq.db_align_beg                  1 
_struct_ref_seq.pdbx_db_align_beg_ins_code    ? 
_struct_ref_seq.db_align_end                  102 
_struct_ref_seq.pdbx_db_align_end_ins_code    ? 
_struct_ref_seq.pdbx_auth_seq_align_beg       1 
_struct_ref_seq.pdbx_auth_seq_align_end       102 
# 
loop_
_struct_ref_seq_dif.align_id 
_struct_ref_seq_dif.pdbx_pdb_id_code 
_struct_ref_seq_dif.mon_id 
_struct_ref_seq_dif.pdbx_pdb_strand_id 
_struct_ref_seq_dif.seq_num 
_struct_ref_seq_dif.pdbx_pdb_ins_code 
_struct_ref_seq_dif.pdbx_seq_db_name 
_struct_ref_seq_dif.pdbx_seq_db_accession_code 
_struct_ref_seq_dif.db_mon_id 
_struct_ref_seq_dif.pdbx_seq_db_seq_num 
_struct_ref_seq_dif.details 
_struct_ref_seq_dif.pdbx_auth_seq_num 
_struct_ref_seq_dif.pdbx_ordinal 
1 1O51 MET A 1  ? UNP Q9WXM9 ?   ?  'expression tag'   -11 1  
1 1O51 GLY A 2  ? UNP Q9WXM9 ?   ?  'expression tag'   -10 2  
1 1O51 SER A 3  ? UNP Q9WXM9 ?   ?  'expression tag'   -9  3  
1 1O51 ASP A 4  ? UNP Q9WXM9 ?   ?  'expression tag'   -8  4  
1 1O51 LYS A 5  ? UNP Q9WXM9 ?   ?  'expression tag'   -7  5  
1 1O51 ILE A 6  ? UNP Q9WXM9 ?   ?  'expression tag'   -6  6  
1 1O51 HIS A 7  ? UNP Q9WXM9 ?   ?  'expression tag'   -5  7  
1 1O51 HIS A 8  ? UNP Q9WXM9 ?   ?  'expression tag'   -4  8  
1 1O51 HIS A 9  ? UNP Q9WXM9 ?   ?  'expression tag'   -3  9  
1 1O51 HIS A 10 ? UNP Q9WXM9 ?   ?  'expression tag'   -2  10 
1 1O51 HIS A 11 ? UNP Q9WXM9 ?   ?  'expression tag'   -1  11 
1 1O51 HIS A 12 ? UNP Q9WXM9 ?   ?  'expression tag'   0   12 
1 1O51 MSE A 13 ? UNP Q9WXM9 MET 1  'modified residue' 1   13 
1 1O51 MSE A 44 ? UNP Q9WXM9 MET 32 'modified residue' 32  14 
1 1O51 MSE A 54 ? UNP Q9WXM9 MET 42 'modified residue' 42  15 
# 
_pdbx_struct_assembly.id                   1 
_pdbx_struct_assembly.details              author_and_software_defined_assembly 
_pdbx_struct_assembly.method_details       PISA,PQS 
_pdbx_struct_assembly.oligomeric_details   trimeric 
_pdbx_struct_assembly.oligomeric_count     3 
# 
loop_
_pdbx_struct_assembly_prop.biol_id 
_pdbx_struct_assembly_prop.type 
_pdbx_struct_assembly_prop.value 
_pdbx_struct_assembly_prop.details 
1 'ABSA (A^2)' 8630  ? 
1 MORE         -187  ? 
1 'SSA (A^2)'  12380 ? 
# 
_pdbx_struct_assembly_gen.assembly_id       1 
_pdbx_struct_assembly_gen.oper_expression   1,2,3 
_pdbx_struct_assembly_gen.asym_id_list      A,B,C,D,E 
# 
loop_
_pdbx_struct_oper_list.id 
_pdbx_struct_oper_list.type 
_pdbx_struct_oper_list.name 
_pdbx_struct_oper_list.symmetry_operation 
_pdbx_struct_oper_list.matrix[1][1] 
_pdbx_struct_oper_list.matrix[1][2] 
_pdbx_struct_oper_list.matrix[1][3] 
_pdbx_struct_oper_list.vector[1] 
_pdbx_struct_oper_list.matrix[2][1] 
_pdbx_struct_oper_list.matrix[2][2] 
_pdbx_struct_oper_list.matrix[2][3] 
_pdbx_struct_oper_list.vector[2] 
_pdbx_struct_oper_list.matrix[3][1] 
_pdbx_struct_oper_list.matrix[3][2] 
_pdbx_struct_oper_list.matrix[3][3] 
_pdbx_struct_oper_list.vector[3] 
1 'identity operation'         1_555  x,y,z           1.0000000000 0.0000000000 0.0000000000  0.0000000000  0.0000000000 1.0000000000  0.0000000000  0.0000000000  0.0000000000  0.0000000000  1.0000000000  0.0000000000   
2 'crystal symmetry operation' 6_555  z+1/2,-x+1/2,-y 0.7284835244 0.3478087430 0.5902040605  2.0388358981  0.6818121166 -0.2842626512 -0.6740378200 5.5679971580  -0.0666632759 0.8934337264  -0.4442208732 -20.5185134691 
3 'crystal symmetry operation' 12_554 -y+1/2,-z,x-1/2 0.7284835244 0.6818121166 -0.0666632759 -6.6494176128 0.3478087430 -0.2842626512 0.8934337264  19.2055806319 0.5902040605  -0.6740378200 -0.4442208732 -6.5650405296 
# 
_struct_biol.id   1 
# 
loop_
_struct_conf.conf_type_id 
_struct_conf.id 
_struct_conf.pdbx_PDB_helix_id 
_struct_conf.beg_label_comp_id 
_struct_conf.beg_label_asym_id 
_struct_conf.beg_label_seq_id 
_struct_conf.pdbx_beg_PDB_ins_code 
_struct_conf.end_label_comp_id 
_struct_conf.end_label_asym_id 
_struct_conf.end_label_seq_id 
_struct_conf.pdbx_end_PDB_ins_code 
_struct_conf.beg_auth_comp_id 
_struct_conf.beg_auth_asym_id 
_struct_conf.beg_auth_seq_id 
_struct_conf.end_auth_comp_id 
_struct_conf.end_auth_asym_id 
_struct_conf.end_auth_seq_id 
_struct_conf.pdbx_PDB_helix_class 
_struct_conf.details 
_struct_conf.pdbx_PDB_helix_length 
HELX_P HELX_P1 1 LEU A 31 ? LEU A 42 ? LEU A 19 LEU A 30 1 ? 12 
HELX_P HELX_P2 2 GLU A 83 ? ASN A 96 ? GLU A 71 ASN A 84 1 ? 14 
# 
_struct_conf_type.id          HELX_P 
_struct_conf_type.criteria    ? 
_struct_conf_type.reference   ? 
# 
loop_
_struct_conn.id 
_struct_conn.conn_type_id 
_struct_conn.pdbx_leaving_atom_flag 
_struct_conn.pdbx_PDB_id 
_struct_conn.ptnr1_label_asym_id 
_struct_conn.ptnr1_label_comp_id 
_struct_conn.ptnr1_label_seq_id 
_struct_conn.ptnr1_label_atom_id 
_struct_conn.pdbx_ptnr1_label_alt_id 
_struct_conn.pdbx_ptnr1_PDB_ins_code 
_struct_conn.pdbx_ptnr1_standard_comp_id 
_struct_conn.ptnr1_symmetry 
_struct_conn.ptnr2_label_asym_id 
_struct_conn.ptnr2_label_comp_id 
_struct_conn.ptnr2_label_seq_id 
_struct_conn.ptnr2_label_atom_id 
_struct_conn.pdbx_ptnr2_label_alt_id 
_struct_conn.pdbx_ptnr2_PDB_ins_code 
_struct_conn.ptnr1_auth_asym_id 
_struct_conn.ptnr1_auth_comp_id 
_struct_conn.ptnr1_auth_seq_id 
_struct_conn.ptnr2_auth_asym_id 
_struct_conn.ptnr2_auth_comp_id 
_struct_conn.ptnr2_auth_seq_id 
_struct_conn.ptnr2_symmetry 
_struct_conn.pdbx_ptnr3_label_atom_id 
_struct_conn.pdbx_ptnr3_label_seq_id 
_struct_conn.pdbx_ptnr3_label_comp_id 
_struct_conn.pdbx_ptnr3_label_asym_id 
_struct_conn.pdbx_ptnr3_label_alt_id 
_struct_conn.pdbx_ptnr3_PDB_ins_code 
_struct_conn.details 
_struct_conn.pdbx_dist_value 
_struct_conn.pdbx_value_order 
_struct_conn.pdbx_role 
covale1 covale both ? A HIS 12 C ? ? ? 1_555 A MSE 13 N ? ? A HIS 0  A MSE 1  1_555 ? ? ? ? ? ? ? 1.325 ? ? 
covale2 covale both ? A MSE 13 C ? ? ? 1_555 A LYS 14 N ? ? A MSE 1  A LYS 2  1_555 ? ? ? ? ? ? ? 1.328 ? ? 
covale3 covale both ? A GLY 43 C ? ? ? 1_555 A MSE 44 N ? ? A GLY 31 A MSE 32 1_555 ? ? ? ? ? ? ? 1.343 ? ? 
covale4 covale both ? A MSE 44 C ? ? ? 1_555 A LYS 45 N ? ? A MSE 32 A LYS 33 1_555 ? ? ? ? ? ? ? 1.324 ? ? 
covale5 covale both ? A ILE 53 C ? ? ? 1_555 A MSE 54 N ? ? A ILE 41 A MSE 42 1_555 ? ? ? ? ? ? ? 1.326 ? ? 
covale6 covale both ? A MSE 54 C ? ? ? 1_555 A GLY 55 N ? ? A MSE 42 A GLY 43 1_555 ? ? ? ? ? ? ? 1.320 ? ? 
# 
_struct_conn_type.id          covale 
_struct_conn_type.criteria    ? 
_struct_conn_type.reference   ? 
# 
loop_
_pdbx_modification_feature.ordinal 
_pdbx_modification_feature.label_comp_id 
_pdbx_modification_feature.label_asym_id 
_pdbx_modification_feature.label_seq_id 
_pdbx_modification_feature.label_alt_id 
_pdbx_modification_feature.modified_residue_label_comp_id 
_pdbx_modification_feature.modified_residue_label_asym_id 
_pdbx_modification_feature.modified_residue_label_seq_id 
_pdbx_modification_feature.modified_residue_label_alt_id 
_pdbx_modification_feature.auth_comp_id 
_pdbx_modification_feature.auth_asym_id 
_pdbx_modification_feature.auth_seq_id 
_pdbx_modification_feature.PDB_ins_code 
_pdbx_modification_feature.symmetry 
_pdbx_modification_feature.modified_residue_auth_comp_id 
_pdbx_modification_feature.modified_residue_auth_asym_id 
_pdbx_modification_feature.modified_residue_auth_seq_id 
_pdbx_modification_feature.modified_residue_PDB_ins_code 
_pdbx_modification_feature.modified_residue_symmetry 
_pdbx_modification_feature.comp_id_linking_atom 
_pdbx_modification_feature.modified_residue_id_linking_atom 
_pdbx_modification_feature.modified_residue_id 
_pdbx_modification_feature.ref_pcm_id 
_pdbx_modification_feature.ref_comp_id 
_pdbx_modification_feature.type 
_pdbx_modification_feature.category 
1 MSE A 13 ? . . . . MSE A 1  ? 1_555 . . . . . . . MET 1 MSE Selenomethionine 'Named protein modification' 
2 MSE A 44 ? . . . . MSE A 32 ? 1_555 . . . . . . . MET 1 MSE Selenomethionine 'Named protein modification' 
3 MSE A 54 ? . . . . MSE A 42 ? 1_555 . . . . . . . MET 1 MSE Selenomethionine 'Named protein modification' 
# 
loop_
_struct_sheet.id 
_struct_sheet.type 
_struct_sheet.number_strands 
_struct_sheet.details 
A ? 4 ? 
B ? 2 ? 
# 
loop_
_struct_sheet_order.sheet_id 
_struct_sheet_order.range_id_1 
_struct_sheet_order.range_id_2 
_struct_sheet_order.offset 
_struct_sheet_order.sense 
A 1 2 ? anti-parallel 
A 2 3 ? anti-parallel 
A 3 4 ? anti-parallel 
B 1 2 ? anti-parallel 
# 
loop_
_struct_sheet_range.sheet_id 
_struct_sheet_range.id 
_struct_sheet_range.beg_label_comp_id 
_struct_sheet_range.beg_label_asym_id 
_struct_sheet_range.beg_label_seq_id 
_struct_sheet_range.pdbx_beg_PDB_ins_code 
_struct_sheet_range.end_label_comp_id 
_struct_sheet_range.end_label_asym_id 
_struct_sheet_range.end_label_seq_id 
_struct_sheet_range.pdbx_end_PDB_ins_code 
_struct_sheet_range.beg_auth_comp_id 
_struct_sheet_range.beg_auth_asym_id 
_struct_sheet_range.beg_auth_seq_id 
_struct_sheet_range.end_auth_comp_id 
_struct_sheet_range.end_auth_asym_id 
_struct_sheet_range.end_auth_seq_id 
A 1 THR A 48  ? ARG A 51  ? THR A 36 ARG A 39 
A 2 PRO A 75  ? ASP A 82  ? PRO A 63 ASP A 70 
A 3 HIS A 12  ? GLY A 21  ? HIS A 0  GLY A 9  
A 4 LEU A 102 ? ASN A 109 ? LEU A 90 ASN A 97 
B 1 LYS A 25  ? HIS A 26  ? LYS A 13 HIS A 14 
B 2 LYS A 29  ? PRO A 30  ? LYS A 17 PRO A 18 
# 
loop_
_pdbx_struct_sheet_hbond.sheet_id 
_pdbx_struct_sheet_hbond.range_id_1 
_pdbx_struct_sheet_hbond.range_id_2 
_pdbx_struct_sheet_hbond.range_1_label_atom_id 
_pdbx_struct_sheet_hbond.range_1_label_comp_id 
_pdbx_struct_sheet_hbond.range_1_label_asym_id 
_pdbx_struct_sheet_hbond.range_1_label_seq_id 
_pdbx_struct_sheet_hbond.range_1_PDB_ins_code 
_pdbx_struct_sheet_hbond.range_1_auth_atom_id 
_pdbx_struct_sheet_hbond.range_1_auth_comp_id 
_pdbx_struct_sheet_hbond.range_1_auth_asym_id 
_pdbx_struct_sheet_hbond.range_1_auth_seq_id 
_pdbx_struct_sheet_hbond.range_2_label_atom_id 
_pdbx_struct_sheet_hbond.range_2_label_comp_id 
_pdbx_struct_sheet_hbond.range_2_label_asym_id 
_pdbx_struct_sheet_hbond.range_2_label_seq_id 
_pdbx_struct_sheet_hbond.range_2_PDB_ins_code 
_pdbx_struct_sheet_hbond.range_2_auth_atom_id 
_pdbx_struct_sheet_hbond.range_2_auth_comp_id 
_pdbx_struct_sheet_hbond.range_2_auth_asym_id 
_pdbx_struct_sheet_hbond.range_2_auth_seq_id 
A 1 2 N TYR A 50 ? N TYR A 38 O VAL A 77  ? O VAL A 65 
A 2 3 O ILE A 80 ? O ILE A 68 N LEU A 16  ? N LEU A 4  
A 3 4 N LYS A 17 ? N LYS A 5  O PHE A 104 ? O PHE A 92 
B 1 2 N HIS A 26 ? N HIS A 14 O LYS A 29  ? O LYS A 17 
# 
loop_
_struct_site.id 
_struct_site.pdbx_evidence_code 
_struct_site.pdbx_auth_asym_id 
_struct_site.pdbx_auth_comp_id 
_struct_site.pdbx_auth_seq_id 
_struct_site.pdbx_auth_ins_code 
_struct_site.pdbx_num_residues 
_struct_site.details 
AC1 Software A SO4 301 ? 11 'BINDING SITE FOR RESIDUE SO4 A 301' 
AC2 Software A SO4 302 ? 14 'BINDING SITE FOR RESIDUE SO4 A 302' 
AC3 Software A ADP 200 ? 18 'BINDING SITE FOR RESIDUE ADP A 200' 
# 
loop_
_struct_site_gen.id 
_struct_site_gen.site_id 
_struct_site_gen.pdbx_num_res 
_struct_site_gen.label_comp_id 
_struct_site_gen.label_asym_id 
_struct_site_gen.label_seq_id 
_struct_site_gen.pdbx_auth_ins_code 
_struct_site_gen.auth_comp_id 
_struct_site_gen.auth_asym_id 
_struct_site_gen.auth_seq_id 
_struct_site_gen.label_atom_id 
_struct_site_gen.label_alt_id 
_struct_site_gen.symmetry 
_struct_site_gen.details 
1  AC1 11 LYS A 17  ? LYS A 5   . ? 6_555  ? 
2  AC1 11 LYS A 17  ? LYS A 5   . ? 1_555  ? 
3  AC1 11 LYS A 17  ? LYS A 5   . ? 12_554 ? 
4  AC1 11 TYR A 50  ? TYR A 38  . ? 1_555  ? 
5  AC1 11 TYR A 50  ? TYR A 38  . ? 12_554 ? 
6  AC1 11 GLU A 79  ? GLU A 67  . ? 12_554 ? 
7  AC1 11 GLU A 79  ? GLU A 67  . ? 6_555  ? 
8  AC1 11 GLU A 79  ? GLU A 67  . ? 1_555  ? 
9  AC1 11 SO4 C .   ? SO4 A 302 . ? 6_555  ? 
10 AC1 11 SO4 C .   ? SO4 A 302 . ? 12_554 ? 
11 AC1 11 SO4 C .   ? SO4 A 302 . ? 1_555  ? 
12 AC2 14 LEU A 15  ? LEU A 3   . ? 12_554 ? 
13 AC2 14 LEU A 15  ? LEU A 3   . ? 6_555  ? 
14 AC2 14 LYS A 17  ? LYS A 5   . ? 1_555  ? 
15 AC2 14 LYS A 17  ? LYS A 5   . ? 12_554 ? 
16 AC2 14 LYS A 17  ? LYS A 5   . ? 6_555  ? 
17 AC2 14 GLU A 79  ? GLU A 67  . ? 6_555  ? 
18 AC2 14 GLU A 79  ? GLU A 67  . ? 12_554 ? 
19 AC2 14 PHE A 104 ? PHE A 92  . ? 12_554 ? 
20 AC2 14 SO4 B .   ? SO4 A 301 . ? 12_554 ? 
21 AC2 14 SO4 B .   ? SO4 A 301 . ? 6_555  ? 
22 AC2 14 SO4 B .   ? SO4 A 301 . ? 1_555  ? 
23 AC2 14 HOH E .   ? HOH A 341 . ? 6_555  ? 
24 AC2 14 HOH E .   ? HOH A 341 . ? 1_555  ? 
25 AC2 14 HOH E .   ? HOH A 341 . ? 12_554 ? 
26 AC3 18 TYR A 19  ? TYR A 7   . ? 1_555  ? 
27 AC3 18 GLY A 46  ? GLY A 34  . ? 12_554 ? 
28 AC3 18 VAL A 47  ? VAL A 35  . ? 12_554 ? 
29 AC3 18 THR A 48  ? THR A 36  . ? 12_554 ? 
30 AC3 18 GLY A 55  ? GLY A 43  . ? 1_555  ? 
31 AC3 18 PHE A 56  ? PHE A 44  . ? 1_555  ? 
32 AC3 18 GLY A 57  ? GLY A 45  . ? 1_555  ? 
33 AC3 18 HIS A 58  ? HIS A 46  . ? 1_555  ? 
34 AC3 18 PRO A 75  ? PRO A 63  . ? 1_555  ? 
35 AC3 18 GLU A 79  ? GLU A 67  . ? 12_554 ? 
36 AC3 18 VAL A 81  ? VAL A 69  . ? 12_554 ? 
37 AC3 18 ASP A 100 ? ASP A 88  . ? 1_555  ? 
38 AC3 18 GLY A 101 ? GLY A 89  . ? 1_555  ? 
39 AC3 18 HOH E .   ? HOH A 311 . ? 12_554 ? 
40 AC3 18 HOH E .   ? HOH A 319 . ? 1_555  ? 
41 AC3 18 HOH E .   ? HOH A 336 . ? 1_555  ? 
42 AC3 18 HOH E .   ? HOH A 337 . ? 1_555  ? 
43 AC3 18 HOH E .   ? HOH A 339 . ? 1_555  ? 
# 
_pdbx_entry_details.entry_id                   1O51 
_pdbx_entry_details.compound_details           ? 
_pdbx_entry_details.source_details             ? 
_pdbx_entry_details.nonpolymer_details         ? 
_pdbx_entry_details.sequence_details           ? 
_pdbx_entry_details.has_ligand_of_interest     ? 
_pdbx_entry_details.has_protein_modification   Y 
# 
_pdbx_validate_rmsd_angle.id                         1 
_pdbx_validate_rmsd_angle.PDB_model_num              1 
_pdbx_validate_rmsd_angle.auth_atom_id_1             CB 
_pdbx_validate_rmsd_angle.auth_asym_id_1             A 
_pdbx_validate_rmsd_angle.auth_comp_id_1             ASP 
_pdbx_validate_rmsd_angle.auth_seq_id_1              12 
_pdbx_validate_rmsd_angle.PDB_ins_code_1             ? 
_pdbx_validate_rmsd_angle.label_alt_id_1             ? 
_pdbx_validate_rmsd_angle.auth_atom_id_2             CG 
_pdbx_validate_rmsd_angle.auth_asym_id_2             A 
_pdbx_validate_rmsd_angle.auth_comp_id_2             ASP 
_pdbx_validate_rmsd_angle.auth_seq_id_2              12 
_pdbx_validate_rmsd_angle.PDB_ins_code_2             ? 
_pdbx_validate_rmsd_angle.label_alt_id_2             ? 
_pdbx_validate_rmsd_angle.auth_atom_id_3             OD2 
_pdbx_validate_rmsd_angle.auth_asym_id_3             A 
_pdbx_validate_rmsd_angle.auth_comp_id_3             ASP 
_pdbx_validate_rmsd_angle.auth_seq_id_3              12 
_pdbx_validate_rmsd_angle.PDB_ins_code_3             ? 
_pdbx_validate_rmsd_angle.label_alt_id_3             ? 
_pdbx_validate_rmsd_angle.angle_value                126.01 
_pdbx_validate_rmsd_angle.angle_target_value         118.30 
_pdbx_validate_rmsd_angle.angle_deviation            7.71 
_pdbx_validate_rmsd_angle.angle_standard_deviation   0.90 
_pdbx_validate_rmsd_angle.linker_flag                N 
# 
_pdbx_validate_torsion.id              1 
_pdbx_validate_torsion.PDB_model_num   1 
_pdbx_validate_torsion.auth_comp_id    ASP 
_pdbx_validate_torsion.auth_asym_id    A 
_pdbx_validate_torsion.auth_seq_id     88 
_pdbx_validate_torsion.PDB_ins_code    ? 
_pdbx_validate_torsion.label_alt_id    ? 
_pdbx_validate_torsion.phi             -88.09 
_pdbx_validate_torsion.psi             -100.19 
# 
_pdbx_SG_project.id                    1 
_pdbx_SG_project.project_name          'PSI, Protein Structure Initiative' 
_pdbx_SG_project.full_name_of_center   'Joint Center for Structural Genomics' 
_pdbx_SG_project.initial_of_center     JCSG 
# 
loop_
_pdbx_struct_mod_residue.id 
_pdbx_struct_mod_residue.label_asym_id 
_pdbx_struct_mod_residue.label_comp_id 
_pdbx_struct_mod_residue.label_seq_id 
_pdbx_struct_mod_residue.auth_asym_id 
_pdbx_struct_mod_residue.auth_comp_id 
_pdbx_struct_mod_residue.auth_seq_id 
_pdbx_struct_mod_residue.PDB_ins_code 
_pdbx_struct_mod_residue.parent_comp_id 
_pdbx_struct_mod_residue.details 
1 A MSE 13 A MSE 1  ? MET SELENOMETHIONINE 
2 A MSE 44 A MSE 32 ? MET SELENOMETHIONINE 
3 A MSE 54 A MSE 42 ? MET SELENOMETHIONINE 
# 
loop_
_pdbx_struct_special_symmetry.id 
_pdbx_struct_special_symmetry.PDB_model_num 
_pdbx_struct_special_symmetry.auth_asym_id 
_pdbx_struct_special_symmetry.auth_comp_id 
_pdbx_struct_special_symmetry.auth_seq_id 
_pdbx_struct_special_symmetry.PDB_ins_code 
_pdbx_struct_special_symmetry.label_asym_id 
_pdbx_struct_special_symmetry.label_comp_id 
_pdbx_struct_special_symmetry.label_seq_id 
1 1 A SO4 302 ? C SO4 . 
2 1 A HOH 304 ? E HOH . 
3 1 A HOH 328 ? E HOH . 
# 
_pdbx_refine_tls.id               1 
_pdbx_refine_tls.details          ? 
_pdbx_refine_tls.method           refined 
_pdbx_refine_tls.origin_x         0.1983 
_pdbx_refine_tls.origin_y         0.3118 
_pdbx_refine_tls.origin_z         -0.2472 
_pdbx_refine_tls.T[1][1]          -0.1183 
_pdbx_refine_tls.T[2][2]          -0.1192 
_pdbx_refine_tls.T[3][3]          -0.1682 
_pdbx_refine_tls.T[1][2]          0.0456 
_pdbx_refine_tls.T[1][3]          -0.0064 
_pdbx_refine_tls.T[2][3]          0.1064 
_pdbx_refine_tls.L[1][1]          6.1579 
_pdbx_refine_tls.L[2][2]          6.0284 
_pdbx_refine_tls.L[3][3]          2.1130 
_pdbx_refine_tls.L[1][2]          1.9074 
_pdbx_refine_tls.L[1][3]          0.0483 
_pdbx_refine_tls.L[2][3]          0.3771 
_pdbx_refine_tls.S[1][1]          0.0248 
_pdbx_refine_tls.S[1][2]          -0.7977 
_pdbx_refine_tls.S[1][3]          -0.5124 
_pdbx_refine_tls.S[2][1]          0.5578 
_pdbx_refine_tls.S[2][2]          -0.1139 
_pdbx_refine_tls.S[2][3]          -0.2599 
_pdbx_refine_tls.S[3][1]          0.1041 
_pdbx_refine_tls.S[3][2]          0.0307 
_pdbx_refine_tls.S[3][3]          0.0891 
_pdbx_refine_tls.pdbx_refine_id   'X-RAY DIFFRACTION' 
# 
_pdbx_refine_tls_group.id                  1 
_pdbx_refine_tls_group.refine_tls_id       1 
_pdbx_refine_tls_group.beg_label_asym_id   A 
_pdbx_refine_tls_group.beg_label_seq_id    11 
_pdbx_refine_tls_group.beg_auth_seq_id     -1 
_pdbx_refine_tls_group.end_label_asym_id   A 
_pdbx_refine_tls_group.end_label_seq_id    112 
_pdbx_refine_tls_group.end_auth_seq_id     100 
_pdbx_refine_tls_group.selection           ? 
_pdbx_refine_tls_group.beg_auth_asym_id    A 
_pdbx_refine_tls_group.end_auth_asym_id    A 
_pdbx_refine_tls_group.pdbx_refine_id      'X-RAY DIFFRACTION' 
_pdbx_refine_tls_group.selection_details   ? 
# 
loop_
_pdbx_unobs_or_zero_occ_residues.id 
_pdbx_unobs_or_zero_occ_residues.PDB_model_num 
_pdbx_unobs_or_zero_occ_residues.polymer_flag 
_pdbx_unobs_or_zero_occ_residues.occupancy_flag 
_pdbx_unobs_or_zero_occ_residues.auth_asym_id 
_pdbx_unobs_or_zero_occ_residues.auth_comp_id 
_pdbx_unobs_or_zero_occ_residues.auth_seq_id 
_pdbx_unobs_or_zero_occ_residues.PDB_ins_code 
_pdbx_unobs_or_zero_occ_residues.label_asym_id 
_pdbx_unobs_or_zero_occ_residues.label_comp_id 
_pdbx_unobs_or_zero_occ_residues.label_seq_id 
1  1 Y 1 A MET -11 ? A MET 1   
2  1 Y 1 A GLY -10 ? A GLY 2   
3  1 Y 1 A SER -9  ? A SER 3   
4  1 Y 1 A ASP -8  ? A ASP 4   
5  1 Y 1 A LYS -7  ? A LYS 5   
6  1 Y 1 A ILE -6  ? A ILE 6   
7  1 Y 1 A HIS -5  ? A HIS 7   
8  1 Y 1 A HIS -4  ? A HIS 8   
9  1 Y 1 A HIS -3  ? A HIS 9   
10 1 Y 1 A HIS -2  ? A HIS 10  
11 1 Y 1 A LYS 47  ? A LYS 59  
12 1 Y 1 A ARG 48  ? A ARG 60  
13 1 Y 1 A HIS 49  ? A HIS 61  
14 1 Y 1 A MET 50  ? A MET 62  
15 1 Y 1 A HIS 51  ? A HIS 63  
16 1 Y 1 A ARG 52  ? A ARG 64  
17 1 Y 1 A SER 53  ? A SER 65  
18 1 Y 1 A ASP 54  ? A ASP 66  
19 1 Y 1 A PHE 55  ? A PHE 67  
20 1 Y 1 A PHE 56  ? A PHE 68  
21 1 Y 1 A SER 57  ? A SER 69  
22 1 Y 1 A LEU 58  ? A LEU 70  
23 1 Y 1 A SER 59  ? A SER 71  
24 1 Y 1 A MET 101 ? A MET 113 
25 1 Y 1 A GLY 102 ? A GLY 114 
# 
loop_
_chem_comp_atom.comp_id 
_chem_comp_atom.atom_id 
_chem_comp_atom.type_symbol 
_chem_comp_atom.pdbx_aromatic_flag 
_chem_comp_atom.pdbx_stereo_config 
_chem_comp_atom.pdbx_ordinal 
ADP PB     P  N N 1   
ADP O1B    O  N N 2   
ADP O2B    O  N N 3   
ADP O3B    O  N N 4   
ADP PA     P  N S 5   
ADP O1A    O  N N 6   
ADP O2A    O  N N 7   
ADP O3A    O  N N 8   
ADP "O5'"  O  N N 9   
ADP "C5'"  C  N N 10  
ADP "C4'"  C  N R 11  
ADP "O4'"  O  N N 12  
ADP "C3'"  C  N S 13  
ADP "O3'"  O  N N 14  
ADP "C2'"  C  N R 15  
ADP "O2'"  O  N N 16  
ADP "C1'"  C  N R 17  
ADP N9     N  Y N 18  
ADP C8     C  Y N 19  
ADP N7     N  Y N 20  
ADP C5     C  Y N 21  
ADP C6     C  Y N 22  
ADP N6     N  N N 23  
ADP N1     N  Y N 24  
ADP C2     C  Y N 25  
ADP N3     N  Y N 26  
ADP C4     C  Y N 27  
ADP HOB2   H  N N 28  
ADP HOB3   H  N N 29  
ADP HOA2   H  N N 30  
ADP "H5'1" H  N N 31  
ADP "H5'2" H  N N 32  
ADP "H4'"  H  N N 33  
ADP "H3'"  H  N N 34  
ADP "HO3'" H  N N 35  
ADP "H2'"  H  N N 36  
ADP "HO2'" H  N N 37  
ADP "H1'"  H  N N 38  
ADP H8     H  N N 39  
ADP HN61   H  N N 40  
ADP HN62   H  N N 41  
ADP H2     H  N N 42  
ALA N      N  N N 43  
ALA CA     C  N S 44  
ALA C      C  N N 45  
ALA O      O  N N 46  
ALA CB     C  N N 47  
ALA OXT    O  N N 48  
ALA H      H  N N 49  
ALA H2     H  N N 50  
ALA HA     H  N N 51  
ALA HB1    H  N N 52  
ALA HB2    H  N N 53  
ALA HB3    H  N N 54  
ALA HXT    H  N N 55  
ARG N      N  N N 56  
ARG CA     C  N S 57  
ARG C      C  N N 58  
ARG O      O  N N 59  
ARG CB     C  N N 60  
ARG CG     C  N N 61  
ARG CD     C  N N 62  
ARG NE     N  N N 63  
ARG CZ     C  N N 64  
ARG NH1    N  N N 65  
ARG NH2    N  N N 66  
ARG OXT    O  N N 67  
ARG H      H  N N 68  
ARG H2     H  N N 69  
ARG HA     H  N N 70  
ARG HB2    H  N N 71  
ARG HB3    H  N N 72  
ARG HG2    H  N N 73  
ARG HG3    H  N N 74  
ARG HD2    H  N N 75  
ARG HD3    H  N N 76  
ARG HE     H  N N 77  
ARG HH11   H  N N 78  
ARG HH12   H  N N 79  
ARG HH21   H  N N 80  
ARG HH22   H  N N 81  
ARG HXT    H  N N 82  
ASN N      N  N N 83  
ASN CA     C  N S 84  
ASN C      C  N N 85  
ASN O      O  N N 86  
ASN CB     C  N N 87  
ASN CG     C  N N 88  
ASN OD1    O  N N 89  
ASN ND2    N  N N 90  
ASN OXT    O  N N 91  
ASN H      H  N N 92  
ASN H2     H  N N 93  
ASN HA     H  N N 94  
ASN HB2    H  N N 95  
ASN HB3    H  N N 96  
ASN HD21   H  N N 97  
ASN HD22   H  N N 98  
ASN HXT    H  N N 99  
ASP N      N  N N 100 
ASP CA     C  N S 101 
ASP C      C  N N 102 
ASP O      O  N N 103 
ASP CB     C  N N 104 
ASP CG     C  N N 105 
ASP OD1    O  N N 106 
ASP OD2    O  N N 107 
ASP OXT    O  N N 108 
ASP H      H  N N 109 
ASP H2     H  N N 110 
ASP HA     H  N N 111 
ASP HB2    H  N N 112 
ASP HB3    H  N N 113 
ASP HD2    H  N N 114 
ASP HXT    H  N N 115 
GLU N      N  N N 116 
GLU CA     C  N S 117 
GLU C      C  N N 118 
GLU O      O  N N 119 
GLU CB     C  N N 120 
GLU CG     C  N N 121 
GLU CD     C  N N 122 
GLU OE1    O  N N 123 
GLU OE2    O  N N 124 
GLU OXT    O  N N 125 
GLU H      H  N N 126 
GLU H2     H  N N 127 
GLU HA     H  N N 128 
GLU HB2    H  N N 129 
GLU HB3    H  N N 130 
GLU HG2    H  N N 131 
GLU HG3    H  N N 132 
GLU HE2    H  N N 133 
GLU HXT    H  N N 134 
GLY N      N  N N 135 
GLY CA     C  N N 136 
GLY C      C  N N 137 
GLY O      O  N N 138 
GLY OXT    O  N N 139 
GLY H      H  N N 140 
GLY H2     H  N N 141 
GLY HA2    H  N N 142 
GLY HA3    H  N N 143 
GLY HXT    H  N N 144 
HIS N      N  N N 145 
HIS CA     C  N S 146 
HIS C      C  N N 147 
HIS O      O  N N 148 
HIS CB     C  N N 149 
HIS CG     C  Y N 150 
HIS ND1    N  Y N 151 
HIS CD2    C  Y N 152 
HIS CE1    C  Y N 153 
HIS NE2    N  Y N 154 
HIS OXT    O  N N 155 
HIS H      H  N N 156 
HIS H2     H  N N 157 
HIS HA     H  N N 158 
HIS HB2    H  N N 159 
HIS HB3    H  N N 160 
HIS HD1    H  N N 161 
HIS HD2    H  N N 162 
HIS HE1    H  N N 163 
HIS HE2    H  N N 164 
HIS HXT    H  N N 165 
HOH O      O  N N 166 
HOH H1     H  N N 167 
HOH H2     H  N N 168 
ILE N      N  N N 169 
ILE CA     C  N S 170 
ILE C      C  N N 171 
ILE O      O  N N 172 
ILE CB     C  N S 173 
ILE CG1    C  N N 174 
ILE CG2    C  N N 175 
ILE CD1    C  N N 176 
ILE OXT    O  N N 177 
ILE H      H  N N 178 
ILE H2     H  N N 179 
ILE HA     H  N N 180 
ILE HB     H  N N 181 
ILE HG12   H  N N 182 
ILE HG13   H  N N 183 
ILE HG21   H  N N 184 
ILE HG22   H  N N 185 
ILE HG23   H  N N 186 
ILE HD11   H  N N 187 
ILE HD12   H  N N 188 
ILE HD13   H  N N 189 
ILE HXT    H  N N 190 
LEU N      N  N N 191 
LEU CA     C  N S 192 
LEU C      C  N N 193 
LEU O      O  N N 194 
LEU CB     C  N N 195 
LEU CG     C  N N 196 
LEU CD1    C  N N 197 
LEU CD2    C  N N 198 
LEU OXT    O  N N 199 
LEU H      H  N N 200 
LEU H2     H  N N 201 
LEU HA     H  N N 202 
LEU HB2    H  N N 203 
LEU HB3    H  N N 204 
LEU HG     H  N N 205 
LEU HD11   H  N N 206 
LEU HD12   H  N N 207 
LEU HD13   H  N N 208 
LEU HD21   H  N N 209 
LEU HD22   H  N N 210 
LEU HD23   H  N N 211 
LEU HXT    H  N N 212 
LYS N      N  N N 213 
LYS CA     C  N S 214 
LYS C      C  N N 215 
LYS O      O  N N 216 
LYS CB     C  N N 217 
LYS CG     C  N N 218 
LYS CD     C  N N 219 
LYS CE     C  N N 220 
LYS NZ     N  N N 221 
LYS OXT    O  N N 222 
LYS H      H  N N 223 
LYS H2     H  N N 224 
LYS HA     H  N N 225 
LYS HB2    H  N N 226 
LYS HB3    H  N N 227 
LYS HG2    H  N N 228 
LYS HG3    H  N N 229 
LYS HD2    H  N N 230 
LYS HD3    H  N N 231 
LYS HE2    H  N N 232 
LYS HE3    H  N N 233 
LYS HZ1    H  N N 234 
LYS HZ2    H  N N 235 
LYS HZ3    H  N N 236 
LYS HXT    H  N N 237 
MET N      N  N N 238 
MET CA     C  N S 239 
MET C      C  N N 240 
MET O      O  N N 241 
MET CB     C  N N 242 
MET CG     C  N N 243 
MET SD     S  N N 244 
MET CE     C  N N 245 
MET OXT    O  N N 246 
MET H      H  N N 247 
MET H2     H  N N 248 
MET HA     H  N N 249 
MET HB2    H  N N 250 
MET HB3    H  N N 251 
MET HG2    H  N N 252 
MET HG3    H  N N 253 
MET HE1    H  N N 254 
MET HE2    H  N N 255 
MET HE3    H  N N 256 
MET HXT    H  N N 257 
MSE N      N  N N 258 
MSE CA     C  N S 259 
MSE C      C  N N 260 
MSE O      O  N N 261 
MSE OXT    O  N N 262 
MSE CB     C  N N 263 
MSE CG     C  N N 264 
MSE SE     SE N N 265 
MSE CE     C  N N 266 
MSE H      H  N N 267 
MSE H2     H  N N 268 
MSE HA     H  N N 269 
MSE HXT    H  N N 270 
MSE HB2    H  N N 271 
MSE HB3    H  N N 272 
MSE HG2    H  N N 273 
MSE HG3    H  N N 274 
MSE HE1    H  N N 275 
MSE HE2    H  N N 276 
MSE HE3    H  N N 277 
PHE N      N  N N 278 
PHE CA     C  N S 279 
PHE C      C  N N 280 
PHE O      O  N N 281 
PHE CB     C  N N 282 
PHE CG     C  Y N 283 
PHE CD1    C  Y N 284 
PHE CD2    C  Y N 285 
PHE CE1    C  Y N 286 
PHE CE2    C  Y N 287 
PHE CZ     C  Y N 288 
PHE OXT    O  N N 289 
PHE H      H  N N 290 
PHE H2     H  N N 291 
PHE HA     H  N N 292 
PHE HB2    H  N N 293 
PHE HB3    H  N N 294 
PHE HD1    H  N N 295 
PHE HD2    H  N N 296 
PHE HE1    H  N N 297 
PHE HE2    H  N N 298 
PHE HZ     H  N N 299 
PHE HXT    H  N N 300 
PRO N      N  N N 301 
PRO CA     C  N S 302 
PRO C      C  N N 303 
PRO O      O  N N 304 
PRO CB     C  N N 305 
PRO CG     C  N N 306 
PRO CD     C  N N 307 
PRO OXT    O  N N 308 
PRO H      H  N N 309 
PRO HA     H  N N 310 
PRO HB2    H  N N 311 
PRO HB3    H  N N 312 
PRO HG2    H  N N 313 
PRO HG3    H  N N 314 
PRO HD2    H  N N 315 
PRO HD3    H  N N 316 
PRO HXT    H  N N 317 
SER N      N  N N 318 
SER CA     C  N S 319 
SER C      C  N N 320 
SER O      O  N N 321 
SER CB     C  N N 322 
SER OG     O  N N 323 
SER OXT    O  N N 324 
SER H      H  N N 325 
SER H2     H  N N 326 
SER HA     H  N N 327 
SER HB2    H  N N 328 
SER HB3    H  N N 329 
SER HG     H  N N 330 
SER HXT    H  N N 331 
SO4 S      S  N N 332 
SO4 O1     O  N N 333 
SO4 O2     O  N N 334 
SO4 O3     O  N N 335 
SO4 O4     O  N N 336 
THR N      N  N N 337 
THR CA     C  N S 338 
THR C      C  N N 339 
THR O      O  N N 340 
THR CB     C  N R 341 
THR OG1    O  N N 342 
THR CG2    C  N N 343 
THR OXT    O  N N 344 
THR H      H  N N 345 
THR H2     H  N N 346 
THR HA     H  N N 347 
THR HB     H  N N 348 
THR HG1    H  N N 349 
THR HG21   H  N N 350 
THR HG22   H  N N 351 
THR HG23   H  N N 352 
THR HXT    H  N N 353 
TYR N      N  N N 354 
TYR CA     C  N S 355 
TYR C      C  N N 356 
TYR O      O  N N 357 
TYR CB     C  N N 358 
TYR CG     C  Y N 359 
TYR CD1    C  Y N 360 
TYR CD2    C  Y N 361 
TYR CE1    C  Y N 362 
TYR CE2    C  Y N 363 
TYR CZ     C  Y N 364 
TYR OH     O  N N 365 
TYR OXT    O  N N 366 
TYR H      H  N N 367 
TYR H2     H  N N 368 
TYR HA     H  N N 369 
TYR HB2    H  N N 370 
TYR HB3    H  N N 371 
TYR HD1    H  N N 372 
TYR HD2    H  N N 373 
TYR HE1    H  N N 374 
TYR HE2    H  N N 375 
TYR HH     H  N N 376 
TYR HXT    H  N N 377 
VAL N      N  N N 378 
VAL CA     C  N S 379 
VAL C      C  N N 380 
VAL O      O  N N 381 
VAL CB     C  N N 382 
VAL CG1    C  N N 383 
VAL CG2    C  N N 384 
VAL OXT    O  N N 385 
VAL H      H  N N 386 
VAL H2     H  N N 387 
VAL HA     H  N N 388 
VAL HB     H  N N 389 
VAL HG11   H  N N 390 
VAL HG12   H  N N 391 
VAL HG13   H  N N 392 
VAL HG21   H  N N 393 
VAL HG22   H  N N 394 
VAL HG23   H  N N 395 
VAL HXT    H  N N 396 
# 
loop_
_chem_comp_bond.comp_id 
_chem_comp_bond.atom_id_1 
_chem_comp_bond.atom_id_2 
_chem_comp_bond.value_order 
_chem_comp_bond.pdbx_aromatic_flag 
_chem_comp_bond.pdbx_stereo_config 
_chem_comp_bond.pdbx_ordinal 
ADP PB    O1B    doub N N 1   
ADP PB    O2B    sing N N 2   
ADP PB    O3B    sing N N 3   
ADP PB    O3A    sing N N 4   
ADP O2B   HOB2   sing N N 5   
ADP O3B   HOB3   sing N N 6   
ADP PA    O1A    doub N N 7   
ADP PA    O2A    sing N N 8   
ADP PA    O3A    sing N N 9   
ADP PA    "O5'"  sing N N 10  
ADP O2A   HOA2   sing N N 11  
ADP "O5'" "C5'"  sing N N 12  
ADP "C5'" "C4'"  sing N N 13  
ADP "C5'" "H5'1" sing N N 14  
ADP "C5'" "H5'2" sing N N 15  
ADP "C4'" "O4'"  sing N N 16  
ADP "C4'" "C3'"  sing N N 17  
ADP "C4'" "H4'"  sing N N 18  
ADP "O4'" "C1'"  sing N N 19  
ADP "C3'" "O3'"  sing N N 20  
ADP "C3'" "C2'"  sing N N 21  
ADP "C3'" "H3'"  sing N N 22  
ADP "O3'" "HO3'" sing N N 23  
ADP "C2'" "O2'"  sing N N 24  
ADP "C2'" "C1'"  sing N N 25  
ADP "C2'" "H2'"  sing N N 26  
ADP "O2'" "HO2'" sing N N 27  
ADP "C1'" N9     sing N N 28  
ADP "C1'" "H1'"  sing N N 29  
ADP N9    C8     sing Y N 30  
ADP N9    C4     sing Y N 31  
ADP C8    N7     doub Y N 32  
ADP C8    H8     sing N N 33  
ADP N7    C5     sing Y N 34  
ADP C5    C6     sing Y N 35  
ADP C5    C4     doub Y N 36  
ADP C6    N6     sing N N 37  
ADP C6    N1     doub Y N 38  
ADP N6    HN61   sing N N 39  
ADP N6    HN62   sing N N 40  
ADP N1    C2     sing Y N 41  
ADP C2    N3     doub Y N 42  
ADP C2    H2     sing N N 43  
ADP N3    C4     sing Y N 44  
ALA N     CA     sing N N 45  
ALA N     H      sing N N 46  
ALA N     H2     sing N N 47  
ALA CA    C      sing N N 48  
ALA CA    CB     sing N N 49  
ALA CA    HA     sing N N 50  
ALA C     O      doub N N 51  
ALA C     OXT    sing N N 52  
ALA CB    HB1    sing N N 53  
ALA CB    HB2    sing N N 54  
ALA CB    HB3    sing N N 55  
ALA OXT   HXT    sing N N 56  
ARG N     CA     sing N N 57  
ARG N     H      sing N N 58  
ARG N     H2     sing N N 59  
ARG CA    C      sing N N 60  
ARG CA    CB     sing N N 61  
ARG CA    HA     sing N N 62  
ARG C     O      doub N N 63  
ARG C     OXT    sing N N 64  
ARG CB    CG     sing N N 65  
ARG CB    HB2    sing N N 66  
ARG CB    HB3    sing N N 67  
ARG CG    CD     sing N N 68  
ARG CG    HG2    sing N N 69  
ARG CG    HG3    sing N N 70  
ARG CD    NE     sing N N 71  
ARG CD    HD2    sing N N 72  
ARG CD    HD3    sing N N 73  
ARG NE    CZ     sing N N 74  
ARG NE    HE     sing N N 75  
ARG CZ    NH1    sing N N 76  
ARG CZ    NH2    doub N N 77  
ARG NH1   HH11   sing N N 78  
ARG NH1   HH12   sing N N 79  
ARG NH2   HH21   sing N N 80  
ARG NH2   HH22   sing N N 81  
ARG OXT   HXT    sing N N 82  
ASN N     CA     sing N N 83  
ASN N     H      sing N N 84  
ASN N     H2     sing N N 85  
ASN CA    C      sing N N 86  
ASN CA    CB     sing N N 87  
ASN CA    HA     sing N N 88  
ASN C     O      doub N N 89  
ASN C     OXT    sing N N 90  
ASN CB    CG     sing N N 91  
ASN CB    HB2    sing N N 92  
ASN CB    HB3    sing N N 93  
ASN CG    OD1    doub N N 94  
ASN CG    ND2    sing N N 95  
ASN ND2   HD21   sing N N 96  
ASN ND2   HD22   sing N N 97  
ASN OXT   HXT    sing N N 98  
ASP N     CA     sing N N 99  
ASP N     H      sing N N 100 
ASP N     H2     sing N N 101 
ASP CA    C      sing N N 102 
ASP CA    CB     sing N N 103 
ASP CA    HA     sing N N 104 
ASP C     O      doub N N 105 
ASP C     OXT    sing N N 106 
ASP CB    CG     sing N N 107 
ASP CB    HB2    sing N N 108 
ASP CB    HB3    sing N N 109 
ASP CG    OD1    doub N N 110 
ASP CG    OD2    sing N N 111 
ASP OD2   HD2    sing N N 112 
ASP OXT   HXT    sing N N 113 
GLU N     CA     sing N N 114 
GLU N     H      sing N N 115 
GLU N     H2     sing N N 116 
GLU CA    C      sing N N 117 
GLU CA    CB     sing N N 118 
GLU CA    HA     sing N N 119 
GLU C     O      doub N N 120 
GLU C     OXT    sing N N 121 
GLU CB    CG     sing N N 122 
GLU CB    HB2    sing N N 123 
GLU CB    HB3    sing N N 124 
GLU CG    CD     sing N N 125 
GLU CG    HG2    sing N N 126 
GLU CG    HG3    sing N N 127 
GLU CD    OE1    doub N N 128 
GLU CD    OE2    sing N N 129 
GLU OE2   HE2    sing N N 130 
GLU OXT   HXT    sing N N 131 
GLY N     CA     sing N N 132 
GLY N     H      sing N N 133 
GLY N     H2     sing N N 134 
GLY CA    C      sing N N 135 
GLY CA    HA2    sing N N 136 
GLY CA    HA3    sing N N 137 
GLY C     O      doub N N 138 
GLY C     OXT    sing N N 139 
GLY OXT   HXT    sing N N 140 
HIS N     CA     sing N N 141 
HIS N     H      sing N N 142 
HIS N     H2     sing N N 143 
HIS CA    C      sing N N 144 
HIS CA    CB     sing N N 145 
HIS CA    HA     sing N N 146 
HIS C     O      doub N N 147 
HIS C     OXT    sing N N 148 
HIS CB    CG     sing N N 149 
HIS CB    HB2    sing N N 150 
HIS CB    HB3    sing N N 151 
HIS CG    ND1    sing Y N 152 
HIS CG    CD2    doub Y N 153 
HIS ND1   CE1    doub Y N 154 
HIS ND1   HD1    sing N N 155 
HIS CD2   NE2    sing Y N 156 
HIS CD2   HD2    sing N N 157 
HIS CE1   NE2    sing Y N 158 
HIS CE1   HE1    sing N N 159 
HIS NE2   HE2    sing N N 160 
HIS OXT   HXT    sing N N 161 
HOH O     H1     sing N N 162 
HOH O     H2     sing N N 163 
ILE N     CA     sing N N 164 
ILE N     H      sing N N 165 
ILE N     H2     sing N N 166 
ILE CA    C      sing N N 167 
ILE CA    CB     sing N N 168 
ILE CA    HA     sing N N 169 
ILE C     O      doub N N 170 
ILE C     OXT    sing N N 171 
ILE CB    CG1    sing N N 172 
ILE CB    CG2    sing N N 173 
ILE CB    HB     sing N N 174 
ILE CG1   CD1    sing N N 175 
ILE CG1   HG12   sing N N 176 
ILE CG1   HG13   sing N N 177 
ILE CG2   HG21   sing N N 178 
ILE CG2   HG22   sing N N 179 
ILE CG2   HG23   sing N N 180 
ILE CD1   HD11   sing N N 181 
ILE CD1   HD12   sing N N 182 
ILE CD1   HD13   sing N N 183 
ILE OXT   HXT    sing N N 184 
LEU N     CA     sing N N 185 
LEU N     H      sing N N 186 
LEU N     H2     sing N N 187 
LEU CA    C      sing N N 188 
LEU CA    CB     sing N N 189 
LEU CA    HA     sing N N 190 
LEU C     O      doub N N 191 
LEU C     OXT    sing N N 192 
LEU CB    CG     sing N N 193 
LEU CB    HB2    sing N N 194 
LEU CB    HB3    sing N N 195 
LEU CG    CD1    sing N N 196 
LEU CG    CD2    sing N N 197 
LEU CG    HG     sing N N 198 
LEU CD1   HD11   sing N N 199 
LEU CD1   HD12   sing N N 200 
LEU CD1   HD13   sing N N 201 
LEU CD2   HD21   sing N N 202 
LEU CD2   HD22   sing N N 203 
LEU CD2   HD23   sing N N 204 
LEU OXT   HXT    sing N N 205 
LYS N     CA     sing N N 206 
LYS N     H      sing N N 207 
LYS N     H2     sing N N 208 
LYS CA    C      sing N N 209 
LYS CA    CB     sing N N 210 
LYS CA    HA     sing N N 211 
LYS C     O      doub N N 212 
LYS C     OXT    sing N N 213 
LYS CB    CG     sing N N 214 
LYS CB    HB2    sing N N 215 
LYS CB    HB3    sing N N 216 
LYS CG    CD     sing N N 217 
LYS CG    HG2    sing N N 218 
LYS CG    HG3    sing N N 219 
LYS CD    CE     sing N N 220 
LYS CD    HD2    sing N N 221 
LYS CD    HD3    sing N N 222 
LYS CE    NZ     sing N N 223 
LYS CE    HE2    sing N N 224 
LYS CE    HE3    sing N N 225 
LYS NZ    HZ1    sing N N 226 
LYS NZ    HZ2    sing N N 227 
LYS NZ    HZ3    sing N N 228 
LYS OXT   HXT    sing N N 229 
MET N     CA     sing N N 230 
MET N     H      sing N N 231 
MET N     H2     sing N N 232 
MET CA    C      sing N N 233 
MET CA    CB     sing N N 234 
MET CA    HA     sing N N 235 
MET C     O      doub N N 236 
MET C     OXT    sing N N 237 
MET CB    CG     sing N N 238 
MET CB    HB2    sing N N 239 
MET CB    HB3    sing N N 240 
MET CG    SD     sing N N 241 
MET CG    HG2    sing N N 242 
MET CG    HG3    sing N N 243 
MET SD    CE     sing N N 244 
MET CE    HE1    sing N N 245 
MET CE    HE2    sing N N 246 
MET CE    HE3    sing N N 247 
MET OXT   HXT    sing N N 248 
MSE N     CA     sing N N 249 
MSE N     H      sing N N 250 
MSE N     H2     sing N N 251 
MSE CA    C      sing N N 252 
MSE CA    CB     sing N N 253 
MSE CA    HA     sing N N 254 
MSE C     O      doub N N 255 
MSE C     OXT    sing N N 256 
MSE OXT   HXT    sing N N 257 
MSE CB    CG     sing N N 258 
MSE CB    HB2    sing N N 259 
MSE CB    HB3    sing N N 260 
MSE CG    SE     sing N N 261 
MSE CG    HG2    sing N N 262 
MSE CG    HG3    sing N N 263 
MSE SE    CE     sing N N 264 
MSE CE    HE1    sing N N 265 
MSE CE    HE2    sing N N 266 
MSE CE    HE3    sing N N 267 
PHE N     CA     sing N N 268 
PHE N     H      sing N N 269 
PHE N     H2     sing N N 270 
PHE CA    C      sing N N 271 
PHE CA    CB     sing N N 272 
PHE CA    HA     sing N N 273 
PHE C     O      doub N N 274 
PHE C     OXT    sing N N 275 
PHE CB    CG     sing N N 276 
PHE CB    HB2    sing N N 277 
PHE CB    HB3    sing N N 278 
PHE CG    CD1    doub Y N 279 
PHE CG    CD2    sing Y N 280 
PHE CD1   CE1    sing Y N 281 
PHE CD1   HD1    sing N N 282 
PHE CD2   CE2    doub Y N 283 
PHE CD2   HD2    sing N N 284 
PHE CE1   CZ     doub Y N 285 
PHE CE1   HE1    sing N N 286 
PHE CE2   CZ     sing Y N 287 
PHE CE2   HE2    sing N N 288 
PHE CZ    HZ     sing N N 289 
PHE OXT   HXT    sing N N 290 
PRO N     CA     sing N N 291 
PRO N     CD     sing N N 292 
PRO N     H      sing N N 293 
PRO CA    C      sing N N 294 
PRO CA    CB     sing N N 295 
PRO CA    HA     sing N N 296 
PRO C     O      doub N N 297 
PRO C     OXT    sing N N 298 
PRO CB    CG     sing N N 299 
PRO CB    HB2    sing N N 300 
PRO CB    HB3    sing N N 301 
PRO CG    CD     sing N N 302 
PRO CG    HG2    sing N N 303 
PRO CG    HG3    sing N N 304 
PRO CD    HD2    sing N N 305 
PRO CD    HD3    sing N N 306 
PRO OXT   HXT    sing N N 307 
SER N     CA     sing N N 308 
SER N     H      sing N N 309 
SER N     H2     sing N N 310 
SER CA    C      sing N N 311 
SER CA    CB     sing N N 312 
SER CA    HA     sing N N 313 
SER C     O      doub N N 314 
SER C     OXT    sing N N 315 
SER CB    OG     sing N N 316 
SER CB    HB2    sing N N 317 
SER CB    HB3    sing N N 318 
SER OG    HG     sing N N 319 
SER OXT   HXT    sing N N 320 
SO4 S     O1     doub N N 321 
SO4 S     O2     doub N N 322 
SO4 S     O3     sing N N 323 
SO4 S     O4     sing N N 324 
THR N     CA     sing N N 325 
THR N     H      sing N N 326 
THR N     H2     sing N N 327 
THR CA    C      sing N N 328 
THR CA    CB     sing N N 329 
THR CA    HA     sing N N 330 
THR C     O      doub N N 331 
THR C     OXT    sing N N 332 
THR CB    OG1    sing N N 333 
THR CB    CG2    sing N N 334 
THR CB    HB     sing N N 335 
THR OG1   HG1    sing N N 336 
THR CG2   HG21   sing N N 337 
THR CG2   HG22   sing N N 338 
THR CG2   HG23   sing N N 339 
THR OXT   HXT    sing N N 340 
TYR N     CA     sing N N 341 
TYR N     H      sing N N 342 
TYR N     H2     sing N N 343 
TYR CA    C      sing N N 344 
TYR CA    CB     sing N N 345 
TYR CA    HA     sing N N 346 
TYR C     O      doub N N 347 
TYR C     OXT    sing N N 348 
TYR CB    CG     sing N N 349 
TYR CB    HB2    sing N N 350 
TYR CB    HB3    sing N N 351 
TYR CG    CD1    doub Y N 352 
TYR CG    CD2    sing Y N 353 
TYR CD1   CE1    sing Y N 354 
TYR CD1   HD1    sing N N 355 
TYR CD2   CE2    doub Y N 356 
TYR CD2   HD2    sing N N 357 
TYR CE1   CZ     doub Y N 358 
TYR CE1   HE1    sing N N 359 
TYR CE2   CZ     sing Y N 360 
TYR CE2   HE2    sing N N 361 
TYR CZ    OH     sing N N 362 
TYR OH    HH     sing N N 363 
TYR OXT   HXT    sing N N 364 
VAL N     CA     sing N N 365 
VAL N     H      sing N N 366 
VAL N     H2     sing N N 367 
VAL CA    C      sing N N 368 
VAL CA    CB     sing N N 369 
VAL CA    HA     sing N N 370 
VAL C     O      doub N N 371 
VAL C     OXT    sing N N 372 
VAL CB    CG1    sing N N 373 
VAL CB    CG2    sing N N 374 
VAL CB    HB     sing N N 375 
VAL CG1   HG11   sing N N 376 
VAL CG1   HG12   sing N N 377 
VAL CG1   HG13   sing N N 378 
VAL CG2   HG21   sing N N 379 
VAL CG2   HG22   sing N N 380 
VAL CG2   HG23   sing N N 381 
VAL OXT   HXT    sing N N 382 
# 
_atom_sites.entry_id                    1O51 
_atom_sites.fract_transf_matrix[1][1]   -0.00178908 
_atom_sites.fract_transf_matrix[1][2]   -0.00813162 
_atom_sites.fract_transf_matrix[1][3]   -0.00551870 
_atom_sites.fract_transf_matrix[2][1]   0.00738873 
_atom_sites.fract_transf_matrix[2][2]   -0.00481151 
_atom_sites.fract_transf_matrix[2][3]   0.00469428 
_atom_sites.fract_transf_matrix[3][1]   -0.00647966 
_atom_sites.fract_transf_matrix[3][2]   -0.00324133 
_atom_sites.fract_transf_matrix[3][3]   0.00687662 
_atom_sites.fract_transf_vector[1]      0.483116 
_atom_sites.fract_transf_vector[2]      0.124929 
_atom_sites.fract_transf_vector[3]      0.047428 
# 
loop_
_atom_type.symbol 
C  
N  
O  
P  
S  
SE 
# 
loop_
_atom_site.group_PDB 
_atom_site.id 
_atom_site.type_symbol 
_atom_site.label_atom_id 
_atom_site.label_alt_id 
_atom_site.label_comp_id 
_atom_site.label_asym_id 
_atom_site.label_entity_id 
_atom_site.label_seq_id 
_atom_site.pdbx_PDB_ins_code 
_atom_site.Cartn_x 
_atom_site.Cartn_y 
_atom_site.Cartn_z 
_atom_site.occupancy 
_atom_site.B_iso_or_equiv 
_atom_site.pdbx_formal_charge 
_atom_site.auth_seq_id 
_atom_site.auth_comp_id 
_atom_site.auth_asym_id 
_atom_site.auth_atom_id 
_atom_site.pdbx_PDB_model_num 
ATOM   1   N  N     . HIS A 1 11  ? -9.007  -7.497  -18.978 1.00 43.90 ? -1  HIS A N     1 
ATOM   2   C  CA    . HIS A 1 11  ? -8.617  -8.261  -17.737 1.00 43.23 ? -1  HIS A CA    1 
ATOM   3   C  C     . HIS A 1 11  ? -8.695  -7.423  -16.461 1.00 40.92 ? -1  HIS A C     1 
ATOM   4   O  O     . HIS A 1 11  ? -7.817  -6.634  -16.162 1.00 37.93 ? -1  HIS A O     1 
ATOM   5   C  CB    . HIS A 1 11  ? -7.244  -8.885  -17.923 1.00 43.91 ? -1  HIS A CB    1 
ATOM   6   C  CG    . HIS A 1 11  ? -7.200  -9.845  -19.071 1.00 48.40 ? -1  HIS A CG    1 
ATOM   7   N  ND1   . HIS A 1 11  ? -8.258  -10.688 -19.369 1.00 52.90 ? -1  HIS A ND1   1 
ATOM   8   C  CD2   . HIS A 1 11  ? -6.251  -10.087 -20.008 1.00 50.03 ? -1  HIS A CD2   1 
ATOM   9   C  CE1   . HIS A 1 11  ? -7.954  -11.413 -20.433 1.00 52.24 ? -1  HIS A CE1   1 
ATOM   10  N  NE2   . HIS A 1 11  ? -6.743  -11.066 -20.839 1.00 50.80 ? -1  HIS A NE2   1 
ATOM   11  N  N     . HIS A 1 12  ? -9.777  -7.665  -15.717 1.00 40.42 ? 0   HIS A N     1 
ATOM   12  C  CA    . HIS A 1 12  ? -10.123 -6.915  -14.511 1.00 40.59 ? 0   HIS A CA    1 
ATOM   13  C  C     . HIS A 1 12  ? -9.119  -7.111  -13.429 1.00 39.14 ? 0   HIS A C     1 
ATOM   14  O  O     . HIS A 1 12  ? -8.686  -8.224  -13.200 1.00 40.12 ? 0   HIS A O     1 
ATOM   15  C  CB    . HIS A 1 12  ? -11.484 -7.313  -13.929 1.00 40.36 ? 0   HIS A CB    1 
ATOM   16  C  CG    . HIS A 1 12  ? -11.780 -6.632  -12.622 1.00 45.97 ? 0   HIS A CG    1 
ATOM   17  N  ND1   . HIS A 1 12  ? -11.883 -7.316  -11.418 1.00 52.41 ? 0   HIS A ND1   1 
ATOM   18  C  CD2   . HIS A 1 12  ? -11.918 -5.312  -12.318 1.00 47.93 ? 0   HIS A CD2   1 
ATOM   19  C  CE1   . HIS A 1 12  ? -12.120 -6.445  -10.446 1.00 53.16 ? 0   HIS A CE1   1 
ATOM   20  N  NE2   . HIS A 1 12  ? -12.134 -5.225  -10.965 1.00 50.34 ? 0   HIS A NE2   1 
HETATM 21  N  N     . MSE A 1 13  ? -8.757  -6.023  -12.766 1.00 37.46 ? 1   MSE A N     1 
HETATM 22  C  CA    . MSE A 1 13  ? -7.927  -6.064  -11.595 1.00 36.86 ? 1   MSE A CA    1 
HETATM 23  C  C     . MSE A 1 13  ? -8.378  -4.980  -10.625 1.00 36.09 ? 1   MSE A C     1 
HETATM 24  O  O     . MSE A 1 13  ? -9.245  -4.170  -10.939 1.00 36.84 ? 1   MSE A O     1 
HETATM 25  C  CB    . MSE A 1 13  ? -6.458  -5.812  -11.972 1.00 37.14 ? 1   MSE A CB    1 
HETATM 26  C  CG    . MSE A 1 13  ? -5.879  -6.807  -12.958 1.00 37.89 ? 1   MSE A CG    1 
HETATM 27  SE SE    . MSE A 1 13  ? -5.506  -8.604  -12.243 0.50 33.73 ? 1   MSE A SE    1 
HETATM 28  C  CE    . MSE A 1 13  ? -5.782  -9.551  -13.894 1.00 36.76 ? 1   MSE A CE    1 
ATOM   29  N  N     . LYS A 1 14  ? -7.776  -4.986  -9.442  1.00 35.12 ? 2   LYS A N     1 
ATOM   30  C  CA    . LYS A 1 14  ? -7.920  -3.926  -8.489  1.00 34.55 ? 2   LYS A CA    1 
ATOM   31  C  C     . LYS A 1 14  ? -6.602  -3.211  -8.350  1.00 33.95 ? 2   LYS A C     1 
ATOM   32  O  O     . LYS A 1 14  ? -5.524  -3.829  -8.339  1.00 32.86 ? 2   LYS A O     1 
ATOM   33  C  CB    . LYS A 1 14  ? -8.291  -4.457  -7.101  1.00 34.43 ? 2   LYS A CB    1 
ATOM   34  C  CG    . LYS A 1 14  ? -9.615  -5.103  -7.003  1.00 36.07 ? 2   LYS A CG    1 
ATOM   35  C  CD    . LYS A 1 14  ? -10.727 -4.116  -7.173  1.00 37.82 ? 2   LYS A CD    1 
ATOM   36  C  CE    . LYS A 1 14  ? -12.031 -4.673  -6.623  1.00 38.08 ? 2   LYS A CE    1 
ATOM   37  N  NZ    . LYS A 1 14  ? -13.135 -3.735  -6.844  1.00 35.97 ? 2   LYS A NZ    1 
ATOM   38  N  N     . LEU A 1 15  ? -6.732  -1.902  -8.209  1.00 33.94 ? 3   LEU A N     1 
ATOM   39  C  CA    . LEU A 1 15  ? -5.678  -1.041  -7.760  1.00 33.88 ? 3   LEU A CA    1 
ATOM   40  C  C     . LEU A 1 15  ? -5.920  -0.842  -6.289  1.00 33.57 ? 3   LEU A C     1 
ATOM   41  O  O     . LEU A 1 15  ? -7.037  -0.578  -5.872  1.00 34.75 ? 3   LEU A O     1 
ATOM   42  C  CB    . LEU A 1 15  ? -5.752  0.311   -8.493  1.00 33.91 ? 3   LEU A CB    1 
ATOM   43  C  CG    . LEU A 1 15  ? -4.926  1.428   -7.878  1.00 33.64 ? 3   LEU A CG    1 
ATOM   44  C  CD1   . LEU A 1 15  ? -3.506  1.130   -8.165  1.00 38.14 ? 3   LEU A CD1   1 
ATOM   45  C  CD2   . LEU A 1 15  ? -5.232  2.714   -8.454  1.00 36.47 ? 3   LEU A CD2   1 
ATOM   46  N  N     . LEU A 1 16  ? -4.886  -1.046  -5.504  1.00 33.64 ? 4   LEU A N     1 
ATOM   47  C  CA    . LEU A 1 16  ? -4.906  -0.747  -4.086  1.00 33.12 ? 4   LEU A CA    1 
ATOM   48  C  C     . LEU A 1 16  ? -3.930  0.397   -3.880  1.00 33.43 ? 4   LEU A C     1 
ATOM   49  O  O     . LEU A 1 16  ? -2.781  0.353   -4.343  1.00 31.12 ? 4   LEU A O     1 
ATOM   50  C  CB    . LEU A 1 16  ? -4.442  -1.926  -3.270  1.00 33.33 ? 4   LEU A CB    1 
ATOM   51  C  CG    . LEU A 1 16  ? -4.050  -1.698  -1.795  1.00 33.73 ? 4   LEU A CG    1 
ATOM   52  C  CD1   . LEU A 1 16  ? -5.296  -1.337  -1.059  1.00 36.58 ? 4   LEU A CD1   1 
ATOM   53  C  CD2   . LEU A 1 16  ? -3.458  -2.972  -1.170  1.00 35.37 ? 4   LEU A CD2   1 
ATOM   54  N  N     . LYS A 1 17  ? -4.401  1.432   -3.189  1.00 34.20 ? 5   LYS A N     1 
ATOM   55  C  CA    . LYS A 1 17  ? -3.591  2.607   -2.965  1.00 35.05 ? 5   LYS A CA    1 
ATOM   56  C  C     . LYS A 1 17  ? -3.536  2.834   -1.458  1.00 34.63 ? 5   LYS A C     1 
ATOM   57  O  O     . LYS A 1 17  ? -4.556  2.838   -0.771  1.00 33.76 ? 5   LYS A O     1 
ATOM   58  C  CB    . LYS A 1 17  ? -4.195  3.778   -3.725  1.00 35.62 ? 5   LYS A CB    1 
ATOM   59  C  CG    . LYS A 1 17  ? -3.190  4.827   -4.071  1.00 40.53 ? 5   LYS A CG    1 
ATOM   60  C  CD    . LYS A 1 17  ? -3.510  5.532   -5.319  1.00 42.69 ? 5   LYS A CD    1 
ATOM   61  C  CE    . LYS A 1 17  ? -2.384  6.408   -5.702  1.00 45.42 ? 5   LYS A CE    1 
ATOM   62  N  NZ    . LYS A 1 17  ? -2.890  7.353   -6.790  1.00 45.58 ? 5   LYS A NZ    1 
ATOM   63  N  N     . ILE A 1 18  ? -2.321  2.963   -0.950  1.00 34.83 ? 6   ILE A N     1 
ATOM   64  C  CA    . ILE A 1 18  ? -2.084  3.177   0.471   1.00 34.39 ? 6   ILE A CA    1 
ATOM   65  C  C     . ILE A 1 18  ? -1.303  4.455   0.663   1.00 34.10 ? 6   ILE A C     1 
ATOM   66  O  O     . ILE A 1 18  ? -0.226  4.596   0.081   1.00 33.61 ? 6   ILE A O     1 
ATOM   67  C  CB    . ILE A 1 18  ? -1.253  2.025   1.049   1.00 34.51 ? 6   ILE A CB    1 
ATOM   68  C  CG1   . ILE A 1 18  ? -2.005  0.698   0.956   1.00 34.51 ? 6   ILE A CG1   1 
ATOM   69  C  CG2   . ILE A 1 18  ? -1.005  2.239   2.536   1.00 36.61 ? 6   ILE A CG2   1 
ATOM   70  C  CD1   . ILE A 1 18  ? -1.120  -0.490  1.017   1.00 32.24 ? 6   ILE A CD1   1 
ATOM   71  N  N     . TYR A 1 19  ? -1.828  5.358   1.499   1.00 33.58 ? 7   TYR A N     1 
ATOM   72  C  CA    . TYR A 1 19  ? -1.152  6.581   1.861   1.00 33.43 ? 7   TYR A CA    1 
ATOM   73  C  C     . TYR A 1 19  ? -0.758  6.549   3.321   1.00 33.26 ? 7   TYR A C     1 
ATOM   74  O  O     . TYR A 1 19  ? -1.570  6.275   4.185   1.00 32.40 ? 7   TYR A O     1 
ATOM   75  C  CB    . TYR A 1 19  ? -2.055  7.759   1.693   1.00 33.75 ? 7   TYR A CB    1 
ATOM   76  C  CG    . TYR A 1 19  ? -2.591  7.996   0.335   1.00 38.10 ? 7   TYR A CG    1 
ATOM   77  C  CD1   . TYR A 1 19  ? -3.585  7.187   -0.184  1.00 41.52 ? 7   TYR A CD1   1 
ATOM   78  C  CD2   . TYR A 1 19  ? -2.174  9.085   -0.414  1.00 40.26 ? 7   TYR A CD2   1 
ATOM   79  C  CE1   . TYR A 1 19  ? -4.106  7.402   -1.423  1.00 42.71 ? 7   TYR A CE1   1 
ATOM   80  C  CE2   . TYR A 1 19  ? -2.712  9.333   -1.656  1.00 42.71 ? 7   TYR A CE2   1 
ATOM   81  C  CZ    . TYR A 1 19  ? -3.683  8.480   -2.166  1.00 44.49 ? 7   TYR A CZ    1 
ATOM   82  O  OH    . TYR A 1 19  ? -4.255  8.713   -3.410  1.00 46.13 ? 7   TYR A OH    1 
ATOM   83  N  N     . LEU A 1 20  ? 0.489   6.872   3.609   1.00 33.19 ? 8   LEU A N     1 
ATOM   84  C  CA    . LEU A 1 20  ? 0.944   6.906   4.972   1.00 33.08 ? 8   LEU A CA    1 
ATOM   85  C  C     . LEU A 1 20  ? 2.029   7.989   5.101   1.00 32.90 ? 8   LEU A C     1 
ATOM   86  O  O     . LEU A 1 20  ? 2.389   8.591   4.114   1.00 33.21 ? 8   LEU A O     1 
ATOM   87  C  CB    . LEU A 1 20  ? 1.412   5.500   5.370   1.00 33.15 ? 8   LEU A CB    1 
ATOM   88  C  CG    . LEU A 1 20  ? 2.667   4.857   4.768   1.00 35.66 ? 8   LEU A CG    1 
ATOM   89  C  CD1   . LEU A 1 20  ? 3.101   3.736   5.652   1.00 39.33 ? 8   LEU A CD1   1 
ATOM   90  C  CD2   . LEU A 1 20  ? 2.448   4.276   3.452   1.00 38.18 ? 8   LEU A CD2   1 
ATOM   91  N  N     . GLY A 1 21  ? 2.506   8.290   6.300   1.00 32.66 ? 9   GLY A N     1 
ATOM   92  C  CA    . GLY A 1 21  ? 3.646   9.186   6.449   1.00 33.13 ? 9   GLY A CA    1 
ATOM   93  C  C     . GLY A 1 21  ? 4.998   8.470   6.403   1.00 34.10 ? 9   GLY A C     1 
ATOM   94  O  O     . GLY A 1 21  ? 5.163   7.315   6.873   1.00 34.17 ? 9   GLY A O     1 
ATOM   95  N  N     . GLU A 1 22  ? 6.000   9.161   5.887   1.00 34.65 ? 10  GLU A N     1 
ATOM   96  C  CA    . GLU A 1 22  ? 7.347   8.626   5.911   1.00 35.99 ? 10  GLU A CA    1 
ATOM   97  C  C     . GLU A 1 22  ? 7.850   8.318   7.334   1.00 36.69 ? 10  GLU A C     1 
ATOM   98  O  O     . GLU A 1 22  ? 8.523   7.327   7.518   1.00 37.31 ? 10  GLU A O     1 
ATOM   99  C  CB    . GLU A 1 22  ? 8.280   9.584   5.211   1.00 36.44 ? 10  GLU A CB    1 
ATOM   100 C  CG    . GLU A 1 22  ? 9.662   9.035   4.948   1.00 38.64 ? 10  GLU A CG    1 
ATOM   101 C  CD    . GLU A 1 22  ? 10.436  9.857   3.909   1.00 42.24 ? 10  GLU A CD    1 
ATOM   102 O  OE1   . GLU A 1 22  ? 10.015  10.998  3.573   1.00 42.02 ? 10  GLU A OE1   1 
ATOM   103 O  OE2   . GLU A 1 22  ? 11.473  9.353   3.428   1.00 44.13 ? 10  GLU A OE2   1 
ATOM   104 N  N     . LYS A 1 23  ? 7.513   9.145   8.327   1.00 37.38 ? 11  LYS A N     1 
ATOM   105 C  CA    . LYS A 1 23  ? 7.930   8.915   9.715   1.00 38.38 ? 11  LYS A CA    1 
ATOM   106 C  C     . LYS A 1 23  ? 7.163   7.795   10.464  1.00 39.00 ? 11  LYS A C     1 
ATOM   107 O  O     . LYS A 1 23  ? 7.547   7.442   11.581  1.00 39.47 ? 11  LYS A O     1 
ATOM   108 C  CB    . LYS A 1 23  ? 7.912   10.235  10.534  1.00 38.25 ? 11  LYS A CB    1 
ATOM   109 C  CG    . LYS A 1 23  ? 9.055   11.219  10.121  1.00 39.59 ? 11  LYS A CG    1 
ATOM   110 C  CD    . LYS A 1 23  ? 9.477   12.235  11.215  1.00 38.38 ? 11  LYS A CD    1 
ATOM   111 N  N     . ASP A 1 24  ? 6.122   7.224   9.860   1.00 39.67 ? 12  ASP A N     1 
ATOM   112 C  CA    . ASP A 1 24  ? 5.423   6.073   10.434  1.00 40.28 ? 12  ASP A CA    1 
ATOM   113 C  C     . ASP A 1 24  ? 6.360   4.875   10.563  1.00 40.82 ? 12  ASP A C     1 
ATOM   114 O  O     . ASP A 1 24  ? 7.164   4.615   9.681   1.00 39.94 ? 12  ASP A O     1 
ATOM   115 C  CB    . ASP A 1 24  ? 4.196   5.690   9.586   1.00 40.88 ? 12  ASP A CB    1 
ATOM   116 C  CG    . ASP A 1 24  ? 3.022   6.661   9.755   1.00 41.97 ? 12  ASP A CG    1 
ATOM   117 O  OD1   . ASP A 1 24  ? 2.897   7.200   10.853  1.00 47.37 ? 12  ASP A OD1   1 
ATOM   118 O  OD2   . ASP A 1 24  ? 2.148   6.919   8.892   1.00 43.07 ? 12  ASP A OD2   1 
ATOM   119 N  N     . LYS A 1 25  ? 6.261   4.166   11.688  1.00 42.41 ? 13  LYS A N     1 
ATOM   120 C  CA    . LYS A 1 25  ? 7.203   3.100   12.043  1.00 43.48 ? 13  LYS A CA    1 
ATOM   121 C  C     . LYS A 1 25  ? 6.461   1.803   12.315  1.00 43.92 ? 13  LYS A C     1 
ATOM   122 O  O     . LYS A 1 25  ? 5.342   1.824   12.808  1.00 43.67 ? 13  LYS A O     1 
ATOM   123 C  CB    . LYS A 1 25  ? 7.994   3.458   13.311  1.00 43.94 ? 13  LYS A CB    1 
ATOM   124 C  CG    . LYS A 1 25  ? 8.673   4.845   13.357  1.00 45.85 ? 13  LYS A CG    1 
ATOM   125 C  CD    . LYS A 1 25  ? 9.699   5.083   12.207  1.00 47.68 ? 13  LYS A CD    1 
ATOM   126 C  CE    . LYS A 1 25  ? 10.772  6.114   12.627  1.00 47.94 ? 13  LYS A CE    1 
ATOM   127 N  NZ    . LYS A 1 25  ? 11.550  6.673   11.470  1.00 48.05 ? 13  LYS A NZ    1 
ATOM   128 N  N     . HIS A 1 26  ? 7.078   0.680   11.971  1.00 44.81 ? 14  HIS A N     1 
ATOM   129 C  CA    . HIS A 1 26  ? 6.639   -0.617  12.451  1.00 45.83 ? 14  HIS A CA    1 
ATOM   130 C  C     . HIS A 1 26  ? 7.859   -1.278  13.046  1.00 46.40 ? 14  HIS A C     1 
ATOM   131 O  O     . HIS A 1 26  ? 8.811   -1.566  12.310  1.00 46.83 ? 14  HIS A O     1 
ATOM   132 C  CB    . HIS A 1 26  ? 6.063   -1.505  11.347  1.00 46.10 ? 14  HIS A CB    1 
ATOM   133 C  CG    . HIS A 1 26  ? 5.505   -2.806  11.856  1.00 48.15 ? 14  HIS A CG    1 
ATOM   134 N  ND1   . HIS A 1 26  ? 4.259   -2.908  12.445  1.00 49.39 ? 14  HIS A ND1   1 
ATOM   135 C  CD2   . HIS A 1 26  ? 6.038   -4.052  11.897  1.00 49.92 ? 14  HIS A CD2   1 
ATOM   136 C  CE1   . HIS A 1 26  ? 4.044   -4.159  12.812  1.00 49.79 ? 14  HIS A CE1   1 
ATOM   137 N  NE2   . HIS A 1 26  ? 5.108   -4.873  12.491  1.00 50.81 ? 14  HIS A NE2   1 
ATOM   138 N  N     . SER A 1 27  ? 7.814   -1.491  14.368  1.00 46.73 ? 15  SER A N     1 
ATOM   139 C  CA    . SER A 1 27  ? 8.922   -2.038  15.144  1.00 47.12 ? 15  SER A CA    1 
ATOM   140 C  C     . SER A 1 27  ? 10.151  -1.142  15.019  1.00 46.92 ? 15  SER A C     1 
ATOM   141 O  O     . SER A 1 27  ? 11.236  -1.612  14.680  1.00 46.88 ? 15  SER A O     1 
ATOM   142 C  CB    . SER A 1 27  ? 9.239   -3.470  14.697  1.00 47.28 ? 15  SER A CB    1 
ATOM   143 O  OG    . SER A 1 27  ? 8.042   -4.218  14.548  1.00 48.64 ? 15  SER A OG    1 
ATOM   144 N  N     . GLY A 1 28  ? 9.964   0.153   15.264  1.00 46.59 ? 16  GLY A N     1 
ATOM   145 C  CA    . GLY A 1 28  ? 11.036  1.127   15.106  1.00 46.57 ? 16  GLY A CA    1 
ATOM   146 C  C     . GLY A 1 28  ? 11.514  1.403   13.679  1.00 46.59 ? 16  GLY A C     1 
ATOM   147 O  O     . GLY A 1 28  ? 12.201  2.404   13.464  1.00 47.34 ? 16  GLY A O     1 
ATOM   148 N  N     . LYS A 1 29  ? 11.141  0.549   12.710  1.00 46.11 ? 17  LYS A N     1 
ATOM   149 C  CA    . LYS A 1 29  ? 11.637  0.602   11.307  1.00 45.07 ? 17  LYS A CA    1 
ATOM   150 C  C     . LYS A 1 29  ? 10.565  1.178   10.371  1.00 43.89 ? 17  LYS A C     1 
ATOM   151 O  O     . LYS A 1 29  ? 9.385   1.136   10.703  1.00 43.52 ? 17  LYS A O     1 
ATOM   152 C  CB    . LYS A 1 29  ? 12.037  -0.812  10.818  1.00 45.36 ? 17  LYS A CB    1 
ATOM   153 C  CG    . LYS A 1 29  ? 13.084  -1.572  11.685  1.00 45.66 ? 17  LYS A CG    1 
ATOM   154 C  CD    . LYS A 1 29  ? 13.256  -2.996  11.137  1.00 46.34 ? 17  LYS A CD    1 
ATOM   155 C  CE    . LYS A 1 29  ? 14.230  -3.848  11.951  1.00 45.93 ? 17  LYS A CE    1 
ATOM   156 N  N     . PRO A 1 30  ? 10.956  1.687   9.197   1.00 42.58 ? 18  PRO A N     1 
ATOM   157 C  CA    . PRO A 1 30  ? 10.020  2.460   8.367   1.00 41.79 ? 18  PRO A CA    1 
ATOM   158 C  C     . PRO A 1 30  ? 8.870   1.592   7.865   1.00 40.47 ? 18  PRO A C     1 
ATOM   159 O  O     . PRO A 1 30  ? 9.099   0.532   7.321   1.00 40.16 ? 18  PRO A O     1 
ATOM   160 C  CB    . PRO A 1 30  ? 10.896  2.972   7.211   1.00 41.83 ? 18  PRO A CB    1 
ATOM   161 C  CG    . PRO A 1 30  ? 12.293  2.784   7.681   1.00 41.82 ? 18  PRO A CG    1 
ATOM   162 C  CD    . PRO A 1 30  ? 12.270  1.560   8.544   1.00 42.33 ? 18  PRO A CD    1 
ATOM   163 N  N     . LEU A 1 31  ? 7.644   2.041   8.098   1.00 39.40 ? 19  LEU A N     1 
ATOM   164 C  CA    . LEU A 1 31  ? 6.455   1.253   7.780   1.00 38.25 ? 19  LEU A CA    1 
ATOM   165 C  C     . LEU A 1 31  ? 6.303   1.004   6.295   1.00 36.95 ? 19  LEU A C     1 
ATOM   166 O  O     . LEU A 1 31  ? 5.900   -0.074  5.882   1.00 35.32 ? 19  LEU A O     1 
ATOM   167 C  CB    . LEU A 1 31  ? 5.193   1.942   8.284   1.00 38.12 ? 19  LEU A CB    1 
ATOM   168 C  CG    . LEU A 1 31  ? 3.878   1.200   8.068   1.00 38.11 ? 19  LEU A CG    1 
ATOM   169 C  CD1   . LEU A 1 31  ? 3.946   -0.227  8.592   1.00 38.59 ? 19  LEU A CD1   1 
ATOM   170 C  CD2   . LEU A 1 31  ? 2.767   1.932   8.772   1.00 37.98 ? 19  LEU A CD2   1 
ATOM   171 N  N     . PHE A 1 32  ? 6.609   2.005   5.489   1.00 36.58 ? 20  PHE A N     1 
ATOM   172 C  CA    . PHE A 1 32  ? 6.446   1.821   4.057   1.00 36.27 ? 20  PHE A CA    1 
ATOM   173 C  C     . PHE A 1 32  ? 7.351   0.731   3.517   1.00 36.39 ? 20  PHE A C     1 
ATOM   174 O  O     . PHE A 1 32  ? 6.923   -0.020  2.647   1.00 37.53 ? 20  PHE A O     1 
ATOM   175 C  CB    . PHE A 1 32  ? 6.589   3.126   3.277   1.00 36.75 ? 20  PHE A CB    1 
ATOM   176 C  CG    . PHE A 1 32  ? 7.997   3.627   3.111   1.00 34.84 ? 20  PHE A CG    1 
ATOM   177 C  CD1   . PHE A 1 32  ? 8.570   4.458   4.072   1.00 36.72 ? 20  PHE A CD1   1 
ATOM   178 C  CD2   . PHE A 1 32  ? 8.700   3.372   1.941   1.00 35.11 ? 20  PHE A CD2   1 
ATOM   179 C  CE1   . PHE A 1 32  ? 9.878   4.993   3.908   1.00 36.69 ? 20  PHE A CE1   1 
ATOM   180 C  CE2   . PHE A 1 32  ? 10.007  3.904   1.755   1.00 37.86 ? 20  PHE A CE2   1 
ATOM   181 C  CZ    . PHE A 1 32  ? 10.592  4.709   2.753   1.00 36.14 ? 20  PHE A CZ    1 
ATOM   182 N  N     . GLU A 1 33  ? 8.573   0.636   4.040   1.00 35.69 ? 21  GLU A N     1 
ATOM   183 C  CA    . GLU A 1 33  ? 9.499   -0.437  3.689   1.00 35.82 ? 21  GLU A CA    1 
ATOM   184 C  C     . GLU A 1 33  ? 8.988   -1.779  4.154   1.00 34.01 ? 21  GLU A C     1 
ATOM   185 O  O     . GLU A 1 33  ? 9.129   -2.776  3.455   1.00 34.16 ? 21  GLU A O     1 
ATOM   186 C  CB    . GLU A 1 33  ? 10.897  -0.207  4.296   1.00 36.37 ? 21  GLU A CB    1 
ATOM   187 C  CG    . GLU A 1 33  ? 11.737  0.798   3.503   1.00 40.42 ? 21  GLU A CG    1 
ATOM   188 C  CD    . GLU A 1 33  ? 13.026  1.161   4.213   1.00 43.14 ? 21  GLU A CD    1 
ATOM   189 O  OE1   . GLU A 1 33  ? 13.503  0.376   5.055   1.00 45.24 ? 21  GLU A OE1   1 
ATOM   190 O  OE2   . GLU A 1 33  ? 13.562  2.253   3.929   1.00 49.02 ? 21  GLU A OE2   1 
ATOM   191 N  N     . TYR A 1 34  ? 8.417   -1.806  5.346   1.00 32.28 ? 22  TYR A N     1 
ATOM   192 C  CA    . TYR A 1 34  ? 7.775   -3.017  5.829   1.00 31.68 ? 22  TYR A CA    1 
ATOM   193 C  C     . TYR A 1 34  ? 6.580   -3.444  4.950   1.00 31.17 ? 22  TYR A C     1 
ATOM   194 O  O     . TYR A 1 34  ? 6.446   -4.603  4.649   1.00 30.42 ? 22  TYR A O     1 
ATOM   195 C  CB    . TYR A 1 34  ? 7.362   -2.865  7.288   1.00 31.58 ? 22  TYR A CB    1 
ATOM   196 C  CG    . TYR A 1 34  ? 6.637   -4.068  7.806   1.00 31.22 ? 22  TYR A CG    1 
ATOM   197 C  CD1   . TYR A 1 34  ? 7.332   -5.142  8.355   1.00 31.83 ? 22  TYR A CD1   1 
ATOM   198 C  CD2   . TYR A 1 34  ? 5.246   -4.141  7.715   1.00 30.95 ? 22  TYR A CD2   1 
ATOM   199 C  CE1   . TYR A 1 34  ? 6.654   -6.255  8.823   1.00 33.14 ? 22  TYR A CE1   1 
ATOM   200 C  CE2   . TYR A 1 34  ? 4.566   -5.224  8.153   1.00 31.32 ? 22  TYR A CE2   1 
ATOM   201 C  CZ    . TYR A 1 34  ? 5.261   -6.282  8.709   1.00 35.02 ? 22  TYR A CZ    1 
ATOM   202 O  OH    . TYR A 1 34  ? 4.543   -7.350  9.163   1.00 38.61 ? 22  TYR A OH    1 
ATOM   203 N  N     . LEU A 1 35  ? 5.751   -2.499  4.516   1.00 31.05 ? 23  LEU A N     1 
ATOM   204 C  CA    . LEU A 1 35  ? 4.659   -2.813  3.593   1.00 31.40 ? 23  LEU A CA    1 
ATOM   205 C  C     . LEU A 1 35  ? 5.131   -3.380  2.267   1.00 32.36 ? 23  LEU A C     1 
ATOM   206 O  O     . LEU A 1 35  ? 4.578   -4.350  1.790   1.00 33.50 ? 23  LEU A O     1 
ATOM   207 C  CB    . LEU A 1 35  ? 3.758   -1.599  3.360   1.00 30.34 ? 23  LEU A CB    1 
ATOM   208 C  CG    . LEU A 1 35  ? 2.915   -1.256  4.598   1.00 29.15 ? 23  LEU A CG    1 
ATOM   209 C  CD1   . LEU A 1 35  ? 2.054   -0.051  4.365   1.00 30.14 ? 23  LEU A CD1   1 
ATOM   210 C  CD2   . LEU A 1 35  ? 2.089   -2.457  5.051   1.00 26.32 ? 23  LEU A CD2   1 
ATOM   211 N  N     . VAL A 1 36  ? 6.156   -2.788  1.682   1.00 33.38 ? 24  VAL A N     1 
ATOM   212 C  CA    . VAL A 1 36  ? 6.663   -3.237  0.410   1.00 33.65 ? 24  VAL A CA    1 
ATOM   213 C  C     . VAL A 1 36  ? 7.210   -4.647  0.558   1.00 34.32 ? 24  VAL A C     1 
ATOM   214 O  O     . VAL A 1 36  ? 7.155   -5.469  -0.360  1.00 35.30 ? 24  VAL A O     1 
ATOM   215 C  CB    . VAL A 1 36  ? 7.798   -2.319  -0.061  1.00 33.66 ? 24  VAL A CB    1 
ATOM   216 C  CG1   . VAL A 1 36  ? 8.615   -2.987  -1.183  1.00 33.51 ? 24  VAL A CG1   1 
ATOM   217 C  CG2   . VAL A 1 36  ? 7.248   -1.007  -0.523  1.00 34.10 ? 24  VAL A CG2   1 
ATOM   218 N  N     . LYS A 1 37  ? 7.785   -4.911  1.718   1.00 34.57 ? 25  LYS A N     1 
ATOM   219 C  CA    . LYS A 1 37  ? 8.397   -6.193  1.976   1.00 34.25 ? 25  LYS A CA    1 
ATOM   220 C  C     . LYS A 1 37  ? 7.321   -7.273  2.190   1.00 33.73 ? 25  LYS A C     1 
ATOM   221 O  O     . LYS A 1 37  ? 7.490   -8.396  1.720   1.00 34.09 ? 25  LYS A O     1 
ATOM   222 C  CB    . LYS A 1 37  ? 9.368   -6.081  3.157   1.00 33.92 ? 25  LYS A CB    1 
ATOM   223 C  CG    . LYS A 1 37  ? 10.127  -7.346  3.455   1.00 34.94 ? 25  LYS A CG    1 
ATOM   224 C  CD    . LYS A 1 37  ? 10.899  -7.285  4.821   1.00 36.08 ? 25  LYS A CD    1 
ATOM   225 N  N     . ARG A 1 38  ? 6.236   -6.957  2.899   1.00 33.48 ? 26  ARG A N     1 
ATOM   226 C  CA    . ARG A 1 38  ? 5.120   -7.902  3.005   1.00 33.94 ? 26  ARG A CA    1 
ATOM   227 C  C     . ARG A 1 38  ? 4.529   -8.121  1.629   1.00 33.52 ? 26  ARG A C     1 
ATOM   228 O  O     . ARG A 1 38  ? 4.320   -9.261  1.236   1.00 33.41 ? 26  ARG A O     1 
ATOM   229 C  CB    . ARG A 1 38  ? 4.018   -7.452  3.966   1.00 33.96 ? 26  ARG A CB    1 
ATOM   230 C  CG    . ARG A 1 38  ? 4.417   -7.407  5.401   1.00 37.04 ? 26  ARG A CG    1 
ATOM   231 C  CD    . ARG A 1 38  ? 4.997   -8.719  5.947   1.00 40.78 ? 26  ARG A CD    1 
ATOM   232 N  NE    . ARG A 1 38  ? 4.050   -9.838  5.843   1.00 43.21 ? 26  ARG A NE    1 
ATOM   233 C  CZ    . ARG A 1 38  ? 4.408   -11.111 5.670   1.00 46.89 ? 26  ARG A CZ    1 
ATOM   234 N  NH1   . ARG A 1 38  ? 5.683   -11.460 5.588   1.00 47.85 ? 26  ARG A NH1   1 
ATOM   235 N  NH2   . ARG A 1 38  ? 3.488   -12.061 5.605   1.00 49.53 ? 26  ARG A NH2   1 
ATOM   236 N  N     . ALA A 1 39  ? 4.323   -7.052  0.870   1.00 33.29 ? 27  ALA A N     1 
ATOM   237 C  CA    . ALA A 1 39  ? 3.802   -7.229  -0.481  1.00 33.83 ? 27  ALA A CA    1 
ATOM   238 C  C     . ALA A 1 39  ? 4.627   -8.279  -1.235  1.00 33.59 ? 27  ALA A C     1 
ATOM   239 O  O     . ALA A 1 39  ? 4.080   -9.191  -1.855  1.00 33.73 ? 27  ALA A O     1 
ATOM   240 C  CB    . ALA A 1 39  ? 3.759   -5.926  -1.242  1.00 33.30 ? 27  ALA A CB    1 
ATOM   241 N  N     . TYR A 1 40  ? 5.943   -8.176  -1.138  1.00 33.77 ? 28  TYR A N     1 
ATOM   242 C  CA    . TYR A 1 40  ? 6.793   -9.064  -1.873  1.00 34.22 ? 28  TYR A CA    1 
ATOM   243 C  C     . TYR A 1 40  ? 6.672   -10.481 -1.312  1.00 34.79 ? 28  TYR A C     1 
ATOM   244 O  O     . TYR A 1 40  ? 6.612   -11.441 -2.061  1.00 35.77 ? 28  TYR A O     1 
ATOM   245 C  CB    . TYR A 1 40  ? 8.238   -8.554  -1.803  1.00 34.76 ? 28  TYR A CB    1 
ATOM   246 C  CG    . TYR A 1 40  ? 9.210   -9.428  -2.526  1.00 34.06 ? 28  TYR A CG    1 
ATOM   247 C  CD1   . TYR A 1 40  ? 9.530   -9.189  -3.848  1.00 35.76 ? 28  TYR A CD1   1 
ATOM   248 C  CD2   . TYR A 1 40  ? 9.768   -10.524 -1.905  1.00 37.06 ? 28  TYR A CD2   1 
ATOM   249 C  CE1   . TYR A 1 40  ? 10.410  -10.010 -4.534  1.00 36.96 ? 28  TYR A CE1   1 
ATOM   250 C  CE2   . TYR A 1 40  ? 10.658  -11.354 -2.577  1.00 37.63 ? 28  TYR A CE2   1 
ATOM   251 C  CZ    . TYR A 1 40  ? 10.965  -11.084 -3.895  1.00 38.08 ? 28  TYR A CZ    1 
ATOM   252 O  OH    . TYR A 1 40  ? 11.844  -11.889 -4.563  1.00 42.25 ? 28  TYR A OH    1 
ATOM   253 N  N     . GLU A 1 41  ? 6.655   -10.628 0.006   1.00 35.25 ? 29  GLU A N     1 
ATOM   254 C  CA    . GLU A 1 41  ? 6.581   -11.969 0.607   1.00 35.68 ? 29  GLU A CA    1 
ATOM   255 C  C     . GLU A 1 41  ? 5.279   -12.704 0.275   1.00 35.60 ? 29  GLU A C     1 
ATOM   256 O  O     . GLU A 1 41  ? 5.293   -13.895 0.065   1.00 35.67 ? 29  GLU A O     1 
ATOM   257 C  CB    . GLU A 1 41  ? 6.854   -11.907 2.117   1.00 36.03 ? 29  GLU A CB    1 
ATOM   258 C  CG    . GLU A 1 41  ? 8.358   -11.758 2.435   1.00 38.45 ? 29  GLU A CG    1 
ATOM   259 C  CD    . GLU A 1 41  ? 8.668   -11.352 3.880   1.00 41.06 ? 29  GLU A CD    1 
ATOM   260 O  OE1   . GLU A 1 41  ? 9.778   -11.656 4.367   1.00 43.40 ? 29  GLU A OE1   1 
ATOM   261 O  OE2   . GLU A 1 41  ? 7.819   -10.712 4.538   1.00 42.73 ? 29  GLU A OE2   1 
ATOM   262 N  N     . LEU A 1 42  ? 4.178   -11.976 0.171   1.00 35.89 ? 30  LEU A N     1 
ATOM   263 C  CA    . LEU A 1 42  ? 2.881   -12.539 -0.229  1.00 36.51 ? 30  LEU A CA    1 
ATOM   264 C  C     . LEU A 1 42  ? 2.718   -12.916 -1.699  1.00 36.28 ? 30  LEU A C     1 
ATOM   265 O  O     . LEU A 1 42  ? 1.675   -13.444 -2.059  1.00 37.28 ? 30  LEU A O     1 
ATOM   266 C  CB    . LEU A 1 42  ? 1.750   -11.540 0.075   1.00 36.55 ? 30  LEU A CB    1 
ATOM   267 C  CG    . LEU A 1 42  ? 1.602   -11.206 1.564   1.00 39.23 ? 30  LEU A CG    1 
ATOM   268 C  CD1   . LEU A 1 42  ? 0.435   -10.278 1.749   1.00 42.56 ? 30  LEU A CD1   1 
ATOM   269 C  CD2   . LEU A 1 42  ? 1.447   -12.425 2.466   1.00 39.88 ? 30  LEU A CD2   1 
ATOM   270 N  N     . GLY A 1 43  ? 3.697   -12.628 -2.550  1.00 35.48 ? 31  GLY A N     1 
ATOM   271 C  CA    . GLY A 1 43  ? 3.569   -12.930 -3.958  1.00 34.85 ? 31  GLY A CA    1 
ATOM   272 C  C     . GLY A 1 43  ? 2.734   -11.930 -4.748  1.00 35.24 ? 31  GLY A C     1 
ATOM   273 O  O     . GLY A 1 43  ? 2.216   -12.302 -5.801  1.00 35.55 ? 31  GLY A O     1 
HETATM 274 N  N     . MSE A 1 44  ? 2.625   -10.666 -4.306  1.00 34.75 ? 32  MSE A N     1 
HETATM 275 C  CA    . MSE A 1 44  ? 2.003   -9.635  -5.152  1.00 34.67 ? 32  MSE A CA    1 
HETATM 276 C  C     . MSE A 1 44  ? 2.703   -9.456  -6.474  1.00 34.10 ? 32  MSE A C     1 
HETATM 277 O  O     . MSE A 1 44  ? 3.905   -9.636  -6.583  1.00 34.86 ? 32  MSE A O     1 
HETATM 278 C  CB    . MSE A 1 44  ? 1.897   -8.248  -4.465  1.00 35.63 ? 32  MSE A CB    1 
ATOM   279 N  N     . LYS A 1 45  ? 1.941   -9.053  -7.479  1.00 33.91 ? 33  LYS A N     1 
ATOM   280 C  CA    . LYS A 1 45  ? 2.460   -8.931  -8.828  1.00 34.01 ? 33  LYS A CA    1 
ATOM   281 C  C     . LYS A 1 45  ? 3.439   -7.785  -8.913  1.00 34.19 ? 33  LYS A C     1 
ATOM   282 O  O     . LYS A 1 45  ? 4.312   -7.780  -9.762  1.00 34.01 ? 33  LYS A O     1 
ATOM   283 C  CB    . LYS A 1 45  ? 1.321   -8.698  -9.804  1.00 34.37 ? 33  LYS A CB    1 
ATOM   284 C  CG    . LYS A 1 45  ? 0.622   -9.975  -10.273 1.00 36.97 ? 33  LYS A CG    1 
ATOM   285 C  CD    . LYS A 1 45  ? -0.654  -9.652  -11.095 1.00 38.08 ? 33  LYS A CD    1 
ATOM   286 C  CE    . LYS A 1 45  ? -1.105  -10.824 -11.930 1.00 38.72 ? 33  LYS A CE    1 
ATOM   287 N  NZ    . LYS A 1 45  ? -2.583  -10.910 -11.895 1.00 41.25 ? 33  LYS A NZ    1 
ATOM   288 N  N     . GLY A 1 46  ? 3.266   -6.787  -8.045  1.00 34.32 ? 34  GLY A N     1 
ATOM   289 C  CA    . GLY A 1 46  ? 4.155   -5.675  -8.028  1.00 33.99 ? 34  GLY A CA    1 
ATOM   290 C  C     . GLY A 1 46  ? 3.723   -4.606  -7.090  1.00 33.91 ? 34  GLY A C     1 
ATOM   291 O  O     . GLY A 1 46  ? 2.626   -4.651  -6.538  1.00 33.57 ? 34  GLY A O     1 
ATOM   292 N  N     . VAL A 1 47  ? 4.612   -3.621  -6.954  1.00 33.66 ? 35  VAL A N     1 
ATOM   293 C  CA    . VAL A 1 47  ? 4.343   -2.423  -6.212  1.00 33.70 ? 35  VAL A CA    1 
ATOM   294 C  C     . VAL A 1 47  ? 5.115   -1.253  -6.743  1.00 32.29 ? 35  VAL A C     1 
ATOM   295 O  O     . VAL A 1 47  ? 6.249   -1.379  -7.196  1.00 31.85 ? 35  VAL A O     1 
ATOM   296 C  CB    . VAL A 1 47  ? 4.624   -2.624  -4.663  1.00 34.68 ? 35  VAL A CB    1 
ATOM   297 C  CG1   . VAL A 1 47  ? 6.016   -2.997  -4.465  1.00 38.15 ? 35  VAL A CG1   1 
ATOM   298 C  CG2   . VAL A 1 47  ? 4.327   -1.338  -3.831  1.00 34.03 ? 35  VAL A CG2   1 
ATOM   299 N  N     . THR A 1 48  ? 4.499   -0.085  -6.660  1.00 31.74 ? 36  THR A N     1 
ATOM   300 C  CA    . THR A 1 48  ? 5.191   1.134   -6.972  1.00 31.49 ? 36  THR A CA    1 
ATOM   301 C  C     . THR A 1 48  ? 5.053   2.108   -5.827  1.00 31.78 ? 36  THR A C     1 
ATOM   302 O  O     . THR A 1 48  ? 3.962   2.311   -5.298  1.00 32.51 ? 36  THR A O     1 
ATOM   303 C  CB    . THR A 1 48  ? 4.626   1.737   -8.259  1.00 32.27 ? 36  THR A CB    1 
ATOM   304 O  OG1   . THR A 1 48  ? 4.918   0.895   -9.381  1.00 27.87 ? 36  THR A OG1   1 
ATOM   305 C  CG2   . THR A 1 48  ? 5.333   3.052   -8.581  1.00 33.29 ? 36  THR A CG2   1 
ATOM   306 N  N     . VAL A 1 49  ? 6.164   2.707   -5.424  1.00 31.53 ? 37  VAL A N     1 
ATOM   307 C  CA    . VAL A 1 49  ? 6.181   3.610   -4.258  1.00 30.92 ? 37  VAL A CA    1 
ATOM   308 C  C     . VAL A 1 49  ? 6.547   5.036   -4.672  1.00 29.87 ? 37  VAL A C     1 
ATOM   309 O  O     . VAL A 1 49  ? 7.501   5.266   -5.409  1.00 26.56 ? 37  VAL A O     1 
ATOM   310 C  CB    . VAL A 1 49  ? 7.200   3.154   -3.157  1.00 31.56 ? 37  VAL A CB    1 
ATOM   311 C  CG1   . VAL A 1 49  ? 7.025   3.982   -1.902  1.00 32.00 ? 37  VAL A CG1   1 
ATOM   312 C  CG2   . VAL A 1 49  ? 7.014   1.718   -2.791  1.00 31.70 ? 37  VAL A CG2   1 
ATOM   313 N  N     . TYR A 1 50  ? 5.760   5.994   -4.191  1.00 30.89 ? 38  TYR A N     1 
ATOM   314 C  CA    . TYR A 1 50  ? 5.993   7.409   -4.491  1.00 31.61 ? 38  TYR A CA    1 
ATOM   315 C  C     . TYR A 1 50  ? 6.186   8.199   -3.213  1.00 31.72 ? 38  TYR A C     1 
ATOM   316 O  O     . TYR A 1 50  ? 5.660   7.827   -2.155  1.00 32.04 ? 38  TYR A O     1 
ATOM   317 C  CB    . TYR A 1 50  ? 4.785   8.009   -5.112  1.00 32.75 ? 38  TYR A CB    1 
ATOM   318 C  CG    . TYR A 1 50  ? 4.198   7.304   -6.313  1.00 36.98 ? 38  TYR A CG    1 
ATOM   319 C  CD1   . TYR A 1 50  ? 3.361   6.211   -6.169  1.00 38.70 ? 38  TYR A CD1   1 
ATOM   320 C  CD2   . TYR A 1 50  ? 4.413   7.787   -7.586  1.00 38.68 ? 38  TYR A CD2   1 
ATOM   321 C  CE1   . TYR A 1 50  ? 2.789   5.616   -7.261  1.00 39.37 ? 38  TYR A CE1   1 
ATOM   322 C  CE2   . TYR A 1 50  ? 3.841   7.204   -8.659  1.00 40.59 ? 38  TYR A CE2   1 
ATOM   323 C  CZ    . TYR A 1 50  ? 3.029   6.114   -8.507  1.00 38.69 ? 38  TYR A CZ    1 
ATOM   324 O  OH    . TYR A 1 50  ? 2.457   5.542   -9.628  1.00 40.47 ? 38  TYR A OH    1 
ATOM   325 N  N     . ARG A 1 51  ? 6.904   9.305   -3.326  1.00 30.81 ? 39  ARG A N     1 
ATOM   326 C  CA    . ARG A 1 51  ? 7.027   10.241  -2.268  1.00 30.40 ? 39  ARG A CA    1 
ATOM   327 C  C     . ARG A 1 51  ? 6.461   11.580  -2.683  1.00 30.47 ? 39  ARG A C     1 
ATOM   328 O  O     . ARG A 1 51  ? 6.823   12.117  -3.688  1.00 32.10 ? 39  ARG A O     1 
ATOM   329 C  CB    . ARG A 1 51  ? 8.468   10.373  -1.848  1.00 30.10 ? 39  ARG A CB    1 
ATOM   330 C  CG    . ARG A 1 51  ? 8.633   11.338  -0.704  1.00 30.67 ? 39  ARG A CG    1 
ATOM   331 C  CD    . ARG A 1 51  ? 10.061  11.653  -0.357  1.00 30.64 ? 39  ARG A CD    1 
ATOM   332 N  NE    . ARG A 1 51  ? 10.700  10.546  0.359   1.00 32.28 ? 39  ARG A NE    1 
ATOM   333 C  CZ    . ARG A 1 51  ? 11.671  9.777   -0.107  1.00 31.47 ? 39  ARG A CZ    1 
ATOM   334 N  NH1   . ARG A 1 51  ? 12.177  9.952   -1.319  1.00 30.81 ? 39  ARG A NH1   1 
ATOM   335 N  NH2   . ARG A 1 51  ? 12.162  8.819   0.664   1.00 33.67 ? 39  ARG A NH2   1 
ATOM   336 N  N     . GLY A 1 52  ? 5.521   12.102  -1.918  1.00 30.93 ? 40  GLY A N     1 
ATOM   337 C  CA    . GLY A 1 52  ? 4.925   13.416  -2.178  1.00 29.78 ? 40  GLY A CA    1 
ATOM   338 C  C     . GLY A 1 52  ? 5.742   14.558  -1.617  1.00 29.39 ? 40  GLY A C     1 
ATOM   339 O  O     . GLY A 1 52  ? 6.697   14.372  -0.872  1.00 30.07 ? 40  GLY A O     1 
ATOM   340 N  N     . ILE A 1 53  ? 5.334   15.755  -1.958  1.00 28.46 ? 41  ILE A N     1 
ATOM   341 C  CA    . ILE A 1 53  ? 5.978   16.930  -1.516  1.00 28.40 ? 41  ILE A CA    1 
ATOM   342 C  C     . ILE A 1 53  ? 5.192   17.656  -0.446  1.00 28.80 ? 41  ILE A C     1 
ATOM   343 O  O     . ILE A 1 53  ? 5.684   18.619  0.107   1.00 28.47 ? 41  ILE A O     1 
ATOM   344 C  CB    . ILE A 1 53  ? 6.226   17.869  -2.726  1.00 28.88 ? 41  ILE A CB    1 
ATOM   345 C  CG1   . ILE A 1 53  ? 4.903   18.278  -3.419  1.00 28.81 ? 41  ILE A CG1   1 
ATOM   346 C  CG2   . ILE A 1 53  ? 7.190   17.165  -3.716  1.00 28.03 ? 41  ILE A CG2   1 
ATOM   347 C  CD1   . ILE A 1 53  ? 4.985   19.609  -4.207  1.00 28.88 ? 41  ILE A CD1   1 
HETATM 348 N  N     . MSE A 1 54  ? 3.969   17.221  -0.175  1.00 30.16 ? 42  MSE A N     1 
HETATM 349 C  CA    . MSE A 1 54  ? 3.067   17.918  0.758   1.00 31.68 ? 42  MSE A CA    1 
HETATM 350 C  C     . MSE A 1 54  ? 1.857   17.030  0.977   1.00 31.28 ? 42  MSE A C     1 
HETATM 351 O  O     . MSE A 1 54  ? 1.479   16.260  0.098   1.00 31.81 ? 42  MSE A O     1 
HETATM 352 C  CB    . MSE A 1 54  ? 2.612   19.257  0.177   1.00 32.89 ? 42  MSE A CB    1 
HETATM 353 C  CG    . MSE A 1 54  ? 2.230   20.258  1.164   1.00 39.76 ? 42  MSE A CG    1 
HETATM 354 SE SE    . MSE A 1 54  ? 1.872   21.932  0.246   0.50 56.50 ? 42  MSE A SE    1 
HETATM 355 C  CE    . MSE A 1 54  ? 2.211   23.324  1.628   1.00 55.02 ? 42  MSE A CE    1 
ATOM   356 N  N     . GLY A 1 55  ? 1.243   17.130  2.141   1.00 30.74 ? 43  GLY A N     1 
ATOM   357 C  CA    . GLY A 1 55  ? 0.028   16.358  2.432   1.00 30.58 ? 43  GLY A CA    1 
ATOM   358 C  C     . GLY A 1 55  ? -0.563  16.635  3.801   1.00 29.31 ? 43  GLY A C     1 
ATOM   359 O  O     . GLY A 1 55  ? 0.106   17.162  4.642   1.00 29.21 ? 43  GLY A O     1 
ATOM   360 N  N     . PHE A 1 56  ? -1.825  16.321  3.991   1.00 28.91 ? 44  PHE A N     1 
ATOM   361 C  CA    . PHE A 1 56  ? -2.400  16.200  5.325   1.00 29.57 ? 44  PHE A CA    1 
ATOM   362 C  C     . PHE A 1 56  ? -3.545  15.164  5.313   1.00 30.96 ? 44  PHE A C     1 
ATOM   363 O  O     . PHE A 1 56  ? -4.110  14.836  4.253   1.00 30.59 ? 44  PHE A O     1 
ATOM   364 C  CB    . PHE A 1 56  ? -2.860  17.540  5.848   1.00 28.28 ? 44  PHE A CB    1 
ATOM   365 C  CG    . PHE A 1 56  ? -4.061  18.102  5.133   1.00 30.26 ? 44  PHE A CG    1 
ATOM   366 C  CD1   . PHE A 1 56  ? -5.363  17.693  5.480   1.00 29.75 ? 44  PHE A CD1   1 
ATOM   367 C  CD2   . PHE A 1 56  ? -3.915  19.087  4.152   1.00 29.80 ? 44  PHE A CD2   1 
ATOM   368 C  CE1   . PHE A 1 56  ? -6.482  18.247  4.851   1.00 28.79 ? 44  PHE A CE1   1 
ATOM   369 C  CE2   . PHE A 1 56  ? -5.023  19.640  3.530   1.00 28.65 ? 44  PHE A CE2   1 
ATOM   370 C  CZ    . PHE A 1 56  ? -6.302  19.209  3.861   1.00 28.59 ? 44  PHE A CZ    1 
ATOM   371 N  N     . GLY A 1 57  ? -3.862  14.637  6.480   1.00 32.53 ? 45  GLY A N     1 
ATOM   372 C  CA    . GLY A 1 57  ? -4.901  13.628  6.619   1.00 34.53 ? 45  GLY A CA    1 
ATOM   373 C  C     . GLY A 1 57  ? -5.871  13.946  7.745   1.00 36.45 ? 45  GLY A C     1 
ATOM   374 O  O     . GLY A 1 57  ? -6.073  15.090  8.068   1.00 35.29 ? 45  GLY A O     1 
ATOM   375 N  N     . HIS A 1 58  ? -6.468  12.887  8.295   1.00 40.03 ? 46  HIS A N     1 
ATOM   376 C  CA    . HIS A 1 58  ? -7.249  12.835  9.577   1.00 43.14 ? 46  HIS A CA    1 
ATOM   377 C  C     . HIS A 1 58  ? -8.622  12.180  9.337   1.00 44.65 ? 46  HIS A C     1 
ATOM   378 O  O     . HIS A 1 58  ? -8.702  10.950  9.212   1.00 46.81 ? 46  HIS A O     1 
ATOM   379 C  CB    . HIS A 1 58  ? -7.395  14.171  10.325  1.00 43.22 ? 46  HIS A CB    1 
ATOM   380 C  CG    . HIS A 1 58  ? -6.163  14.581  11.074  1.00 46.43 ? 46  HIS A CG    1 
ATOM   381 N  ND1   . HIS A 1 58  ? -4.887  14.429  10.551  1.00 48.72 ? 46  HIS A ND1   1 
ATOM   382 C  CD2   . HIS A 1 58  ? -6.010  15.161  12.294  1.00 47.96 ? 46  HIS A CD2   1 
ATOM   383 C  CE1   . HIS A 1 58  ? -4.003  14.882  11.426  1.00 49.74 ? 46  HIS A CE1   1 
ATOM   384 N  NE2   . HIS A 1 58  ? -4.657  15.333  12.490  1.00 49.83 ? 46  HIS A NE2   1 
ATOM   385 N  N     . PRO A 1 72  ? 10.563  16.859  8.629   1.00 44.02 ? 60  PRO A N     1 
ATOM   386 C  CA    . PRO A 1 72  ? 9.568   16.890  7.539   1.00 43.85 ? 60  PRO A CA    1 
ATOM   387 C  C     . PRO A 1 72  ? 8.989   15.506  7.344   1.00 43.14 ? 60  PRO A C     1 
ATOM   388 O  O     . PRO A 1 72  ? 9.751   14.559  7.167   1.00 44.31 ? 60  PRO A O     1 
ATOM   389 C  CB    . PRO A 1 72  ? 10.388  17.320  6.302   1.00 43.89 ? 60  PRO A CB    1 
ATOM   390 C  CG    . PRO A 1 72  ? 11.843  17.388  6.776   1.00 44.15 ? 60  PRO A CG    1 
ATOM   391 C  CD    . PRO A 1 72  ? 11.922  16.651  8.110   1.00 44.54 ? 60  PRO A CD    1 
ATOM   392 N  N     . ASP A 1 73  ? 7.671   15.370  7.409   1.00 41.80 ? 61  ASP A N     1 
ATOM   393 C  CA    . ASP A 1 73  ? 7.034   14.050  7.281   1.00 41.08 ? 61  ASP A CA    1 
ATOM   394 C  C     . ASP A 1 73  ? 6.195   14.083  6.021   1.00 39.00 ? 61  ASP A C     1 
ATOM   395 O  O     . ASP A 1 73  ? 5.107   14.633  5.999   1.00 40.02 ? 61  ASP A O     1 
ATOM   396 C  CB    . ASP A 1 73  ? 6.158   13.750  8.497   1.00 41.70 ? 61  ASP A CB    1 
ATOM   397 C  CG    . ASP A 1 73  ? 5.597   12.322  8.509   1.00 44.64 ? 61  ASP A CG    1 
ATOM   398 O  OD1   . ASP A 1 73  ? 6.035   11.437  7.736   1.00 44.83 ? 61  ASP A OD1   1 
ATOM   399 O  OD2   . ASP A 1 73  ? 4.697   11.986  9.320   1.00 51.67 ? 61  ASP A OD2   1 
ATOM   400 N  N     . LEU A 1 74  ? 6.755   13.533  4.963   1.00 36.56 ? 62  LEU A N     1 
ATOM   401 C  CA    . LEU A 1 74  ? 6.220   13.631  3.645   1.00 33.91 ? 62  LEU A CA    1 
ATOM   402 C  C     . LEU A 1 74  ? 5.343   12.414  3.405   1.00 33.60 ? 62  LEU A C     1 
ATOM   403 O  O     . LEU A 1 74  ? 5.564   11.345  3.975   1.00 33.25 ? 62  LEU A O     1 
ATOM   404 C  CB    . LEU A 1 74  ? 7.372   13.680  2.648   1.00 32.92 ? 62  LEU A CB    1 
ATOM   405 C  CG    . LEU A 1 74  ? 8.275   14.908  2.757   1.00 33.08 ? 62  LEU A CG    1 
ATOM   406 C  CD1   . LEU A 1 74  ? 9.477   14.800  1.828   1.00 30.94 ? 62  LEU A CD1   1 
ATOM   407 C  CD2   . LEU A 1 74  ? 7.501   16.199  2.464   1.00 34.53 ? 62  LEU A CD2   1 
ATOM   408 N  N     . PRO A 1 75  ? 4.353   12.553  2.541   1.00 33.08 ? 63  PRO A N     1 
ATOM   409 C  CA    . PRO A 1 75  ? 3.501   11.432  2.192   1.00 33.03 ? 63  PRO A CA    1 
ATOM   410 C  C     . PRO A 1 75  ? 4.334   10.340  1.537   1.00 32.75 ? 63  PRO A C     1 
ATOM   411 O  O     . PRO A 1 75  ? 5.215   10.669  0.742   1.00 32.38 ? 63  PRO A O     1 
ATOM   412 C  CB    . PRO A 1 75  ? 2.555   12.031  1.142   1.00 32.78 ? 63  PRO A CB    1 
ATOM   413 C  CG    . PRO A 1 75  ? 2.616   13.440  1.344   1.00 33.50 ? 63  PRO A CG    1 
ATOM   414 C  CD    . PRO A 1 75  ? 4.001   13.760  1.790   1.00 32.89 ? 63  PRO A CD    1 
ATOM   415 N  N     . ILE A 1 76  ? 4.053   9.080   1.849   1.00 32.85 ? 64  ILE A N     1 
ATOM   416 C  CA    . ILE A 1 76  ? 4.479   7.957   1.021   1.00 33.16 ? 64  ILE A CA    1 
ATOM   417 C  C     . ILE A 1 76  ? 3.227   7.277   0.492   1.00 34.37 ? 64  ILE A C     1 
ATOM   418 O  O     . ILE A 1 76  ? 2.273   7.082   1.230   1.00 34.20 ? 64  ILE A O     1 
ATOM   419 C  CB    . ILE A 1 76  ? 5.305   6.987   1.814   1.00 33.39 ? 64  ILE A CB    1 
ATOM   420 C  CG1   . ILE A 1 76  ? 6.576   7.652   2.360   1.00 31.08 ? 64  ILE A CG1   1 
ATOM   421 C  CG2   . ILE A 1 76  ? 5.644   5.728   0.972   1.00 35.30 ? 64  ILE A CG2   1 
ATOM   422 C  CD1   . ILE A 1 76  ? 7.545   7.997   1.340   1.00 30.85 ? 64  ILE A CD1   1 
ATOM   423 N  N     . VAL A 1 77  ? 3.200   6.981   -0.807  1.00 35.66 ? 65  VAL A N     1 
ATOM   424 C  CA    . VAL A 1 77  ? 2.062   6.309   -1.432  1.00 36.39 ? 65  VAL A CA    1 
ATOM   425 C  C     . VAL A 1 77  ? 2.520   5.011   -2.113  1.00 36.60 ? 65  VAL A C     1 
ATOM   426 O  O     . VAL A 1 77  ? 3.488   4.999   -2.853  1.00 36.19 ? 65  VAL A O     1 
ATOM   427 C  CB    . VAL A 1 77  ? 1.398   7.239   -2.438  1.00 36.50 ? 65  VAL A CB    1 
ATOM   428 C  CG1   . VAL A 1 77  ? 0.238   6.577   -3.125  1.00 36.54 ? 65  VAL A CG1   1 
ATOM   429 C  CG2   . VAL A 1 77  ? 0.952   8.464   -1.715  1.00 40.90 ? 65  VAL A CG2   1 
ATOM   430 N  N     . LEU A 1 78  ? 1.834   3.918   -1.821  1.00 37.62 ? 66  LEU A N     1 
ATOM   431 C  CA    . LEU A 1 78  ? 2.070   2.649   -2.497  1.00 38.66 ? 66  LEU A CA    1 
ATOM   432 C  C     . LEU A 1 78  ? 0.918   2.370   -3.400  1.00 38.00 ? 66  LEU A C     1 
ATOM   433 O  O     . LEU A 1 78  ? -0.235  2.526   -2.988  1.00 39.08 ? 66  LEU A O     1 
ATOM   434 C  CB    . LEU A 1 78  ? 2.133   1.502   -1.508  1.00 38.92 ? 66  LEU A CB    1 
ATOM   435 C  CG    . LEU A 1 78  ? 3.432   1.245   -0.765  1.00 41.47 ? 66  LEU A CG    1 
ATOM   436 C  CD1   . LEU A 1 78  ? 3.640   2.280   0.293   1.00 43.79 ? 66  LEU A CD1   1 
ATOM   437 C  CD2   . LEU A 1 78  ? 3.357   -0.122  -0.120  1.00 43.22 ? 66  LEU A CD2   1 
ATOM   438 N  N     . GLU A 1 79  ? 1.225   1.930   -4.606  1.00 37.04 ? 67  GLU A N     1 
ATOM   439 C  CA    . GLU A 1 79  ? 0.231   1.394   -5.525  1.00 36.51 ? 67  GLU A CA    1 
ATOM   440 C  C     . GLU A 1 79  ? 0.588   -0.058  -5.856  1.00 35.27 ? 67  GLU A C     1 
ATOM   441 O  O     . GLU A 1 79  ? 1.732   -0.372  -6.168  1.00 34.25 ? 67  GLU A O     1 
ATOM   442 C  CB    . GLU A 1 79  ? 0.207   2.177   -6.822  1.00 36.94 ? 67  GLU A CB    1 
ATOM   443 C  CG    . GLU A 1 79  ? -0.397  3.534   -6.771  1.00 39.78 ? 67  GLU A CG    1 
ATOM   444 C  CD    . GLU A 1 79  ? -0.360  4.277   -8.125  1.00 44.60 ? 67  GLU A CD    1 
ATOM   445 O  OE1   . GLU A 1 79  ? -1.229  5.143   -8.309  1.00 47.69 ? 67  GLU A OE1   1 
ATOM   446 O  OE2   . GLU A 1 79  ? 0.519   4.039   -8.997  1.00 44.14 ? 67  GLU A OE2   1 
ATOM   447 N  N     . ILE A 1 80  ? -0.411  -0.918  -5.724  1.00 34.85 ? 68  ILE A N     1 
ATOM   448 C  CA    . ILE A 1 80  ? -0.391  -2.325  -6.091  1.00 34.32 ? 68  ILE A CA    1 
ATOM   449 C  C     . ILE A 1 80  ? -1.550  -2.601  -7.061  1.00 34.61 ? 68  ILE A C     1 
ATOM   450 O  O     . ILE A 1 80  ? -2.713  -2.270  -6.742  1.00 33.85 ? 68  ILE A O     1 
ATOM   451 C  CB    . ILE A 1 80  ? -0.568  -3.140  -4.823  1.00 34.50 ? 68  ILE A CB    1 
ATOM   452 C  CG1   . ILE A 1 80  ? 0.607   -2.881  -3.845  1.00 36.48 ? 68  ILE A CG1   1 
ATOM   453 C  CG2   . ILE A 1 80  ? -0.692  -4.607  -5.132  1.00 33.21 ? 68  ILE A CG2   1 
ATOM   454 C  CD1   . ILE A 1 80  ? 0.523   -3.687  -2.537  1.00 36.79 ? 68  ILE A CD1   1 
ATOM   455 N  N     . VAL A 1 81  ? -1.243  -3.151  -8.246  1.00 34.27 ? 69  VAL A N     1 
ATOM   456 C  CA    . VAL A 1 81  ? -2.276  -3.663  -9.126  1.00 34.77 ? 69  VAL A CA    1 
ATOM   457 C  C     . VAL A 1 81  ? -2.235  -5.171  -9.172  1.00 34.24 ? 69  VAL A C     1 
ATOM   458 O  O     . VAL A 1 81  ? -1.244  -5.772  -9.540  1.00 34.94 ? 69  VAL A O     1 
ATOM   459 C  CB    . VAL A 1 81  ? -2.213  -3.008  -10.524 1.00 35.97 ? 69  VAL A CB    1 
ATOM   460 C  CG1   . VAL A 1 81  ? -3.300  -3.568  -11.422 1.00 36.58 ? 69  VAL A CG1   1 
ATOM   461 C  CG2   . VAL A 1 81  ? -2.420  -1.449  -10.381 1.00 37.22 ? 69  VAL A CG2   1 
ATOM   462 N  N     . ASP A 1 82  ? -3.312  -5.801  -8.725  1.00 34.61 ? 70  ASP A N     1 
ATOM   463 C  CA    . ASP A 1 82  ? -3.320  -7.264  -8.564  1.00 34.66 ? 70  ASP A CA    1 
ATOM   464 C  C     . ASP A 1 82  ? -4.708  -7.801  -8.631  1.00 34.15 ? 70  ASP A C     1 
ATOM   465 O  O     . ASP A 1 82  ? -5.664  -7.042  -8.684  1.00 34.71 ? 70  ASP A O     1 
ATOM   466 C  CB    . ASP A 1 82  ? -2.683  -7.676  -7.238  1.00 34.68 ? 70  ASP A CB    1 
ATOM   467 C  CG    . ASP A 1 82  ? -1.787  -8.903  -7.382  1.00 38.75 ? 70  ASP A CG    1 
ATOM   468 O  OD1   . ASP A 1 82  ? -2.234  -9.902  -8.010  1.00 40.66 ? 70  ASP A OD1   1 
ATOM   469 O  OD2   . ASP A 1 82  ? -0.628  -8.953  -6.914  1.00 41.95 ? 70  ASP A OD2   1 
ATOM   470 N  N     . GLU A 1 83  ? -4.814  -9.117  -8.628  1.00 34.50 ? 71  GLU A N     1 
ATOM   471 C  CA    . GLU A 1 83  ? -6.093  -9.790  -8.523  1.00 34.98 ? 71  GLU A CA    1 
ATOM   472 C  C     . GLU A 1 83  ? -6.769  -9.372  -7.221  1.00 35.29 ? 71  GLU A C     1 
ATOM   473 O  O     . GLU A 1 83  ? -6.110  -9.169  -6.204  1.00 34.94 ? 71  GLU A O     1 
ATOM   474 C  CB    . GLU A 1 83  ? -5.903  -11.301 -8.530  1.00 35.28 ? 71  GLU A CB    1 
ATOM   475 C  CG    . GLU A 1 83  ? -5.102  -11.862 -9.699  1.00 37.52 ? 71  GLU A CG    1 
ATOM   476 C  CD    . GLU A 1 83  ? -5.891  -12.027 -10.973 1.00 41.29 ? 71  GLU A CD    1 
ATOM   477 O  OE1   . GLU A 1 83  ? -5.282  -12.422 -12.022 1.00 46.08 ? 71  GLU A OE1   1 
ATOM   478 O  OE2   . GLU A 1 83  ? -7.098  -11.761 -10.924 1.00 40.78 ? 71  GLU A OE2   1 
ATOM   479 N  N     . GLU A 1 84  ? -8.085  -9.228  -7.260  1.00 35.67 ? 72  GLU A N     1 
ATOM   480 C  CA    . GLU A 1 84  ? -8.847  -8.904  -6.064  1.00 36.69 ? 72  GLU A CA    1 
ATOM   481 C  C     . GLU A 1 84  ? -8.531  -9.813  -4.849  1.00 35.80 ? 72  GLU A C     1 
ATOM   482 O  O     . GLU A 1 84  ? -8.466  -9.341  -3.712  1.00 35.73 ? 72  GLU A O     1 
ATOM   483 C  CB    . GLU A 1 84  ? -10.358 -9.001  -6.342  1.00 37.25 ? 72  GLU A CB    1 
ATOM   484 C  CG    . GLU A 1 84  ? -11.136 -8.158  -5.344  1.00 42.60 ? 72  GLU A CG    1 
ATOM   485 C  CD    . GLU A 1 84  ? -12.652 -8.258  -5.471  1.00 48.40 ? 72  GLU A CD    1 
ATOM   486 O  OE1   . GLU A 1 84  ? -13.123 -8.945  -6.412  1.00 53.22 ? 72  GLU A OE1   1 
ATOM   487 O  OE2   . GLU A 1 84  ? -13.354 -7.635  -4.621  1.00 50.81 ? 72  GLU A OE2   1 
ATOM   488 N  N     . GLU A 1 85  ? -8.381  -11.117 -5.081  1.00 34.96 ? 73  GLU A N     1 
ATOM   489 C  CA    A GLU A 1 85  ? -8.115  -12.059 -4.018  0.50 34.19 ? 73  GLU A CA    1 
ATOM   490 C  CA    B GLU A 1 85  ? -8.155  -12.017 -3.966  0.25 34.46 ? 73  GLU A CA    1 
ATOM   491 C  C     . GLU A 1 85  ? -6.813  -11.683 -3.333  1.00 34.39 ? 73  GLU A C     1 
ATOM   492 O  O     . GLU A 1 85  ? -6.702  -11.704 -2.114  1.00 33.96 ? 73  GLU A O     1 
ATOM   493 C  CB    A GLU A 1 85  ? -8.042  -13.467 -4.583  0.50 33.76 ? 73  GLU A CB    1 
ATOM   494 C  CB    B GLU A 1 85  ? -8.262  -13.489 -4.366  0.25 34.18 ? 73  GLU A CB    1 
ATOM   495 C  CG    A GLU A 1 85  ? -9.380  -13.997 -5.052  0.50 32.93 ? 73  GLU A CG    1 
ATOM   496 C  CG    B GLU A 1 85  ? -9.688  -13.965 -4.618  0.25 33.94 ? 73  GLU A CG    1 
ATOM   497 C  CD    A GLU A 1 85  ? -9.665  -13.819 -6.546  0.50 32.91 ? 73  GLU A CD    1 
ATOM   498 C  CD    B GLU A 1 85  ? -10.655 -13.705 -3.463  0.25 33.76 ? 73  GLU A CD    1 
ATOM   499 O  OE1   A GLU A 1 85  ? -9.083  -12.925 -7.228  0.50 23.90 ? 73  GLU A OE1   1 
ATOM   500 O  OE1   B GLU A 1 85  ? -10.472 -14.256 -2.363  0.25 33.16 ? 73  GLU A OE1   1 
ATOM   501 O  OE2   A GLU A 1 85  ? -10.519 -14.619 -7.034  0.50 36.26 ? 73  GLU A OE2   1 
ATOM   502 O  OE2   B GLU A 1 85  ? -11.639 -12.965 -3.661  0.25 34.54 ? 73  GLU A OE2   1 
ATOM   503 N  N     . ARG A 1 86  ? -5.823  -11.309 -4.132  1.00 34.79 ? 74  ARG A N     1 
ATOM   504 C  CA    . ARG A 1 86  ? -4.524  -10.943 -3.551  1.00 35.69 ? 74  ARG A CA    1 
ATOM   505 C  C     . ARG A 1 86  ? -4.577  -9.636  -2.745  1.00 35.58 ? 74  ARG A C     1 
ATOM   506 O  O     . ARG A 1 86  ? -4.036  -9.559  -1.631  1.00 35.84 ? 74  ARG A O     1 
ATOM   507 C  CB    . ARG A 1 86  ? -3.412  -10.889 -4.588  1.00 35.80 ? 74  ARG A CB    1 
ATOM   508 C  CG    . ARG A 1 86  ? -2.360  -11.915 -4.367  1.00 36.58 ? 74  ARG A CG    1 
ATOM   509 C  CD    . ARG A 1 86  ? -1.172  -11.820 -5.280  1.00 37.72 ? 74  ARG A CD    1 
ATOM   510 N  NE    . ARG A 1 86  ? -0.866  -13.104 -5.884  1.00 39.28 ? 74  ARG A NE    1 
ATOM   511 C  CZ    . ARG A 1 86  ? -0.979  -13.401 -7.187  1.00 43.20 ? 74  ARG A CZ    1 
ATOM   512 N  NH1   . ARG A 1 86  ? -1.427  -12.515 -8.083  1.00 43.75 ? 74  ARG A NH1   1 
ATOM   513 N  NH2   . ARG A 1 86  ? -0.652  -14.630 -7.600  1.00 43.33 ? 74  ARG A NH2   1 
ATOM   514 N  N     . ILE A 1 87  ? -5.249  -8.639  -3.282  1.00 35.51 ? 75  ILE A N     1 
ATOM   515 C  CA    . ILE A 1 87  ? -5.408  -7.357  -2.593  1.00 35.98 ? 75  ILE A CA    1 
ATOM   516 C  C     . ILE A 1 87  ? -6.119  -7.644  -1.285  1.00 35.70 ? 75  ILE A C     1 
ATOM   517 O  O     . ILE A 1 87  ? -5.715  -7.184  -0.238  1.00 35.05 ? 75  ILE A O     1 
ATOM   518 C  CB    . ILE A 1 87  ? -6.187  -6.342  -3.488  1.00 36.27 ? 75  ILE A CB    1 
ATOM   519 C  CG1   . ILE A 1 87  ? -5.250  -5.392  -4.216  1.00 38.58 ? 75  ILE A CG1   1 
ATOM   520 C  CG2   . ILE A 1 87  ? -7.015  -5.407  -2.683  1.00 36.90 ? 75  ILE A CG2   1 
ATOM   521 C  CD1   . ILE A 1 87  ? -4.482  -5.948  -5.203  1.00 40.46 ? 75  ILE A CD1   1 
ATOM   522 N  N     . ASN A 1 88  ? -7.164  -8.457  -1.331  1.00 36.40 ? 76  ASN A N     1 
ATOM   523 C  CA    . ASN A 1 88  ? -7.866  -8.814  -0.111  1.00 36.85 ? 76  ASN A CA    1 
ATOM   524 C  C     . ASN A 1 88  ? -7.004  -9.463  0.940   1.00 36.66 ? 76  ASN A C     1 
ATOM   525 O  O     . ASN A 1 88  ? -7.181  -9.203  2.117   1.00 36.20 ? 76  ASN A O     1 
ATOM   526 C  CB    . ASN A 1 88  ? -9.044  -9.714  -0.422  1.00 37.11 ? 76  ASN A CB    1 
ATOM   527 C  CG    . ASN A 1 88  ? -10.201 -8.946  -0.978  1.00 39.29 ? 76  ASN A CG    1 
ATOM   528 O  OD1   . ASN A 1 88  ? -10.239 -7.695  -0.914  1.00 42.52 ? 76  ASN A OD1   1 
ATOM   529 N  ND2   . ASN A 1 88  ? -11.172 -9.669  -1.513  1.00 41.28 ? 76  ASN A ND2   1 
ATOM   530 N  N     . LEU A 1 89  ? -6.079  -10.307 0.507   1.00 36.99 ? 77  LEU A N     1 
ATOM   531 C  CA    . LEU A 1 89  ? -5.206  -11.019 1.425   1.00 37.71 ? 77  LEU A CA    1 
ATOM   532 C  C     . LEU A 1 89  ? -4.256  -10.045 2.102   1.00 38.02 ? 77  LEU A C     1 
ATOM   533 O  O     . LEU A 1 89  ? -4.046  -10.093 3.314   1.00 37.09 ? 77  LEU A O     1 
ATOM   534 C  CB    . LEU A 1 89  ? -4.412  -12.066 0.655   1.00 38.26 ? 77  LEU A CB    1 
ATOM   535 C  CG    . LEU A 1 89  ? -3.530  -13.038 1.414   1.00 38.45 ? 77  LEU A CG    1 
ATOM   536 C  CD1   . LEU A 1 89  ? -4.144  -13.494 2.759   1.00 39.38 ? 77  LEU A CD1   1 
ATOM   537 C  CD2   . LEU A 1 89  ? -3.278  -14.216 0.494   1.00 39.83 ? 77  LEU A CD2   1 
ATOM   538 N  N     . PHE A 1 90  ? -3.703  -9.147  1.291   1.00 38.80 ? 78  PHE A N     1 
ATOM   539 C  CA    . PHE A 1 90  ? -2.900  -8.049  1.793   1.00 39.65 ? 78  PHE A CA    1 
ATOM   540 C  C     . PHE A 1 90  ? -3.705  -7.184  2.752   1.00 39.52 ? 78  PHE A C     1 
ATOM   541 O  O     . PHE A 1 90  ? -3.177  -6.823  3.789   1.00 40.08 ? 78  PHE A O     1 
ATOM   542 C  CB    . PHE A 1 90  ? -2.381  -7.177  0.642   1.00 40.53 ? 78  PHE A CB    1 
ATOM   543 C  CG    . PHE A 1 90  ? -1.178  -6.362  0.999   1.00 42.56 ? 78  PHE A CG    1 
ATOM   544 C  CD1   . PHE A 1 90  ? -0.058  -6.963  1.518   1.00 45.71 ? 78  PHE A CD1   1 
ATOM   545 C  CD2   . PHE A 1 90  ? -1.151  -5.011  0.794   1.00 45.36 ? 78  PHE A CD2   1 
ATOM   546 C  CE1   . PHE A 1 90  ? 1.070   -6.234  1.824   1.00 46.12 ? 78  PHE A CE1   1 
ATOM   547 C  CE2   . PHE A 1 90  ? -0.017  -4.276  1.104   1.00 45.44 ? 78  PHE A CE2   1 
ATOM   548 C  CZ    . PHE A 1 90  ? 1.088   -4.898  1.614   1.00 45.18 ? 78  PHE A CZ    1 
ATOM   549 N  N     . LEU A 1 91  ? -4.966  -6.869  2.436   1.00 39.04 ? 79  LEU A N     1 
ATOM   550 C  CA    . LEU A 1 91  ? -5.772  -6.060  3.349   1.00 39.17 ? 79  LEU A CA    1 
ATOM   551 C  C     . LEU A 1 91  ? -5.811  -6.718  4.707   1.00 39.56 ? 79  LEU A C     1 
ATOM   552 O  O     . LEU A 1 91  ? -5.655  -6.029  5.701   1.00 38.75 ? 79  LEU A O     1 
ATOM   553 C  CB    . LEU A 1 91  ? -7.180  -5.737  2.822   1.00 38.32 ? 79  LEU A CB    1 
ATOM   554 C  CG    . LEU A 1 91  ? -7.103  -4.748  1.643   1.00 39.63 ? 79  LEU A CG    1 
ATOM   555 C  CD1   . LEU A 1 91  ? -8.405  -4.562  0.925   1.00 39.82 ? 79  LEU A CD1   1 
ATOM   556 C  CD2   . LEU A 1 91  ? -6.569  -3.392  2.056   1.00 40.98 ? 79  LEU A CD2   1 
ATOM   557 N  N     . LYS A 1 92  ? -5.939  -8.041  4.754   1.00 41.37 ? 80  LYS A N     1 
ATOM   558 C  CA    . LYS A 1 92  ? -6.045  -8.748  6.043   1.00 43.23 ? 80  LYS A CA    1 
ATOM   559 C  C     . LYS A 1 92  ? -4.792  -8.588  6.931   1.00 44.94 ? 80  LYS A C     1 
ATOM   560 O  O     . LYS A 1 92  ? -4.907  -8.519  8.137   1.00 44.77 ? 80  LYS A O     1 
ATOM   561 C  CB    . LYS A 1 92  ? -6.390  -10.228 5.847   1.00 43.24 ? 80  LYS A CB    1 
ATOM   562 C  CG    . LYS A 1 92  ? -7.861  -10.564 6.088   1.00 44.55 ? 80  LYS A CG    1 
ATOM   563 N  N     . GLU A 1 93  ? -3.610  -8.499  6.322   1.00 47.59 ? 81  GLU A N     1 
ATOM   564 C  CA    . GLU A 1 93  ? -2.377  -8.092  7.019   1.00 49.52 ? 81  GLU A CA    1 
ATOM   565 C  C     . GLU A 1 93  ? -2.334  -6.634  7.452   1.00 50.50 ? 81  GLU A C     1 
ATOM   566 O  O     . GLU A 1 93  ? -2.091  -6.312  8.593   1.00 51.64 ? 81  GLU A O     1 
ATOM   567 C  CB    . GLU A 1 93  ? -1.195  -8.335  6.118   1.00 50.06 ? 81  GLU A CB    1 
ATOM   568 C  CG    . GLU A 1 93  ? -0.868  -9.813  6.018   1.00 52.26 ? 81  GLU A CG    1 
ATOM   569 C  CD    . GLU A 1 93  ? 0.611   -10.064 6.183   1.00 55.35 ? 81  GLU A CD    1 
ATOM   570 O  OE1   . GLU A 1 93  ? 0.993   -10.963 6.961   1.00 58.48 ? 81  GLU A OE1   1 
ATOM   571 O  OE2   . GLU A 1 93  ? 1.399   -9.348  5.546   1.00 59.48 ? 81  GLU A OE2   1 
ATOM   572 N  N     . ILE A 1 94  ? -2.590  -5.734  6.543   1.00 52.11 ? 82  ILE A N     1 
ATOM   573 C  CA    . ILE A 1 94  ? -2.676  -4.331  6.910   1.00 53.06 ? 82  ILE A CA    1 
ATOM   574 C  C     . ILE A 1 94  ? -3.583  -4.063  8.122   1.00 53.10 ? 82  ILE A C     1 
ATOM   575 O  O     . ILE A 1 94  ? -3.407  -3.071  8.802   1.00 53.18 ? 82  ILE A O     1 
ATOM   576 C  CB    . ILE A 1 94  ? -3.175  -3.558  5.699   1.00 53.36 ? 82  ILE A CB    1 
ATOM   577 C  CG1   . ILE A 1 94  ? -2.093  -3.508  4.654   1.00 53.95 ? 82  ILE A CG1   1 
ATOM   578 C  CG2   . ILE A 1 94  ? -3.623  -2.101  6.042   1.00 54.91 ? 82  ILE A CG2   1 
ATOM   579 C  CD1   . ILE A 1 94  ? -2.686  -3.135  3.281   1.00 57.39 ? 82  ILE A CD1   1 
ATOM   580 N  N     . ASP A 1 95  ? -4.562  -4.925  8.366   1.00 53.68 ? 83  ASP A N     1 
ATOM   581 C  CA    . ASP A 1 95  ? -5.555  -4.700  9.424   1.00 54.28 ? 83  ASP A CA    1 
ATOM   582 C  C     . ASP A 1 95  ? -4.906  -4.739  10.824  1.00 53.70 ? 83  ASP A C     1 
ATOM   583 O  O     . ASP A 1 95  ? -5.204  -3.893  11.667  1.00 53.58 ? 83  ASP A O     1 
ATOM   584 C  CB    . ASP A 1 95  ? -6.706  -5.726  9.319   1.00 54.78 ? 83  ASP A CB    1 
ATOM   585 C  CG    . ASP A 1 95  ? -7.952  -5.316  10.121  1.00 57.48 ? 83  ASP A CG    1 
ATOM   586 O  OD1   . ASP A 1 95  ? -8.328  -4.123  10.076  1.00 61.70 ? 83  ASP A OD1   1 
ATOM   587 O  OD2   . ASP A 1 95  ? -8.625  -6.119  10.819  1.00 60.50 ? 83  ASP A OD2   1 
ATOM   588 N  N     . ASN A 1 96  ? -4.004  -5.691  11.047  1.00 52.90 ? 84  ASN A N     1 
ATOM   589 C  CA    . ASN A 1 96  ? -3.274  -5.765  12.298  1.00 52.70 ? 84  ASN A CA    1 
ATOM   590 C  C     . ASN A 1 96  ? -2.309  -4.592  12.555  1.00 52.44 ? 84  ASN A C     1 
ATOM   591 O  O     . ASN A 1 96  ? -1.785  -4.481  13.640  1.00 52.74 ? 84  ASN A O     1 
ATOM   592 C  CB    . ASN A 1 96  ? -2.531  -7.097  12.390  1.00 52.72 ? 84  ASN A CB    1 
ATOM   593 N  N     . ILE A 1 97  ? -2.086  -3.715  11.585  1.00 52.41 ? 85  ILE A N     1 
ATOM   594 C  CA    . ILE A 1 97  ? -1.210  -2.551  11.775  1.00 52.60 ? 85  ILE A CA    1 
ATOM   595 C  C     . ILE A 1 97  ? -1.964  -1.243  12.059  1.00 52.25 ? 85  ILE A C     1 
ATOM   596 O  O     . ILE A 1 97  ? -2.798  -0.810  11.256  1.00 52.51 ? 85  ILE A O     1 
ATOM   597 C  CB    . ILE A 1 97  ? -0.350  -2.294  10.514  1.00 52.98 ? 85  ILE A CB    1 
ATOM   598 C  CG1   . ILE A 1 97  ? 0.543   -3.483  10.174  1.00 53.77 ? 85  ILE A CG1   1 
ATOM   599 C  CG2   . ILE A 1 97  ? 0.540   -1.045  10.694  1.00 53.16 ? 85  ILE A CG2   1 
ATOM   600 C  CD1   . ILE A 1 97  ? 1.078   -3.379  8.746   1.00 55.14 ? 85  ILE A CD1   1 
ATOM   601 N  N     . ASP A 1 98  ? -1.597  -0.587  13.161  1.00 51.77 ? 86  ASP A N     1 
ATOM   602 C  CA    . ASP A 1 98  ? -2.053  0.769   13.464  1.00 51.26 ? 86  ASP A CA    1 
ATOM   603 C  C     . ASP A 1 98  ? -1.174  1.812   12.739  1.00 50.73 ? 86  ASP A C     1 
ATOM   604 O  O     . ASP A 1 98  ? -0.026  2.034   13.104  1.00 51.27 ? 86  ASP A O     1 
ATOM   605 C  CB    . ASP A 1 98  ? -2.039  1.014   14.985  1.00 50.93 ? 86  ASP A CB    1 
ATOM   606 N  N     . PHE A 1 99  ? -1.707  2.412   11.682  1.00 49.81 ? 87  PHE A N     1 
ATOM   607 C  CA    . PHE A 1 99  ? -1.198  3.693   11.155  1.00 48.96 ? 87  PHE A CA    1 
ATOM   608 C  C     . PHE A 1 99  ? -2.446  4.468   10.741  1.00 48.63 ? 87  PHE A C     1 
ATOM   609 O  O     . PHE A 1 99  ? -3.517  3.869   10.642  1.00 49.01 ? 87  PHE A O     1 
ATOM   610 C  CB    . PHE A 1 99  ? -0.231  3.505   9.967   1.00 48.60 ? 87  PHE A CB    1 
ATOM   611 C  CG    . PHE A 1 99  ? -0.879  2.927   8.725   1.00 46.52 ? 87  PHE A CG    1 
ATOM   612 C  CD1   . PHE A 1 99  ? -1.119  3.723   7.610   1.00 45.09 ? 87  PHE A CD1   1 
ATOM   613 C  CD2   . PHE A 1 99  ? -1.263  1.596   8.677   1.00 45.44 ? 87  PHE A CD2   1 
ATOM   614 C  CE1   . PHE A 1 99  ? -1.717  3.196   6.473   1.00 43.23 ? 87  PHE A CE1   1 
ATOM   615 C  CE2   . PHE A 1 99  ? -1.854  1.067   7.536   1.00 44.30 ? 87  PHE A CE2   1 
ATOM   616 C  CZ    . PHE A 1 99  ? -2.082  1.867   6.445   1.00 43.57 ? 87  PHE A CZ    1 
ATOM   617 N  N     . ASP A 1 100 ? -2.335  5.772   10.507  1.00 48.04 ? 88  ASP A N     1 
ATOM   618 C  CA    . ASP A 1 100 ? -3.515  6.541   10.065  1.00 48.03 ? 88  ASP A CA    1 
ATOM   619 C  C     . ASP A 1 100 ? -3.657  6.521   8.536   1.00 47.13 ? 88  ASP A C     1 
ATOM   620 O  O     . ASP A 1 100 ? -4.129  5.521   7.963   1.00 48.02 ? 88  ASP A O     1 
ATOM   621 C  CB    . ASP A 1 100 ? -3.494  7.974   10.624  1.00 48.83 ? 88  ASP A CB    1 
ATOM   622 N  N     . GLY A 1 101 ? -3.234  7.590   7.859   1.00 44.79 ? 89  GLY A N     1 
ATOM   623 C  CA    . GLY A 1 101 ? -3.259  7.589   6.393   1.00 42.67 ? 89  GLY A CA    1 
ATOM   624 C  C     . GLY A 1 101 ? -4.569  7.191   5.756   1.00 40.31 ? 89  GLY A C     1 
ATOM   625 O  O     . GLY A 1 101 ? -5.619  7.575   6.212   1.00 40.63 ? 89  GLY A O     1 
ATOM   626 N  N     . LEU A 1 102 ? -4.509  6.461   4.659   1.00 38.64 ? 90  LEU A N     1 
ATOM   627 C  CA    . LEU A 1 102 ? -5.708  6.136   3.881   1.00 36.47 ? 90  LEU A CA    1 
ATOM   628 C  C     . LEU A 1 102 ? -5.454  4.931   3.016   1.00 33.68 ? 90  LEU A C     1 
ATOM   629 O  O     . LEU A 1 102 ? -4.395  4.821   2.512   1.00 32.77 ? 90  LEU A O     1 
ATOM   630 C  CB    . LEU A 1 102 ? -6.069  7.304   2.976   1.00 36.97 ? 90  LEU A CB    1 
ATOM   631 C  CG    . LEU A 1 102 ? -7.361  7.122   2.160   1.00 38.27 ? 90  LEU A CG    1 
ATOM   632 C  CD1   . LEU A 1 102 ? -8.496  7.630   2.928   1.00 39.67 ? 90  LEU A CD1   1 
ATOM   633 C  CD2   . LEU A 1 102 ? -7.251  7.826   0.895   1.00 39.94 ? 90  LEU A CD2   1 
ATOM   634 N  N     . VAL A 1 103 ? -6.443  4.049   2.868   1.00 31.83 ? 91  VAL A N     1 
ATOM   635 C  CA    . VAL A 1 103 ? -6.405  2.911   1.951   1.00 31.11 ? 91  VAL A CA    1 
ATOM   636 C  C     . VAL A 1 103 ? -7.633  2.885   1.069   1.00 30.95 ? 91  VAL A C     1 
ATOM   637 O  O     . VAL A 1 103 ? -8.770  2.989   1.554   1.00 31.03 ? 91  VAL A O     1 
ATOM   638 C  CB    . VAL A 1 103 ? -6.306  1.578   2.714   1.00 31.55 ? 91  VAL A CB    1 
ATOM   639 C  CG1   . VAL A 1 103 ? -6.074  0.411   1.765   1.00 30.60 ? 91  VAL A CG1   1 
ATOM   640 C  CG2   . VAL A 1 103 ? -5.163  1.646   3.745   1.00 31.00 ? 91  VAL A CG2   1 
ATOM   641 N  N     . PHE A 1 104 ? -7.435  2.787   -0.243  1.00 31.02 ? 92  PHE A N     1 
ATOM   642 C  CA    . PHE A 1 104 ? -8.567  2.572   -1.096  1.00 31.14 ? 92  PHE A CA    1 
ATOM   643 C  C     . PHE A 1 104 ? -8.275  1.593   -2.205  1.00 31.13 ? 92  PHE A C     1 
ATOM   644 O  O     . PHE A 1 104 ? -7.133  1.308   -2.492  1.00 32.08 ? 92  PHE A O     1 
ATOM   645 C  CB    . PHE A 1 104 ? -9.148  3.903   -1.603  1.00 32.01 ? 92  PHE A CB    1 
ATOM   646 C  CG    . PHE A 1 104 ? -8.352  4.583   -2.712  1.00 33.44 ? 92  PHE A CG    1 
ATOM   647 C  CD1   . PHE A 1 104 ? -8.430  4.130   -4.024  1.00 34.68 ? 92  PHE A CD1   1 
ATOM   648 C  CD2   . PHE A 1 104 ? -7.571  5.701   -2.441  1.00 35.08 ? 92  PHE A CD2   1 
ATOM   649 C  CE1   . PHE A 1 104 ? -7.749  4.748   -5.035  1.00 33.81 ? 92  PHE A CE1   1 
ATOM   650 C  CE2   . PHE A 1 104 ? -6.887  6.340   -3.461  1.00 35.95 ? 92  PHE A CE2   1 
ATOM   651 C  CZ    . PHE A 1 104 ? -6.986  5.871   -4.759  1.00 36.06 ? 92  PHE A CZ    1 
ATOM   652 N  N     . THR A 1 105 ? -9.330  1.024   -2.761  1.00 31.16 ? 93  THR A N     1 
ATOM   653 C  CA    . THR A 1 105 ? -9.234  0.239   -3.952  1.00 31.69 ? 93  THR A CA    1 
ATOM   654 C  C     . THR A 1 105 ? -10.128 0.830   -5.055  1.00 31.93 ? 93  THR A C     1 
ATOM   655 O  O     . THR A 1 105 ? -11.049 1.602   -4.801  1.00 32.37 ? 93  THR A O     1 
ATOM   656 C  CB    . THR A 1 105 ? -9.696  -1.198  -3.740  1.00 31.51 ? 93  THR A CB    1 
ATOM   657 O  OG1   . THR A 1 105 ? -11.085 -1.187  -3.379  1.00 31.04 ? 93  THR A OG1   1 
ATOM   658 C  CG2   . THR A 1 105 ? -8.986  -1.890  -2.603  1.00 31.61 ? 93  THR A CG2   1 
ATOM   659 N  N     . ALA A 1 106 ? -9.855  0.382   -6.271  1.00 31.72 ? 94  ALA A N     1 
ATOM   660 C  CA    . ALA A 1 106 ? -10.557 0.827   -7.470  1.00 31.68 ? 94  ALA A CA    1 
ATOM   661 C  C     . ALA A 1 106 ? -10.385 -0.269  -8.545  1.00 31.35 ? 94  ALA A C     1 
ATOM   662 O  O     . ALA A 1 106 ? -9.398  -1.029  -8.567  1.00 31.05 ? 94  ALA A O     1 
ATOM   663 C  CB    . ALA A 1 106 ? -9.963  2.155   -7.932  1.00 31.43 ? 94  ALA A CB    1 
ATOM   664 N  N     . ASP A 1 107 ? -11.348 -0.356  -9.420  1.00 31.26 ? 95  ASP A N     1 
ATOM   665 C  CA    . ASP A 1 107 ? -11.309 -1.323  -10.496 1.00 32.29 ? 95  ASP A CA    1 
ATOM   666 C  C     . ASP A 1 107 ? -10.481 -0.751  -11.631 1.00 32.33 ? 95  ASP A C     1 
ATOM   667 O  O     . ASP A 1 107 ? -10.623 0.417   -11.996 1.00 32.37 ? 95  ASP A O     1 
ATOM   668 C  CB    . ASP A 1 107 ? -12.707 -1.576  -11.009 1.00 31.82 ? 95  ASP A CB    1 
ATOM   669 C  CG    . ASP A 1 107 ? -13.554 -2.324  -10.009 1.00 35.40 ? 95  ASP A CG    1 
ATOM   670 O  OD1   . ASP A 1 107 ? -13.085 -3.335  -9.414  1.00 37.39 ? 95  ASP A OD1   1 
ATOM   671 O  OD2   . ASP A 1 107 ? -14.714 -1.952  -9.729  1.00 41.43 ? 95  ASP A OD2   1 
ATOM   672 N  N     . VAL A 1 108 ? -9.620  -1.577  -12.199 1.00 32.17 ? 96  VAL A N     1 
ATOM   673 C  CA    . VAL A 1 108 ? -8.904  -1.167  -13.381 1.00 31.82 ? 96  VAL A CA    1 
ATOM   674 C  C     . VAL A 1 108 ? -8.896  -2.303  -14.354 1.00 31.68 ? 96  VAL A C     1 
ATOM   675 O  O     . VAL A 1 108 ? -9.204  -3.444  -14.020 1.00 31.61 ? 96  VAL A O     1 
ATOM   676 C  CB    . VAL A 1 108 ? -7.448  -0.709  -13.068 1.00 31.55 ? 96  VAL A CB    1 
ATOM   677 C  CG1   . VAL A 1 108 ? -7.426  0.388   -12.048 1.00 30.18 ? 96  VAL A CG1   1 
ATOM   678 C  CG2   . VAL A 1 108 ? -6.605  -1.881  -12.604 1.00 32.34 ? 96  VAL A CG2   1 
ATOM   679 N  N     . ASN A 1 109 ? -8.571  -1.966  -15.589 1.00 31.99 ? 97  ASN A N     1 
ATOM   680 C  CA    . ASN A 1 109 ? -8.415  -2.938  -16.628 1.00 32.13 ? 97  ASN A CA    1 
ATOM   681 C  C     . ASN A 1 109 ? -6.965  -2.973  -17.076 1.00 31.43 ? 97  ASN A C     1 
ATOM   682 O  O     . ASN A 1 109 ? -6.454  -2.016  -17.646 1.00 30.40 ? 97  ASN A O     1 
ATOM   683 C  CB    . ASN A 1 109 ? -9.293  -2.553  -17.786 1.00 33.18 ? 97  ASN A CB    1 
ATOM   684 C  CG    . ASN A 1 109 ? -10.030 -3.690  -18.294 1.00 39.70 ? 97  ASN A CG    1 
ATOM   685 O  OD1   . ASN A 1 109 ? -10.937 -4.197  -17.584 1.00 50.10 ? 97  ASN A OD1   1 
ATOM   686 N  ND2   . ASN A 1 109 ? -9.647  -4.191  -19.492 1.00 43.30 ? 97  ASN A ND2   1 
ATOM   687 N  N     . VAL A 1 110 ? -6.309  -4.085  -16.816 1.00 31.09 ? 98  VAL A N     1 
ATOM   688 C  CA    . VAL A 1 110 ? -4.943  -4.266  -17.211 1.00 31.88 ? 98  VAL A CA    1 
ATOM   689 C  C     . VAL A 1 110 ? -4.884  -4.696  -18.663 1.00 32.47 ? 98  VAL A C     1 
ATOM   690 O  O     . VAL A 1 110 ? -5.606  -5.565  -19.050 1.00 32.19 ? 98  VAL A O     1 
ATOM   691 C  CB    . VAL A 1 110 ? -4.258  -5.305  -16.299 1.00 31.66 ? 98  VAL A CB    1 
ATOM   692 C  CG1   . VAL A 1 110 ? -2.940  -5.779  -16.863 1.00 32.87 ? 98  VAL A CG1   1 
ATOM   693 C  CG2   . VAL A 1 110 ? -4.075  -4.706  -14.943 1.00 31.70 ? 98  VAL A CG2   1 
ATOM   694 N  N     . VAL A 1 111 ? -4.006  -4.088  -19.452 1.00 34.08 ? 99  VAL A N     1 
ATOM   695 C  CA    . VAL A 1 111 ? -3.815  -4.507  -20.838 1.00 35.92 ? 99  VAL A CA    1 
ATOM   696 C  C     . VAL A 1 111 ? -2.535  -5.351  -20.946 1.00 37.32 ? 99  VAL A C     1 
ATOM   697 O  O     . VAL A 1 111 ? -1.502  -4.979  -20.385 1.00 37.51 ? 99  VAL A O     1 
ATOM   698 C  CB    . VAL A 1 111 ? -3.732  -3.266  -21.764 1.00 36.33 ? 99  VAL A CB    1 
ATOM   699 C  CG1   . VAL A 1 111 ? -3.496  -3.690  -23.241 1.00 36.22 ? 99  VAL A CG1   1 
ATOM   700 C  CG2   . VAL A 1 111 ? -5.003  -2.415  -21.614 1.00 36.35 ? 99  VAL A CG2   1 
ATOM   701 N  N     . LYS A 1 112 ? -2.613  -6.485  -21.647 1.00 39.40 ? 100 LYS A N     1 
ATOM   702 C  CA    . LYS A 1 112 ? -1.463  -7.448  -21.789 1.00 41.07 ? 100 LYS A CA    1 
ATOM   703 C  C     . LYS A 1 112 ? -0.455  -7.172  -22.914 1.00 40.62 ? 100 LYS A C     1 
ATOM   704 O  O     . LYS A 1 112 ? -0.811  -7.136  -24.078 1.00 40.30 ? 100 LYS A O     1 
ATOM   705 C  CB    . LYS A 1 112 ? -1.985  -8.885  -21.933 1.00 41.69 ? 100 LYS A CB    1 
ATOM   706 C  CG    . LYS A 1 112 ? -2.776  -9.341  -20.696 1.00 44.88 ? 100 LYS A CG    1 
ATOM   707 C  CD    . LYS A 1 112 ? -2.036  -8.987  -19.361 1.00 48.43 ? 100 LYS A CD    1 
ATOM   708 C  CE    . LYS A 1 112 ? -2.355  -9.994  -18.229 1.00 49.78 ? 100 LYS A CE    1 
ATOM   709 N  NZ    . LYS A 1 112 ? -1.899  -11.387 -18.658 1.00 49.53 ? 100 LYS A NZ    1 
HETATM 710 S  S     . SO4 B 2 .   ? -0.310  8.247   -8.254  0.33 53.18 ? 301 SO4 A S     1 
HETATM 711 O  O1    . SO4 B 2 .   ? 0.314   7.679   -9.462  0.33 53.60 ? 301 SO4 A O1    1 
HETATM 712 O  O2    . SO4 B 2 .   ? -0.276  7.312   -7.130  0.33 52.03 ? 301 SO4 A O2    1 
HETATM 713 O  O3    . SO4 B 2 .   ? -1.682  8.613   -8.596  0.33 52.98 ? 301 SO4 A O3    1 
HETATM 714 O  O4    . SO4 B 2 .   ? 0.447   9.429   -7.842  0.33 54.21 ? 301 SO4 A O4    1 
HETATM 715 S  S     . SO4 C 2 .   ? -5.041  7.715   -10.037 0.33 62.63 ? 302 SO4 A S     1 
HETATM 716 O  O1    . SO4 C 2 .   ? -3.681  7.213   -10.194 0.33 62.03 ? 302 SO4 A O1    1 
HETATM 717 O  O2    . SO4 C 2 .   ? -5.110  8.496   -8.810  0.33 62.91 ? 302 SO4 A O2    1 
HETATM 718 O  O3    . SO4 C 2 .   ? -5.948  6.608   -9.993  0.33 61.96 ? 302 SO4 A O3    1 
HETATM 719 O  O4    . SO4 C 2 .   ? -5.382  8.588   -11.150 0.33 62.55 ? 302 SO4 A O4    1 
HETATM 720 P  PB    . ADP D 3 .   ? -1.027  13.824  8.688   1.00 39.52 ? 200 ADP A PB    1 
HETATM 721 O  O1B   . ADP D 3 .   ? -2.026  14.920  8.854   1.00 38.27 ? 200 ADP A O1B   1 
HETATM 722 O  O2B   . ADP D 3 .   ? -0.253  13.955  10.051  1.00 42.03 ? 200 ADP A O2B   1 
HETATM 723 O  O3B   . ADP D 3 .   ? -0.062  13.882  7.492   1.00 37.49 ? 200 ADP A O3B   1 
HETATM 724 P  PA    . ADP D 3 .   ? -2.155  11.061  8.128   1.00 33.65 ? 200 ADP A PA    1 
HETATM 725 O  O1A   . ADP D 3 .   ? -1.428  10.034  8.844   1.00 37.38 ? 200 ADP A O1A   1 
HETATM 726 O  O2A   . ADP D 3 .   ? -3.623  10.798  8.409   1.00 36.80 ? 200 ADP A O2A   1 
HETATM 727 O  O3A   . ADP D 3 .   ? -1.604  12.343  8.849   1.00 34.86 ? 200 ADP A O3A   1 
HETATM 728 O  "O5'" . ADP D 3 .   ? -1.874  10.732  6.587   1.00 32.10 ? 200 ADP A "O5'" 1 
HETATM 729 C  "C5'" . ADP D 3 .   ? -0.643  10.501  5.994   1.00 30.49 ? 200 ADP A "C5'" 1 
HETATM 730 C  "C4'" . ADP D 3 .   ? -0.741  11.155  4.646   1.00 29.57 ? 200 ADP A "C4'" 1 
HETATM 731 O  "O4'" . ADP D 3 .   ? -1.724  10.432  3.930   1.00 31.30 ? 200 ADP A "O4'" 1 
HETATM 732 C  "C3'" . ADP D 3 .   ? -1.232  12.595  4.572   1.00 27.56 ? 200 ADP A "C3'" 1 
HETATM 733 O  "O3'" . ADP D 3 .   ? -0.304  13.593  4.908   1.00 25.99 ? 200 ADP A "O3'" 1 
HETATM 734 C  "C2'" . ADP D 3 .   ? -1.661  12.617  3.131   1.00 28.27 ? 200 ADP A "C2'" 1 
HETATM 735 O  "O2'" . ADP D 3 .   ? -0.606  12.796  2.240   1.00 26.87 ? 200 ADP A "O2'" 1 
HETATM 736 C  "C1'" . ADP D 3 .   ? -2.267  11.240  2.894   1.00 28.95 ? 200 ADP A "C1'" 1 
HETATM 737 N  N9    . ADP D 3 .   ? -3.721  11.304  3.008   1.00 27.98 ? 200 ADP A N9    1 
HETATM 738 C  C8    . ADP D 3 .   ? -4.489  11.034  4.139   1.00 30.75 ? 200 ADP A C8    1 
HETATM 739 N  N7    . ADP D 3 .   ? -5.817  11.183  3.894   1.00 28.58 ? 200 ADP A N7    1 
HETATM 740 C  C5    . ADP D 3 .   ? -5.870  11.575  2.602   1.00 29.08 ? 200 ADP A C5    1 
HETATM 741 C  C6    . ADP D 3 .   ? -6.956  11.878  1.810   1.00 26.23 ? 200 ADP A C6    1 
HETATM 742 N  N6    . ADP D 3 .   ? -8.212  11.830  2.304   1.00 23.01 ? 200 ADP A N6    1 
HETATM 743 N  N1    . ADP D 3 .   ? -6.655  12.237  0.507   1.00 22.25 ? 200 ADP A N1    1 
HETATM 744 C  C2    . ADP D 3 .   ? -5.390  12.304  -0.013  1.00 25.54 ? 200 ADP A C2    1 
HETATM 745 N  N3    . ADP D 3 .   ? -4.292  12.008  0.763   1.00 28.76 ? 200 ADP A N3    1 
HETATM 746 C  C4    . ADP D 3 .   ? -4.553  11.652  2.046   1.00 28.50 ? 200 ADP A C4    1 
HETATM 747 O  O     . HOH E 4 .   ? -13.104 -1.244  -5.466  1.00 29.63 ? 303 HOH A O     1 
HETATM 748 O  O     . HOH E 4 .   ? 0.339   -15.025 -3.627  0.50 43.28 ? 304 HOH A O     1 
HETATM 749 O  O     . HOH E 4 .   ? 6.514   4.990   6.639   1.00 37.31 ? 305 HOH A O     1 
HETATM 750 O  O     . HOH E 4 .   ? 6.356   13.895  -5.703  1.00 18.49 ? 306 HOH A O     1 
HETATM 751 O  O     . HOH E 4 .   ? -9.331  -9.130  -9.783  1.00 40.95 ? 307 HOH A O     1 
HETATM 752 O  O     . HOH E 4 .   ? 11.840  11.740  -3.231  1.00 36.10 ? 308 HOH A O     1 
HETATM 753 O  O     . HOH E 4 .   ? 0.105   -4.766  -18.662 1.00 36.53 ? 309 HOH A O     1 
HETATM 754 O  O     . HOH E 4 .   ? 13.049  11.686  3.524   1.00 48.18 ? 310 HOH A O     1 
HETATM 755 O  O     . HOH E 4 .   ? 3.032   -6.675  -12.482 1.00 40.33 ? 311 HOH A O     1 
HETATM 756 O  O     . HOH E 4 .   ? 14.182  7.998   -2.233  1.00 53.05 ? 312 HOH A O     1 
HETATM 757 O  O     . HOH E 4 .   ? -14.335 1.006   -6.584  1.00 40.52 ? 313 HOH A O     1 
HETATM 758 O  O     . HOH E 4 .   ? 6.288   21.700  -1.063  1.00 45.55 ? 314 HOH A O     1 
HETATM 759 O  O     . HOH E 4 .   ? 6.384   -11.128 -5.318  1.00 58.21 ? 315 HOH A O     1 
HETATM 760 O  O     . HOH E 4 .   ? -13.378 2.090   -9.216  1.00 35.59 ? 316 HOH A O     1 
HETATM 761 O  O     . HOH E 4 .   ? 3.761   5.365   13.917  0.50 34.34 ? 317 HOH A O     1 
HETATM 762 O  O     . HOH E 4 .   ? -13.927 -6.757  -15.956 1.00 53.05 ? 318 HOH A O     1 
HETATM 763 O  O     . HOH E 4 .   ? -5.712  10.127  7.437   1.00 36.98 ? 319 HOH A O     1 
HETATM 764 O  O     . HOH E 4 .   ? -5.245  2.188   9.656   1.00 64.35 ? 320 HOH A O     1 
HETATM 765 O  O     . HOH E 4 .   ? -2.071  -6.730  -12.377 1.00 47.99 ? 321 HOH A O     1 
HETATM 766 O  O     . HOH E 4 .   ? 9.315   14.909  -1.661  1.00 28.19 ? 322 HOH A O     1 
HETATM 767 O  O     . HOH E 4 .   ? -11.707 -10.211 -16.737 1.00 46.42 ? 323 HOH A O     1 
HETATM 768 O  O     . HOH E 4 .   ? -12.644 -15.042 -4.260  1.00 51.67 ? 324 HOH A O     1 
HETATM 769 O  O     . HOH E 4 .   ? 10.169  13.158  4.772   1.00 49.96 ? 325 HOH A O     1 
HETATM 770 O  O     . HOH E 4 .   ? 14.572  8.794   -4.837  1.00 42.39 ? 326 HOH A O     1 
HETATM 771 O  O     . HOH E 4 .   ? -12.567 -3.146  -14.311 1.00 50.07 ? 327 HOH A O     1 
HETATM 772 O  O     . HOH E 4 .   ? 6.127   11.338  -7.253  0.33 24.96 ? 328 HOH A O     1 
HETATM 773 O  O     . HOH E 4 .   ? 10.008  11.437  -5.479  1.00 40.79 ? 329 HOH A O     1 
HETATM 774 O  O     . HOH E 4 .   ? 8.148   18.935  -0.040  1.00 38.33 ? 330 HOH A O     1 
HETATM 775 O  O     . HOH E 4 .   ? -12.758 4.147   -10.472 0.33 23.39 ? 331 HOH A O     1 
HETATM 776 O  O     . HOH E 4 .   ? 8.192   -10.938 -6.958  1.00 60.37 ? 332 HOH A O     1 
HETATM 777 O  O     . HOH E 4 .   ? 6.249   -10.075 -8.144  1.00 50.35 ? 333 HOH A O     1 
HETATM 778 O  O     . HOH E 4 .   ? 4.812   -1.241  16.276  1.00 50.90 ? 334 HOH A O     1 
HETATM 779 O  O     . HOH E 4 .   ? 2.414   -1.743  14.756  1.00 69.16 ? 335 HOH A O     1 
HETATM 780 O  O     . HOH E 4 .   ? 2.618   13.094  5.302   1.00 48.86 ? 336 HOH A O     1 
HETATM 781 O  O     . HOH E 4 .   ? -0.513  16.905  8.328   1.00 52.56 ? 337 HOH A O     1 
HETATM 782 O  O     . HOH E 4 .   ? 2.670   0.091   12.600  1.00 54.09 ? 338 HOH A O     1 
HETATM 783 O  O     . HOH E 4 .   ? 1.345   9.906   9.440   1.00 58.26 ? 339 HOH A O     1 
HETATM 784 O  O     . HOH E 4 .   ? 3.601   17.695  4.515   1.00 47.58 ? 340 HOH A O     1 
HETATM 785 O  O     . HOH E 4 .   ? -7.813  5.648   -9.172  0.33 21.54 ? 341 HOH A O     1 
# 
